data_8V8C
#
_entry.id   8V8C
#
_cell.length_a   1.00
_cell.length_b   1.00
_cell.length_c   1.00
_cell.angle_alpha   90.00
_cell.angle_beta   90.00
_cell.angle_gamma   90.00
#
_symmetry.space_group_name_H-M   'P 1'
#
loop_
_entity.id
_entity.type
_entity.pdbx_description
1 polymer 'Neuronal acetylcholine receptor subunit alpha-7,Soluble cytochrome b562'
2 branched 2-acetamido-2-deoxy-beta-D-glucopyranose-(1-4)-2-acetamido-2-deoxy-beta-D-glucopyranose
3 non-polymer 2-acetamido-2-deoxy-beta-D-glucopyranose
4 non-polymer EPIBATIDINE
5 non-polymer "N-(5-Chloro-2,4-dimethoxyphenyl)-N'-(5-methyl-3-isoxazolyl)-urea"
6 non-polymer 'CALCIUM ION'
#
_entity_poly.entity_id   1
_entity_poly.type   'polypeptide(L)'
_entity_poly.pdbx_seq_one_letter_code
;EFQRKLYKELVKNYNPLERPVANDSQPLTVYFSLSLLQIMDVDEKNQVLTTNIWLQMSWTDHYLQWNVSEYPGVKTVRFP
DGQIWKPDILLYNSADERFDATFHTNVLVNSSGHCQYLPPGIFKSSCYIDVRWFPFDVQHCKLKFGSWSYGGWSLDLQMQ
EADISGYIPNGEWDLVGIPGKRSERFYECCKEPYPDVTFTVTMRRRTLYYGLNLLIPCVLISALALLVFLLPADSGEKIS
LGITVLLSLTVFMLLVAEIMPATSDSVPLIAQYFASTMIIVGLSVVVTVIVLQYHHHDPDGGKMPKWTRVILLNWCAWFL
RMKRPGEDKVRPACQHKQRRCSLACGRMACAGAMADLEDNWETLNDNLKVIEKADNAAQVKDALTKMRAAALDAQKATPP
KLEDKSPDSPEMKDFRHGFDILVGQIDDALKLANEGKVKEAQAAAEQLKTTRNAYIQKYLSPTHDEHLLHGGQPPEGDPD
LAKILEEVRYIANRFRCQDESEAVCSEWKFAACVVDRLCLMAFSVFTIICTIGILMSAPNFVEAVSKDFAWSHPQFEKGG
GSGGGSGGSSAWSHPQFEKGSGEGRGSLLTCGDVEENPG
;
_entity_poly.pdbx_strand_id   A,B,C,D,E
#
loop_
_chem_comp.id
_chem_comp.type
_chem_comp.name
_chem_comp.formula
CA non-polymer 'CALCIUM ION' 'Ca 2'
EPJ non-polymer EPIBATIDINE 'C11 H13 Cl N2'
I34 non-polymer N-(5-Chloro-2,4-dimethoxyphenyl)-N'-(5-methyl-3-isoxazolyl)-urea 'C13 H14 Cl N3 O4'
NAG D-saccharide, beta linking 2-acetamido-2-deoxy-beta-D-glucopyranose 'C8 H15 N O6'
#
# COMPACT_ATOMS: atom_id res chain seq x y z
N GLU A 1 14.15 27.04 -46.07
CA GLU A 1 13.76 27.26 -47.49
C GLU A 1 13.46 25.96 -48.20
N PHE A 2 14.50 25.13 -48.35
CA PHE A 2 14.32 23.84 -49.00
C PHE A 2 13.56 22.90 -48.09
N GLN A 3 13.65 23.10 -46.78
CA GLN A 3 12.80 22.35 -45.86
C GLN A 3 11.33 22.62 -46.13
N ARG A 4 10.96 23.90 -46.35
CA ARG A 4 9.54 24.22 -46.53
C ARG A 4 9.03 23.60 -47.80
N LYS A 5 9.87 23.57 -48.83
CA LYS A 5 9.45 22.98 -50.09
C LYS A 5 9.35 21.47 -49.96
N LEU A 6 10.34 20.84 -49.33
CA LEU A 6 10.28 19.38 -49.22
C LEU A 6 9.12 18.94 -48.34
N TYR A 7 8.90 19.63 -47.23
CA TYR A 7 7.81 19.24 -46.35
C TYR A 7 6.46 19.47 -46.99
N LYS A 8 6.34 20.48 -47.85
CA LYS A 8 5.08 20.67 -48.57
C LYS A 8 4.92 19.62 -49.68
N GLU A 9 6.00 19.30 -50.38
CA GLU A 9 5.94 18.33 -51.46
C GLU A 9 5.61 16.94 -50.93
N LEU A 10 6.22 16.54 -49.81
CA LEU A 10 6.13 15.18 -49.35
C LEU A 10 4.75 14.83 -48.83
N VAL A 11 3.90 15.83 -48.59
CA VAL A 11 2.58 15.61 -48.01
C VAL A 11 1.47 15.78 -49.03
N LYS A 12 1.77 16.21 -50.25
CA LYS A 12 0.74 16.27 -51.29
C LYS A 12 0.26 14.88 -51.61
N ASN A 13 -1.05 14.69 -51.45
CA ASN A 13 -1.69 13.44 -51.80
C ASN A 13 -1.12 12.30 -50.97
N TYR A 14 -0.66 12.59 -49.76
CA TYR A 14 -0.16 11.56 -48.87
C TYR A 14 -1.32 11.17 -47.96
N ASN A 15 -1.58 9.88 -47.88
CA ASN A 15 -2.60 9.33 -47.02
C ASN A 15 -1.94 8.42 -46.01
N PRO A 16 -1.92 8.74 -44.71
CA PRO A 16 -1.26 7.84 -43.75
C PRO A 16 -1.86 6.45 -43.66
N LEU A 17 -3.06 6.22 -44.19
CA LEU A 17 -3.70 4.94 -44.10
C LEU A 17 -3.25 3.98 -45.20
N GLU A 18 -2.31 4.40 -46.03
CA GLU A 18 -1.85 3.65 -47.18
C GLU A 18 -0.49 3.06 -46.87
N ARG A 19 -0.43 1.74 -46.71
CA ARG A 19 0.84 1.05 -46.56
C ARG A 19 1.75 1.52 -47.69
N PRO A 20 2.97 1.97 -47.41
CA PRO A 20 3.74 2.62 -48.50
C PRO A 20 4.60 1.70 -49.35
N VAL A 21 3.94 0.94 -50.21
CA VAL A 21 4.58 0.05 -51.18
C VAL A 21 4.25 0.53 -52.58
N ALA A 22 5.18 0.31 -53.50
CA ALA A 22 4.95 0.68 -54.90
C ALA A 22 3.94 -0.26 -55.56
N ASN A 23 4.13 -1.56 -55.38
CA ASN A 23 3.24 -2.59 -55.86
C ASN A 23 2.41 -3.06 -54.69
N ASP A 24 1.09 -3.10 -54.87
CA ASP A 24 0.22 -3.42 -53.74
C ASP A 24 0.27 -4.89 -53.37
N SER A 25 0.63 -5.76 -54.31
CA SER A 25 0.67 -7.19 -54.03
C SER A 25 1.83 -7.56 -53.12
N GLN A 26 3.05 -7.02 -53.36
CA GLN A 26 4.17 -7.52 -52.57
C GLN A 26 4.14 -6.98 -51.14
N PRO A 27 4.72 -7.69 -50.19
CA PRO A 27 4.65 -7.25 -48.80
C PRO A 27 5.66 -6.16 -48.52
N LEU A 28 5.46 -5.50 -47.38
CA LEU A 28 6.35 -4.44 -46.93
C LEU A 28 7.28 -5.02 -45.87
N THR A 29 8.57 -5.04 -46.15
CA THR A 29 9.53 -5.56 -45.21
C THR A 29 9.74 -4.52 -44.12
N VAL A 30 9.42 -4.88 -42.88
CA VAL A 30 9.64 -4.02 -41.73
C VAL A 30 10.57 -4.78 -40.80
N TYR A 31 11.72 -4.18 -40.52
CA TYR A 31 12.70 -4.77 -39.63
C TYR A 31 12.40 -4.30 -38.21
N PHE A 32 12.20 -5.25 -37.31
CA PHE A 32 11.87 -5.00 -35.93
C PHE A 32 12.97 -5.52 -35.03
N SER A 33 13.34 -4.73 -34.04
CA SER A 33 14.22 -5.18 -32.97
C SER A 33 13.93 -4.31 -31.77
N LEU A 34 14.71 -4.51 -30.71
CA LEU A 34 14.53 -3.68 -29.54
C LEU A 34 15.86 -3.50 -28.83
N SER A 35 15.94 -2.40 -28.08
CA SER A 35 17.04 -2.13 -27.18
C SER A 35 16.51 -2.24 -25.76
N LEU A 36 17.13 -3.09 -24.96
CA LEU A 36 16.69 -3.35 -23.60
C LEU A 36 17.53 -2.45 -22.69
N LEU A 37 16.93 -1.37 -22.22
CA LEU A 37 17.67 -0.39 -21.43
C LEU A 37 17.66 -0.69 -19.94
N GLN A 38 16.69 -1.43 -19.42
CA GLN A 38 16.69 -1.76 -18.00
C GLN A 38 15.57 -2.75 -17.72
N ILE A 39 15.75 -3.56 -16.68
CA ILE A 39 14.71 -4.43 -16.15
C ILE A 39 14.21 -3.78 -14.87
N MET A 40 13.19 -2.92 -14.97
CA MET A 40 12.78 -2.18 -13.78
C MET A 40 12.22 -3.11 -12.72
N ASP A 41 11.27 -3.97 -13.10
CA ASP A 41 10.61 -4.78 -12.10
C ASP A 41 10.25 -6.12 -12.69
N VAL A 42 10.25 -7.12 -11.82
CA VAL A 42 9.69 -8.42 -12.12
C VAL A 42 8.68 -8.62 -10.99
N ASP A 43 7.46 -8.14 -11.22
CA ASP A 43 6.41 -8.22 -10.23
C ASP A 43 5.98 -9.66 -10.22
N GLU A 44 6.55 -10.44 -9.31
CA GLU A 44 6.29 -11.87 -9.33
C GLU A 44 4.87 -12.12 -8.92
N LYS A 45 4.33 -11.36 -7.99
CA LYS A 45 2.97 -11.60 -7.47
C LYS A 45 1.96 -11.39 -8.51
N ASN A 46 2.19 -10.42 -9.35
CA ASN A 46 1.27 -10.18 -10.45
C ASN A 46 1.66 -10.87 -11.75
N GLN A 47 2.81 -11.56 -11.79
CA GLN A 47 3.29 -12.21 -13.01
C GLN A 47 3.42 -11.19 -14.13
N VAL A 48 4.11 -10.08 -13.83
CA VAL A 48 4.30 -9.00 -14.79
C VAL A 48 5.77 -8.64 -14.82
N LEU A 49 6.25 -8.25 -16.00
CA LEU A 49 7.62 -7.78 -16.19
C LEU A 49 7.54 -6.34 -16.70
N THR A 50 8.18 -5.43 -15.98
CA THR A 50 8.25 -4.02 -16.35
C THR A 50 9.66 -3.71 -16.82
N THR A 51 9.78 -3.23 -18.06
CA THR A 51 11.05 -2.98 -18.70
C THR A 51 11.10 -1.65 -19.42
N ASN A 52 12.30 -1.08 -19.49
CA ASN A 52 12.60 0.03 -20.36
C ASN A 52 13.01 -0.54 -21.72
N ILE A 53 12.24 -0.27 -22.76
CA ILE A 53 12.55 -0.79 -24.09
C ILE A 53 12.47 0.35 -25.09
N TRP A 54 13.48 0.45 -25.95
CA TRP A 54 13.42 1.29 -27.15
C TRP A 54 13.23 0.36 -28.34
N LEU A 55 11.98 0.23 -28.77
CA LEU A 55 11.69 -0.53 -29.98
C LEU A 55 12.37 0.14 -31.16
N GLN A 56 12.78 -0.67 -32.13
CA GLN A 56 13.51 -0.20 -33.30
C GLN A 56 12.81 -0.75 -34.53
N MET A 57 12.10 0.11 -35.25
CA MET A 57 11.38 -0.27 -36.47
C MET A 57 11.92 0.49 -37.66
N SER A 58 12.36 -0.24 -38.69
CA SER A 58 12.87 0.34 -39.91
C SER A 58 12.08 -0.18 -41.09
N TRP A 59 11.77 0.70 -42.04
CA TRP A 59 11.10 0.27 -43.26
C TRP A 59 11.40 1.29 -44.35
N THR A 60 10.78 1.10 -45.51
CA THR A 60 10.97 2.00 -46.65
C THR A 60 9.63 2.49 -47.13
N ASP A 61 9.53 3.82 -47.33
CA ASP A 61 8.31 4.50 -47.76
C ASP A 61 8.55 4.99 -49.17
N HIS A 62 7.81 4.43 -50.12
CA HIS A 62 8.01 4.77 -51.52
C HIS A 62 7.78 6.25 -51.77
N TYR A 63 6.75 6.82 -51.17
CA TYR A 63 6.33 8.18 -51.48
C TYR A 63 7.23 9.24 -50.86
N LEU A 64 7.87 8.95 -49.73
CA LEU A 64 8.66 9.94 -49.02
C LEU A 64 10.13 9.83 -49.44
N GLN A 65 10.40 10.26 -50.68
CA GLN A 65 11.74 10.23 -51.26
C GLN A 65 11.97 11.50 -52.07
N TRP A 66 13.25 11.85 -52.24
CA TRP A 66 13.59 13.10 -52.93
C TRP A 66 15.03 13.02 -53.44
N ASN A 67 15.45 14.12 -54.06
CA ASN A 67 16.78 14.36 -54.61
C ASN A 67 17.49 15.37 -53.74
N VAL A 68 18.56 14.94 -53.07
CA VAL A 68 19.18 15.86 -52.13
C VAL A 68 19.83 16.99 -52.93
N SER A 69 20.10 16.76 -54.22
CA SER A 69 20.63 17.79 -55.09
C SER A 69 19.63 18.92 -55.31
N GLU A 70 18.33 18.66 -55.15
CA GLU A 70 17.31 19.69 -55.32
C GLU A 70 16.87 20.29 -54.00
N TYR A 71 17.28 19.74 -52.90
CA TYR A 71 17.02 20.28 -51.56
C TYR A 71 18.32 20.25 -50.79
N PRO A 72 19.29 21.08 -51.17
CA PRO A 72 20.63 20.98 -50.59
C PRO A 72 20.62 21.16 -49.08
N GLY A 73 21.35 20.28 -48.40
CA GLY A 73 21.44 20.31 -46.97
C GLY A 73 20.31 19.60 -46.26
N VAL A 74 19.26 19.25 -46.97
CA VAL A 74 18.09 18.59 -46.39
C VAL A 74 18.29 17.10 -46.66
N LYS A 75 18.93 16.41 -45.71
CA LYS A 75 19.19 14.99 -45.83
C LYS A 75 18.25 14.12 -45.01
N THR A 76 17.43 14.72 -44.15
CA THR A 76 16.43 13.95 -43.41
C THR A 76 15.22 14.85 -43.13
N VAL A 77 14.09 14.19 -42.91
CA VAL A 77 12.86 14.84 -42.47
C VAL A 77 12.31 14.02 -41.31
N ARG A 78 11.46 14.65 -40.52
CA ARG A 78 10.84 14.02 -39.36
C ARG A 78 9.34 14.29 -39.37
N PHE A 79 8.56 13.24 -39.07
CA PHE A 79 7.10 13.35 -39.07
C PHE A 79 6.51 12.86 -37.74
N PRO A 80 5.51 13.54 -37.19
CA PRO A 80 4.92 13.14 -35.92
C PRO A 80 3.73 12.20 -36.13
N ASP A 81 3.34 11.55 -35.03
CA ASP A 81 2.23 10.60 -35.09
C ASP A 81 1.00 11.27 -35.67
N GLY A 82 0.45 10.67 -36.72
CA GLY A 82 -0.74 11.15 -37.37
C GLY A 82 -0.55 11.51 -38.83
N GLN A 83 0.69 11.73 -39.27
CA GLN A 83 0.97 12.21 -40.63
C GLN A 83 1.86 11.29 -41.42
N ILE A 84 2.08 10.06 -40.98
CA ILE A 84 2.89 9.11 -41.73
C ILE A 84 2.43 7.72 -41.35
N TRP A 85 2.30 6.85 -42.36
CA TRP A 85 1.98 5.46 -42.09
C TRP A 85 2.99 4.90 -41.09
N LYS A 86 2.52 4.02 -40.23
CA LYS A 86 3.40 3.36 -39.28
C LYS A 86 2.95 1.92 -39.11
N PRO A 87 3.88 0.98 -38.87
CA PRO A 87 3.46 -0.38 -38.54
C PRO A 87 2.78 -0.40 -37.19
N ASP A 88 1.59 -0.99 -37.14
CA ASP A 88 0.87 -1.11 -35.89
C ASP A 88 1.39 -2.27 -35.05
N ILE A 89 2.70 -2.29 -34.80
CA ILE A 89 3.36 -3.35 -34.06
C ILE A 89 3.09 -3.14 -32.58
N LEU A 90 2.30 -4.02 -31.99
CA LEU A 90 1.95 -4.02 -30.58
C LEU A 90 2.59 -5.20 -29.90
N LEU A 91 2.57 -5.17 -28.57
CA LEU A 91 3.03 -6.29 -27.74
C LEU A 91 1.77 -7.04 -27.37
N TYR A 92 1.63 -8.24 -27.90
CA TYR A 92 0.39 -8.99 -27.71
C TYR A 92 0.16 -9.28 -26.23
N ASN A 93 1.19 -9.79 -25.56
CA ASN A 93 1.11 -10.17 -24.16
C ASN A 93 1.43 -8.97 -23.27
N SER A 94 0.54 -7.98 -23.28
CA SER A 94 0.79 -6.75 -22.55
C SER A 94 -0.13 -6.66 -21.35
N ALA A 95 0.46 -6.43 -20.18
CA ALA A 95 -0.28 -6.31 -18.94
C ALA A 95 -0.63 -4.88 -18.58
N ASP A 96 -0.09 -3.89 -19.29
CA ASP A 96 -0.40 -2.50 -19.00
C ASP A 96 -1.88 -2.23 -19.17
N GLU A 97 -2.42 -1.35 -18.33
CA GLU A 97 -3.82 -0.97 -18.40
C GLU A 97 -4.22 -0.37 -19.75
N ARG A 98 -3.26 0.19 -20.49
CA ARG A 98 -3.53 0.88 -21.75
C ARG A 98 -3.37 -0.01 -22.97
N PHE A 99 -2.49 -1.01 -22.88
CA PHE A 99 -2.16 -2.01 -23.88
C PHE A 99 -1.09 -1.51 -24.84
N ASP A 100 -0.76 -0.23 -24.85
CA ASP A 100 0.32 0.26 -25.70
C ASP A 100 1.10 1.30 -24.91
N ALA A 101 2.09 0.81 -24.16
CA ALA A 101 2.89 1.68 -23.32
C ALA A 101 3.91 2.46 -24.11
N THR A 102 3.99 2.22 -25.41
CA THR A 102 4.89 2.92 -26.30
C THR A 102 4.61 4.41 -26.23
N PHE A 103 5.66 5.21 -26.24
CA PHE A 103 5.54 6.67 -26.30
C PHE A 103 5.80 7.05 -27.75
N HIS A 104 4.82 7.70 -28.35
CA HIS A 104 4.87 8.00 -29.77
C HIS A 104 5.78 9.18 -30.03
N THR A 105 6.80 8.96 -30.88
CA THR A 105 7.78 9.98 -31.21
C THR A 105 7.83 10.12 -32.71
N ASN A 106 8.82 10.85 -33.21
CA ASN A 106 8.89 11.16 -34.62
C ASN A 106 9.40 9.95 -35.41
N VAL A 107 9.07 9.92 -36.68
CA VAL A 107 9.64 9.00 -37.65
C VAL A 107 10.62 9.80 -38.48
N LEU A 108 11.86 9.33 -38.55
CA LEU A 108 12.93 10.01 -39.25
C LEU A 108 13.14 9.31 -40.58
N VAL A 109 13.00 10.04 -41.68
CA VAL A 109 13.08 9.49 -43.02
C VAL A 109 14.28 10.13 -43.69
N ASN A 110 15.17 9.33 -44.26
CA ASN A 110 16.23 9.88 -45.09
C ASN A 110 15.83 9.79 -46.57
N SER A 111 16.63 10.44 -47.42
CA SER A 111 16.20 10.75 -48.78
C SER A 111 15.85 9.54 -49.65
N SER A 112 16.35 8.35 -49.32
CA SER A 112 15.99 7.15 -50.06
C SER A 112 14.65 6.55 -49.63
N GLY A 113 13.91 7.23 -48.77
CA GLY A 113 12.64 6.78 -48.30
C GLY A 113 12.72 5.92 -47.06
N HIS A 114 13.92 5.61 -46.60
CA HIS A 114 14.05 4.72 -45.47
C HIS A 114 13.65 5.45 -44.20
N CYS A 115 12.61 4.92 -43.56
CA CYS A 115 11.99 5.48 -42.37
C CYS A 115 12.45 4.67 -41.16
N GLN A 116 12.77 5.38 -40.10
CA GLN A 116 13.29 4.80 -38.87
C GLN A 116 12.48 5.36 -37.73
N TYR A 117 11.99 4.49 -36.86
CA TYR A 117 11.03 4.86 -35.83
C TYR A 117 11.43 4.12 -34.56
N LEU A 118 11.85 4.87 -33.54
CA LEU A 118 12.36 4.31 -32.29
C LEU A 118 11.57 4.89 -31.13
N PRO A 119 10.41 4.33 -30.82
CA PRO A 119 9.61 4.86 -29.75
C PRO A 119 10.01 4.26 -28.41
N PRO A 120 10.33 5.07 -27.40
CA PRO A 120 10.65 4.51 -26.08
C PRO A 120 9.42 4.13 -25.29
N GLY A 121 9.60 3.22 -24.35
CA GLY A 121 8.45 2.79 -23.58
C GLY A 121 8.73 2.01 -22.33
N ILE A 122 7.77 2.11 -21.41
CA ILE A 122 7.77 1.36 -20.16
C ILE A 122 6.81 0.20 -20.40
N PHE A 123 7.33 -0.93 -20.84
CA PHE A 123 6.47 -2.04 -21.25
C PHE A 123 6.24 -2.99 -20.09
N LYS A 124 4.98 -3.24 -19.80
CA LYS A 124 4.57 -4.26 -18.84
C LYS A 124 4.03 -5.43 -19.63
N SER A 125 4.64 -6.59 -19.45
CA SER A 125 4.28 -7.79 -20.18
C SER A 125 3.81 -8.86 -19.21
N SER A 126 2.75 -9.56 -19.59
CA SER A 126 2.22 -10.64 -18.78
C SER A 126 3.15 -11.83 -18.92
N CYS A 127 4.07 -11.97 -17.97
CA CYS A 127 5.07 -13.02 -17.99
C CYS A 127 4.74 -14.09 -16.97
N TYR A 128 4.86 -15.35 -17.37
CA TYR A 128 4.73 -16.43 -16.42
C TYR A 128 6.05 -16.53 -15.69
N ILE A 129 6.01 -16.65 -14.37
CA ILE A 129 7.21 -16.64 -13.56
C ILE A 129 7.31 -18.03 -12.95
N ASP A 130 8.48 -18.67 -13.16
CA ASP A 130 8.70 -20.04 -12.70
C ASP A 130 9.30 -19.94 -11.35
N VAL A 131 8.52 -20.19 -10.33
CA VAL A 131 8.98 -19.94 -8.97
C VAL A 131 9.45 -21.18 -8.26
N ARG A 132 9.42 -22.35 -8.91
CA ARG A 132 9.82 -23.59 -8.24
C ARG A 132 11.20 -23.51 -7.64
N TRP A 133 12.11 -22.76 -8.26
CA TRP A 133 13.50 -22.72 -7.81
C TRP A 133 13.85 -21.43 -7.07
N PHE A 134 12.86 -20.60 -6.75
CA PHE A 134 13.17 -19.32 -6.13
C PHE A 134 13.86 -19.56 -4.78
N PRO A 135 14.90 -18.78 -4.44
CA PRO A 135 15.48 -17.63 -5.13
C PRO A 135 16.46 -17.98 -6.25
N PHE A 136 16.71 -19.24 -6.59
CA PHE A 136 17.64 -19.59 -7.65
C PHE A 136 16.81 -19.92 -8.89
N ASP A 137 16.35 -18.87 -9.57
CA ASP A 137 15.49 -19.03 -10.74
C ASP A 137 16.16 -18.45 -11.98
N VAL A 138 15.62 -18.81 -13.14
CA VAL A 138 16.06 -18.25 -14.41
C VAL A 138 14.85 -17.88 -15.26
N GLN A 139 14.22 -16.75 -15.00
CA GLN A 139 12.96 -16.44 -15.65
C GLN A 139 13.15 -16.24 -17.15
N HIS A 140 12.36 -16.95 -17.95
CA HIS A 140 12.33 -16.78 -19.40
C HIS A 140 11.06 -16.01 -19.72
N CYS A 141 11.13 -14.69 -19.63
CA CYS A 141 9.96 -13.84 -19.85
C CYS A 141 9.90 -13.46 -21.32
N LYS A 142 8.76 -13.70 -21.95
CA LYS A 142 8.59 -13.49 -23.37
C LYS A 142 7.96 -12.13 -23.65
N LEU A 143 8.52 -11.43 -24.64
CA LEU A 143 7.94 -10.21 -25.19
C LEU A 143 7.58 -10.54 -26.63
N LYS A 144 6.29 -10.62 -26.92
CA LYS A 144 5.80 -11.06 -28.22
C LYS A 144 5.26 -9.83 -28.93
N PHE A 145 5.95 -9.40 -29.99
CA PHE A 145 5.58 -8.22 -30.74
C PHE A 145 5.13 -8.62 -32.13
N GLY A 146 4.16 -7.89 -32.65
CA GLY A 146 3.71 -8.14 -34.00
C GLY A 146 2.67 -7.12 -34.39
N SER A 147 2.44 -7.03 -35.69
CA SER A 147 1.40 -6.17 -36.20
C SER A 147 0.05 -6.70 -35.79
N TRP A 148 -0.84 -5.80 -35.39
CA TRP A 148 -2.15 -6.22 -34.93
C TRP A 148 -3.07 -6.57 -36.09
N SER A 149 -2.97 -5.86 -37.22
CA SER A 149 -3.96 -5.98 -38.29
C SER A 149 -3.33 -6.10 -39.68
N TYR A 150 -2.08 -6.54 -39.78
CA TYR A 150 -1.47 -6.86 -41.06
C TYR A 150 -0.89 -8.27 -41.01
N GLY A 151 -1.30 -9.09 -41.96
CA GLY A 151 -0.80 -10.45 -42.05
C GLY A 151 0.41 -10.56 -42.93
N GLY A 152 1.02 -11.74 -42.91
CA GLY A 152 2.27 -11.97 -43.62
C GLY A 152 2.19 -11.63 -45.08
N TRP A 153 1.02 -11.79 -45.70
CA TRP A 153 0.88 -11.48 -47.11
C TRP A 153 1.02 -9.99 -47.40
N SER A 154 0.91 -9.14 -46.38
CA SER A 154 0.92 -7.69 -46.52
C SER A 154 2.10 -7.02 -45.85
N LEU A 155 2.43 -7.43 -44.63
CA LEU A 155 3.54 -6.86 -43.87
C LEU A 155 4.50 -8.00 -43.52
N ASP A 156 5.66 -8.01 -44.14
CA ASP A 156 6.64 -9.09 -43.96
C ASP A 156 7.57 -8.71 -42.82
N LEU A 157 7.15 -9.03 -41.59
CA LEU A 157 7.97 -8.73 -40.44
C LEU A 157 9.26 -9.53 -40.47
N GLN A 158 10.37 -8.88 -40.12
CA GLN A 158 11.68 -9.49 -40.04
C GLN A 158 12.37 -8.91 -38.82
N MET A 159 13.22 -9.71 -38.19
CA MET A 159 13.83 -9.35 -36.92
C MET A 159 15.35 -9.32 -36.91
N GLN A 160 15.89 -8.20 -36.48
CA GLN A 160 17.31 -8.04 -36.24
C GLN A 160 17.53 -8.29 -34.76
N GLU A 161 18.75 -8.62 -34.38
CA GLU A 161 18.93 -9.06 -33.00
C GLU A 161 18.81 -7.87 -32.05
N ALA A 162 18.46 -8.18 -30.81
CA ALA A 162 18.24 -7.17 -29.79
C ALA A 162 19.54 -6.51 -29.35
N ASP A 163 19.43 -5.26 -28.93
CA ASP A 163 20.57 -4.47 -28.47
C ASP A 163 20.59 -4.49 -26.95
N ILE A 164 21.79 -4.62 -26.39
CA ILE A 164 21.99 -4.57 -24.95
C ILE A 164 23.18 -3.68 -24.62
N SER A 165 23.68 -2.93 -25.61
CA SER A 165 24.84 -2.08 -25.38
C SER A 165 24.55 -1.05 -24.31
N GLY A 166 23.38 -0.43 -24.36
CA GLY A 166 22.97 0.51 -23.34
C GLY A 166 22.32 -0.11 -22.12
N TYR A 167 22.24 -1.44 -22.05
CA TYR A 167 21.57 -2.09 -20.93
C TYR A 167 22.28 -1.73 -19.65
N ILE A 168 21.51 -1.36 -18.63
CA ILE A 168 22.09 -1.00 -17.34
C ILE A 168 21.97 -2.20 -16.40
N PRO A 169 22.95 -2.46 -15.53
CA PRO A 169 22.79 -3.55 -14.56
C PRO A 169 21.60 -3.29 -13.64
N ASN A 170 20.99 -4.35 -13.16
CA ASN A 170 19.82 -4.26 -12.30
C ASN A 170 20.17 -4.37 -10.82
N GLY A 171 20.97 -5.35 -10.44
CA GLY A 171 21.32 -5.60 -9.07
C GLY A 171 20.56 -6.76 -8.46
N GLU A 172 19.41 -7.10 -9.05
CA GLU A 172 18.67 -8.29 -8.71
C GLU A 172 18.62 -9.31 -9.81
N TRP A 173 18.86 -8.91 -11.06
CA TRP A 173 18.73 -9.80 -12.20
C TRP A 173 19.93 -9.64 -13.10
N ASP A 174 20.54 -10.74 -13.48
CA ASP A 174 21.61 -10.79 -14.48
C ASP A 174 20.98 -11.11 -15.82
N LEU A 175 21.09 -10.19 -16.77
CA LEU A 175 20.57 -10.49 -18.09
C LEU A 175 21.38 -11.64 -18.69
N VAL A 176 20.79 -12.84 -18.71
CA VAL A 176 21.49 -13.98 -19.29
C VAL A 176 21.48 -13.92 -20.80
N GLY A 177 20.68 -13.03 -21.38
CA GLY A 177 20.52 -12.94 -22.81
C GLY A 177 19.11 -12.55 -23.14
N ILE A 178 18.93 -12.21 -24.41
CA ILE A 178 17.63 -11.82 -24.94
C ILE A 178 17.49 -12.35 -26.36
N PRO A 179 17.50 -13.66 -26.57
CA PRO A 179 17.45 -14.17 -27.93
C PRO A 179 16.08 -13.86 -28.49
N GLY A 180 15.96 -13.98 -29.81
CA GLY A 180 14.72 -13.67 -30.47
C GLY A 180 14.45 -14.67 -31.58
N LYS A 181 13.19 -14.68 -32.02
CA LYS A 181 12.81 -15.65 -33.03
C LYS A 181 11.56 -15.19 -33.75
N ARG A 182 11.53 -15.43 -35.05
CA ARG A 182 10.42 -15.09 -35.91
C ARG A 182 9.52 -16.31 -36.06
N SER A 183 8.21 -16.11 -35.92
CA SER A 183 7.24 -17.20 -35.92
C SER A 183 6.04 -16.78 -36.75
N GLU A 184 5.82 -17.47 -37.86
CA GLU A 184 4.65 -17.24 -38.71
C GLU A 184 3.55 -18.18 -38.21
N ARG A 185 2.67 -17.68 -37.34
CA ARG A 185 1.59 -18.48 -36.77
C ARG A 185 0.22 -18.14 -37.35
N PHE A 186 -0.66 -19.14 -37.36
CA PHE A 186 -2.04 -19.01 -37.78
C PHE A 186 -2.95 -18.77 -36.57
N TYR A 187 -3.98 -17.96 -36.75
CA TYR A 187 -4.97 -17.67 -35.72
C TYR A 187 -6.32 -18.24 -36.09
N GLU A 188 -7.10 -18.61 -35.06
CA GLU A 188 -8.45 -19.10 -35.27
C GLU A 188 -9.39 -18.03 -35.80
N CYS A 189 -9.07 -16.75 -35.63
CA CYS A 189 -9.94 -15.71 -36.16
C CYS A 189 -9.96 -15.74 -37.69
N CYS A 190 -8.80 -15.99 -38.30
CA CYS A 190 -8.53 -15.54 -39.64
C CYS A 190 -7.66 -16.56 -40.34
N LYS A 191 -7.69 -16.54 -41.67
CA LYS A 191 -6.96 -17.52 -42.47
C LYS A 191 -5.59 -17.03 -42.89
N GLU A 192 -5.40 -15.73 -43.06
CA GLU A 192 -4.10 -15.22 -43.46
C GLU A 192 -3.11 -15.38 -42.30
N PRO A 193 -1.97 -16.04 -42.49
CA PRO A 193 -1.06 -16.22 -41.36
C PRO A 193 -0.44 -14.91 -40.95
N TYR A 194 -0.11 -14.81 -39.66
CA TYR A 194 0.41 -13.59 -39.07
C TYR A 194 1.80 -13.86 -38.51
N PRO A 195 2.82 -13.07 -38.87
CA PRO A 195 4.13 -13.25 -38.24
C PRO A 195 4.28 -12.42 -36.98
N ASP A 196 5.12 -12.96 -36.10
CA ASP A 196 5.38 -12.36 -34.80
C ASP A 196 6.84 -12.58 -34.49
N VAL A 197 7.37 -11.71 -33.65
CA VAL A 197 8.73 -11.79 -33.16
C VAL A 197 8.70 -11.86 -31.65
N THR A 198 9.32 -12.89 -31.10
CA THR A 198 9.31 -13.13 -29.66
C THR A 198 10.73 -12.99 -29.16
N PHE A 199 10.93 -12.12 -28.19
CA PHE A 199 12.21 -11.94 -27.50
C PHE A 199 12.07 -12.55 -26.12
N THR A 200 12.86 -13.58 -25.84
CA THR A 200 12.76 -14.30 -24.57
C THR A 200 13.84 -13.78 -23.64
N VAL A 201 13.50 -12.74 -22.87
CA VAL A 201 14.46 -12.18 -21.93
C VAL A 201 14.74 -13.23 -20.86
N THR A 202 15.98 -13.68 -20.78
CA THR A 202 16.40 -14.67 -19.82
C THR A 202 17.11 -13.96 -18.67
N MET A 203 16.53 -14.03 -17.47
CA MET A 203 17.02 -13.28 -16.33
C MET A 203 17.40 -14.24 -15.21
N ARG A 204 18.64 -14.12 -14.73
CA ARG A 204 19.10 -14.87 -13.57
C ARG A 204 19.03 -13.97 -12.34
N ARG A 205 18.29 -14.41 -11.33
CA ARG A 205 18.20 -13.63 -10.11
C ARG A 205 19.53 -13.67 -9.35
N ARG A 206 20.04 -12.49 -8.98
CA ARG A 206 21.22 -12.42 -8.14
C ARG A 206 20.77 -12.76 -6.73
N THR A 207 21.17 -13.93 -6.25
CA THR A 207 20.67 -14.45 -4.99
C THR A 207 21.37 -13.90 -3.76
N LEU A 208 22.25 -12.85 -3.84
CA LEU A 208 22.95 -12.44 -2.62
C LEU A 208 21.99 -11.70 -1.70
N TYR A 209 21.16 -10.82 -2.28
CA TYR A 209 20.26 -9.99 -1.47
C TYR A 209 19.34 -10.88 -0.64
N TYR A 210 18.52 -11.65 -1.35
CA TYR A 210 17.58 -12.55 -0.70
C TYR A 210 18.31 -13.56 0.16
N GLY A 211 19.39 -14.16 -0.36
CA GLY A 211 20.12 -15.12 0.46
C GLY A 211 20.54 -14.58 1.82
N LEU A 212 20.92 -13.31 1.83
CA LEU A 212 21.37 -12.63 3.05
C LEU A 212 20.20 -12.21 3.92
N ASN A 213 19.07 -11.83 3.31
CA ASN A 213 17.90 -11.34 4.06
C ASN A 213 16.79 -12.35 4.29
N LEU A 214 16.89 -13.56 3.75
CA LEU A 214 15.89 -14.60 4.00
C LEU A 214 16.44 -15.98 4.33
N LEU A 215 17.43 -16.46 3.57
CA LEU A 215 17.89 -17.83 3.79
C LEU A 215 18.84 -17.90 4.96
N ILE A 216 19.96 -17.19 4.87
CA ILE A 216 20.96 -17.25 5.93
C ILE A 216 20.34 -16.86 7.27
N PRO A 217 19.56 -15.78 7.37
CA PRO A 217 19.01 -15.39 8.67
C PRO A 217 18.18 -16.48 9.31
N CYS A 218 17.43 -17.22 8.49
CA CYS A 218 16.58 -18.29 9.00
C CYS A 218 17.41 -19.41 9.63
N VAL A 219 18.48 -19.84 8.96
CA VAL A 219 19.33 -20.92 9.48
C VAL A 219 19.68 -20.65 10.93
N LEU A 220 20.10 -19.40 11.21
CA LEU A 220 20.59 -19.04 12.53
C LEU A 220 19.49 -19.01 13.57
N ILE A 221 18.26 -18.59 13.21
CA ILE A 221 17.17 -18.64 14.17
C ILE A 221 16.71 -20.08 14.37
N SER A 222 16.93 -20.95 13.38
CA SER A 222 16.62 -22.34 13.59
C SER A 222 17.64 -22.96 14.53
N ALA A 223 18.90 -22.50 14.44
CA ALA A 223 19.92 -22.98 15.36
C ALA A 223 19.60 -22.48 16.76
N LEU A 224 19.06 -21.26 16.83
CA LEU A 224 18.68 -20.70 18.12
C LEU A 224 17.61 -21.57 18.74
N ALA A 225 16.68 -22.06 17.92
CA ALA A 225 15.67 -22.98 18.40
C ALA A 225 16.29 -24.29 18.88
N LEU A 226 17.23 -24.84 18.11
CA LEU A 226 17.91 -26.05 18.54
C LEU A 226 18.62 -25.91 19.88
N LEU A 227 19.09 -24.70 20.22
CA LEU A 227 19.66 -24.50 21.56
C LEU A 227 18.73 -24.84 22.72
N VAL A 228 17.44 -25.09 22.49
CA VAL A 228 16.55 -25.52 23.57
C VAL A 228 17.12 -26.77 24.23
N PHE A 229 17.61 -27.70 23.41
CA PHE A 229 17.99 -29.03 23.91
C PHE A 229 19.02 -28.94 25.01
N LEU A 230 19.94 -27.99 24.93
CA LEU A 230 21.07 -27.92 25.85
C LEU A 230 20.84 -26.95 27.00
N LEU A 231 19.75 -26.18 26.97
CA LEU A 231 19.34 -25.49 28.17
C LEU A 231 19.14 -26.52 29.27
N PRO A 232 19.60 -26.26 30.49
CA PRO A 232 19.16 -27.11 31.60
C PRO A 232 17.65 -27.02 31.71
N ALA A 233 17.02 -28.16 31.94
CA ALA A 233 15.57 -28.17 31.99
C ALA A 233 15.04 -27.40 33.20
N ASP A 234 15.87 -27.17 34.22
CA ASP A 234 15.42 -26.42 35.40
C ASP A 234 15.26 -24.94 35.12
N SER A 235 15.86 -24.41 34.04
CA SER A 235 15.83 -22.98 33.77
C SER A 235 14.41 -22.43 33.80
N GLY A 236 13.49 -23.09 33.10
CA GLY A 236 12.10 -22.70 33.08
C GLY A 236 11.61 -22.03 31.81
N GLU A 237 12.41 -22.02 30.74
CA GLU A 237 12.02 -21.32 29.51
C GLU A 237 12.34 -22.12 28.26
N LYS A 238 12.28 -23.46 28.31
CA LYS A 238 12.59 -24.24 27.11
C LYS A 238 11.55 -23.99 26.02
N ILE A 239 10.28 -24.11 26.38
CA ILE A 239 9.25 -23.99 25.37
C ILE A 239 9.09 -22.52 25.00
N SER A 240 9.43 -21.63 25.93
CA SER A 240 9.42 -20.20 25.61
C SER A 240 10.34 -19.96 24.41
N LEU A 241 11.58 -20.43 24.51
CA LEU A 241 12.53 -20.24 23.42
C LEU A 241 11.95 -20.82 22.14
N GLY A 242 11.52 -22.09 22.20
CA GLY A 242 11.03 -22.76 21.00
C GLY A 242 9.90 -21.99 20.33
N ILE A 243 8.89 -21.62 21.10
CA ILE A 243 7.71 -20.99 20.54
C ILE A 243 8.06 -19.62 19.96
N THR A 244 8.88 -18.82 20.67
CA THR A 244 9.28 -17.53 20.14
C THR A 244 10.00 -17.66 18.79
N VAL A 245 10.99 -18.56 18.71
CA VAL A 245 11.72 -18.69 17.45
C VAL A 245 10.80 -19.20 16.35
N LEU A 246 9.81 -20.04 16.69
CA LEU A 246 8.98 -20.60 15.65
C LEU A 246 8.03 -19.52 15.11
N LEU A 247 7.56 -18.64 15.99
CA LEU A 247 6.76 -17.50 15.53
C LEU A 247 7.60 -16.61 14.62
N SER A 248 8.88 -16.38 14.98
CA SER A 248 9.71 -15.52 14.14
C SER A 248 9.86 -16.15 12.76
N LEU A 249 10.03 -17.47 12.72
CA LEU A 249 10.12 -18.14 11.44
C LEU A 249 8.85 -17.90 10.63
N THR A 250 7.72 -17.71 11.32
CA THR A 250 6.46 -17.38 10.63
C THR A 250 6.58 -15.98 10.08
N VAL A 251 7.17 -15.03 10.79
CA VAL A 251 7.45 -13.69 10.25
C VAL A 251 8.13 -13.81 8.88
N PHE A 252 9.22 -14.60 8.83
CA PHE A 252 9.90 -14.83 7.56
C PHE A 252 8.94 -15.36 6.50
N MET A 253 8.09 -16.32 6.87
CA MET A 253 7.24 -16.93 5.87
C MET A 253 6.23 -15.94 5.32
N LEU A 254 5.67 -15.09 6.19
CA LEU A 254 4.80 -14.03 5.72
C LEU A 254 5.51 -13.12 4.72
N LEU A 255 6.78 -12.79 4.97
CA LEU A 255 7.52 -11.97 4.00
C LEU A 255 7.58 -12.66 2.64
N VAL A 256 8.05 -13.91 2.64
CA VAL A 256 8.26 -14.59 1.36
C VAL A 256 6.93 -14.76 0.64
N ALA A 257 5.83 -14.89 1.39
CA ALA A 257 4.52 -14.93 0.74
C ALA A 257 4.11 -13.55 0.23
N GLU A 258 4.55 -12.47 0.88
CA GLU A 258 4.35 -11.14 0.30
C GLU A 258 5.03 -10.99 -1.05
N ILE A 259 6.05 -11.78 -1.36
CA ILE A 259 6.81 -11.60 -2.61
C ILE A 259 6.62 -12.72 -3.63
N MET A 260 5.89 -13.84 -3.29
CA MET A 260 5.75 -14.99 -4.19
C MET A 260 4.35 -15.08 -4.82
N PRO A 261 4.24 -15.38 -6.12
CA PRO A 261 2.93 -15.36 -6.75
C PRO A 261 2.00 -16.33 -6.14
N ALA A 262 0.72 -16.20 -6.44
CA ALA A 262 -0.33 -17.09 -5.96
C ALA A 262 -0.58 -18.08 -7.09
N THR A 263 0.23 -19.14 -7.11
CA THR A 263 0.23 -20.09 -8.22
C THR A 263 0.31 -21.50 -7.67
N SER A 264 -0.43 -22.44 -8.32
CA SER A 264 -0.45 -23.83 -7.90
C SER A 264 0.26 -24.74 -8.89
N ASP A 265 1.07 -24.17 -9.72
CA ASP A 265 1.77 -24.96 -10.69
C ASP A 265 2.97 -25.62 -10.04
N SER A 266 3.41 -25.17 -8.87
CA SER A 266 4.50 -25.78 -8.12
C SER A 266 4.60 -25.09 -6.76
N VAL A 267 5.53 -25.57 -5.95
CA VAL A 267 5.82 -25.03 -4.63
C VAL A 267 7.22 -24.42 -4.67
N PRO A 268 7.40 -23.13 -4.38
CA PRO A 268 8.75 -22.55 -4.43
C PRO A 268 9.72 -23.24 -3.49
N LEU A 269 10.97 -23.35 -3.94
CA LEU A 269 12.05 -23.94 -3.14
C LEU A 269 12.15 -23.25 -1.78
N ILE A 270 12.00 -21.93 -1.77
CA ILE A 270 12.07 -21.17 -0.52
C ILE A 270 10.97 -21.63 0.42
N ALA A 271 9.76 -21.84 -0.12
CA ALA A 271 8.66 -22.23 0.74
C ALA A 271 9.02 -23.55 1.40
N GLN A 272 9.48 -24.52 0.59
CA GLN A 272 9.83 -25.82 1.14
C GLN A 272 10.89 -25.69 2.22
N TYR A 273 11.79 -24.72 2.08
CA TYR A 273 12.80 -24.51 3.10
C TYR A 273 12.20 -24.02 4.40
N PHE A 274 11.36 -23.00 4.34
CA PHE A 274 10.77 -22.51 5.59
C PHE A 274 9.84 -23.55 6.18
N ALA A 275 9.02 -24.18 5.34
CA ALA A 275 8.15 -25.26 5.79
C ALA A 275 8.93 -26.34 6.53
N SER A 276 10.16 -26.63 6.08
CA SER A 276 10.90 -27.70 6.72
C SER A 276 11.65 -27.19 7.95
N THR A 277 12.02 -25.92 7.96
CA THR A 277 12.61 -25.34 9.16
C THR A 277 11.58 -25.37 10.28
N MET A 278 10.38 -24.85 10.00
CA MET A 278 9.36 -24.76 11.03
C MET A 278 8.84 -26.14 11.40
N ILE A 279 8.84 -27.10 10.46
CA ILE A 279 8.47 -28.46 10.82
C ILE A 279 9.49 -29.02 11.80
N ILE A 280 10.78 -28.75 11.56
CA ILE A 280 11.78 -29.33 12.44
C ILE A 280 11.73 -28.62 13.79
N VAL A 281 11.47 -27.31 13.79
CA VAL A 281 11.39 -26.61 15.06
C VAL A 281 10.11 -26.97 15.81
N GLY A 282 9.13 -27.54 15.10
CA GLY A 282 7.88 -27.89 15.70
C GLY A 282 8.16 -29.20 16.39
N LEU A 283 8.90 -30.07 15.71
CA LEU A 283 9.15 -31.35 16.31
C LEU A 283 10.17 -31.21 17.43
N SER A 284 11.02 -30.17 17.37
CA SER A 284 11.85 -29.83 18.53
C SER A 284 10.97 -29.53 19.73
N VAL A 285 9.90 -28.76 19.51
CA VAL A 285 8.98 -28.47 20.61
C VAL A 285 8.33 -29.76 21.12
N VAL A 286 7.94 -30.66 20.23
CA VAL A 286 7.31 -31.91 20.66
C VAL A 286 8.27 -32.74 21.50
N VAL A 287 9.49 -32.96 21.00
CA VAL A 287 10.45 -33.76 21.76
C VAL A 287 10.81 -33.07 23.05
N THR A 288 10.72 -31.74 23.11
CA THR A 288 11.01 -31.04 24.35
C THR A 288 9.87 -31.17 25.34
N VAL A 289 8.64 -31.31 24.86
CA VAL A 289 7.53 -31.63 25.76
C VAL A 289 7.73 -33.03 26.32
N ILE A 290 8.14 -33.98 25.49
CA ILE A 290 8.44 -35.32 25.99
C ILE A 290 9.57 -35.24 27.01
N VAL A 291 10.58 -34.41 26.75
CA VAL A 291 11.72 -34.26 27.65
C VAL A 291 11.26 -33.74 29.01
N LEU A 292 10.42 -32.71 29.01
CA LEU A 292 9.90 -32.18 30.25
C LEU A 292 9.06 -33.22 30.97
N GLN A 293 8.28 -33.99 30.21
CA GLN A 293 7.51 -35.09 30.78
C GLN A 293 8.43 -36.06 31.52
N TYR A 294 9.54 -36.44 30.89
CA TYR A 294 10.52 -37.29 31.56
C TYR A 294 11.05 -36.60 32.81
N HIS A 295 11.35 -35.30 32.70
CA HIS A 295 11.96 -34.54 33.77
C HIS A 295 11.03 -34.42 34.97
N HIS A 296 9.79 -34.02 34.71
CA HIS A 296 8.78 -33.87 35.76
C HIS A 296 7.98 -35.15 35.95
N HIS A 297 8.65 -36.28 36.10
CA HIS A 297 7.96 -37.55 36.22
C HIS A 297 7.71 -37.85 37.68
N ASP A 298 6.48 -38.22 38.00
CA ASP A 298 6.13 -38.58 39.36
C ASP A 298 6.90 -39.84 39.74
N PRO A 299 7.73 -39.82 40.79
CA PRO A 299 8.46 -41.05 41.14
C PRO A 299 7.55 -42.21 41.49
N ASP A 300 6.33 -41.93 41.94
CA ASP A 300 5.37 -42.96 42.31
C ASP A 300 4.49 -43.37 41.14
N GLY A 301 4.70 -42.83 39.94
CA GLY A 301 3.95 -43.25 38.79
C GLY A 301 4.49 -44.58 38.27
N GLY A 302 4.58 -44.71 36.96
CA GLY A 302 5.04 -45.96 36.39
C GLY A 302 6.51 -46.21 36.65
N LYS A 303 6.88 -47.49 36.67
CA LYS A 303 8.27 -47.89 36.75
C LYS A 303 8.91 -47.73 35.37
N MET A 304 10.21 -47.47 35.34
CA MET A 304 10.87 -47.25 34.07
C MET A 304 10.83 -48.51 33.20
N PRO A 305 10.30 -48.45 31.99
CA PRO A 305 10.37 -49.61 31.09
C PRO A 305 11.80 -50.02 30.78
N LYS A 306 12.05 -51.32 30.71
CA LYS A 306 13.38 -51.79 30.31
C LYS A 306 13.78 -51.30 28.93
N TRP A 307 12.82 -50.95 28.07
CA TRP A 307 13.18 -50.36 26.79
C TRP A 307 13.70 -48.95 27.02
N THR A 308 12.89 -48.11 27.67
CA THR A 308 13.35 -46.77 28.04
C THR A 308 14.64 -46.82 28.84
N ARG A 309 14.83 -47.88 29.63
CA ARG A 309 16.04 -47.98 30.46
C ARG A 309 17.29 -48.22 29.61
N VAL A 310 17.32 -49.32 28.86
CA VAL A 310 18.55 -49.67 28.15
C VAL A 310 18.70 -48.90 26.84
N ILE A 311 17.60 -48.65 26.12
CA ILE A 311 17.67 -47.84 24.91
C ILE A 311 18.28 -46.48 25.20
N LEU A 312 17.60 -45.70 26.04
CA LEU A 312 18.04 -44.34 26.32
C LEU A 312 19.19 -44.27 27.33
N LEU A 313 19.07 -44.93 28.50
CA LEU A 313 20.07 -44.74 29.55
C LEU A 313 21.14 -45.82 29.61
N ASN A 314 21.30 -46.64 28.57
CA ASN A 314 22.43 -47.58 28.55
C ASN A 314 23.20 -47.43 27.25
N TRP A 315 22.59 -47.82 26.15
CA TRP A 315 23.24 -47.74 24.85
C TRP A 315 23.39 -46.30 24.38
N CYS A 316 22.27 -45.58 24.28
CA CYS A 316 22.31 -44.21 23.81
C CYS A 316 23.20 -43.34 24.69
N ALA A 317 23.17 -43.57 26.00
CA ALA A 317 24.09 -42.84 26.87
C ALA A 317 25.51 -43.25 26.55
N TRP A 318 25.76 -44.57 26.50
CA TRP A 318 27.09 -45.12 26.22
C TRP A 318 27.78 -44.38 25.10
N PHE A 319 27.11 -44.33 23.93
CA PHE A 319 27.70 -43.70 22.76
C PHE A 319 28.10 -42.26 23.03
N LEU A 320 27.25 -41.52 23.71
CA LEU A 320 27.46 -40.09 23.86
C LEU A 320 28.42 -39.73 24.97
N ARG A 321 29.18 -40.69 25.50
CA ARG A 321 30.13 -40.52 26.59
C ARG A 321 29.64 -39.48 27.59
N MET A 322 28.60 -39.83 28.34
CA MET A 322 28.00 -38.95 29.32
C MET A 322 28.04 -39.56 30.72
N ASP A 499 14.85 -40.06 49.72
CA ASP A 499 16.08 -40.30 48.98
C ASP A 499 15.82 -41.19 47.77
N GLU A 500 14.99 -42.20 47.97
CA GLU A 500 14.62 -43.07 46.86
C GLU A 500 13.86 -42.31 45.79
N SER A 501 12.94 -41.44 46.19
CA SER A 501 12.20 -40.67 45.19
C SER A 501 13.13 -39.77 44.40
N GLU A 502 14.08 -39.14 45.09
CA GLU A 502 15.06 -38.33 44.37
C GLU A 502 15.92 -39.19 43.46
N ALA A 503 16.24 -40.41 43.89
CA ALA A 503 17.00 -41.32 43.03
C ALA A 503 16.19 -41.73 41.81
N VAL A 504 14.92 -42.08 42.01
CA VAL A 504 14.08 -42.42 40.86
C VAL A 504 13.94 -41.22 39.95
N CYS A 505 13.70 -40.04 40.53
CA CYS A 505 13.60 -38.86 39.69
C CYS A 505 14.93 -38.55 39.03
N SER A 506 16.05 -38.83 39.71
CA SER A 506 17.36 -38.59 39.14
C SER A 506 17.59 -39.45 37.91
N GLU A 507 17.14 -40.69 37.97
CA GLU A 507 17.24 -41.55 36.80
C GLU A 507 16.39 -40.95 35.67
N TRP A 508 15.20 -40.45 36.01
CA TRP A 508 14.36 -39.79 35.02
C TRP A 508 14.99 -38.50 34.50
N LYS A 509 15.68 -37.72 35.35
CA LYS A 509 16.30 -36.48 34.86
C LYS A 509 17.45 -36.78 33.90
N PHE A 510 18.18 -37.86 34.16
CA PHE A 510 19.23 -38.29 33.24
C PHE A 510 18.63 -38.73 31.91
N ALA A 511 17.45 -39.36 31.94
CA ALA A 511 16.77 -39.68 30.69
C ALA A 511 16.50 -38.42 29.89
N ALA A 512 16.11 -37.35 30.56
CA ALA A 512 15.86 -36.09 29.88
C ALA A 512 17.13 -35.54 29.26
N CYS A 513 18.27 -35.66 29.97
CA CYS A 513 19.52 -35.16 29.42
C CYS A 513 20.00 -35.97 28.23
N VAL A 514 19.87 -37.29 28.26
CA VAL A 514 20.29 -38.07 27.10
C VAL A 514 19.37 -37.82 25.91
N VAL A 515 18.07 -37.67 26.17
CA VAL A 515 17.16 -37.27 25.08
C VAL A 515 17.56 -35.89 24.58
N ASP A 516 17.97 -35.00 25.49
CA ASP A 516 18.46 -33.69 25.08
C ASP A 516 19.65 -33.82 24.15
N ARG A 517 20.63 -34.63 24.54
CA ARG A 517 21.78 -34.81 23.67
C ARG A 517 21.36 -35.47 22.37
N LEU A 518 20.85 -36.71 22.43
CA LEU A 518 20.48 -37.46 21.24
C LEU A 518 19.70 -36.61 20.26
N CYS A 519 18.69 -35.92 20.77
CA CYS A 519 17.83 -35.14 19.90
C CYS A 519 18.63 -34.06 19.19
N LEU A 520 19.56 -33.43 19.91
CA LEU A 520 20.44 -32.43 19.29
C LEU A 520 21.12 -32.99 18.06
N MET A 521 21.96 -34.02 18.23
CA MET A 521 22.68 -34.62 17.12
C MET A 521 21.71 -34.96 16.00
N ALA A 522 20.63 -35.66 16.34
CA ALA A 522 19.70 -36.13 15.33
C ALA A 522 19.04 -34.95 14.63
N PHE A 523 18.48 -34.03 15.41
CA PHE A 523 17.80 -32.90 14.80
C PHE A 523 18.81 -32.05 14.03
N SER A 524 20.03 -31.95 14.56
CA SER A 524 21.09 -31.15 13.94
C SER A 524 21.44 -31.71 12.56
N VAL A 525 21.63 -33.03 12.45
CA VAL A 525 21.91 -33.60 11.13
C VAL A 525 20.75 -33.33 10.18
N PHE A 526 19.50 -33.49 10.66
CA PHE A 526 18.35 -33.14 9.82
C PHE A 526 18.51 -31.71 9.33
N THR A 527 18.64 -30.79 10.29
CA THR A 527 18.76 -29.35 10.02
C THR A 527 19.76 -29.10 8.90
N ILE A 528 20.96 -29.66 9.03
CA ILE A 528 22.03 -29.45 8.07
C ILE A 528 21.80 -30.19 6.74
N ILE A 529 21.58 -31.51 6.82
CA ILE A 529 21.20 -32.38 5.70
C ILE A 529 20.05 -31.82 4.85
N CYS A 530 18.90 -31.57 5.49
CA CYS A 530 17.72 -31.09 4.77
C CYS A 530 18.04 -29.85 3.95
N THR A 531 18.46 -28.77 4.61
CA THR A 531 18.65 -27.49 3.92
C THR A 531 19.52 -27.71 2.69
N ILE A 532 20.72 -28.26 2.91
CA ILE A 532 21.71 -28.49 1.86
C ILE A 532 21.07 -29.18 0.66
N GLY A 533 20.26 -30.20 0.92
CA GLY A 533 19.52 -30.86 -0.15
C GLY A 533 18.42 -30.00 -0.77
N ILE A 534 17.53 -29.44 0.05
CA ILE A 534 16.51 -28.54 -0.49
C ILE A 534 17.16 -27.44 -1.33
N LEU A 535 18.32 -26.95 -0.87
CA LEU A 535 18.96 -25.85 -1.56
C LEU A 535 19.76 -26.34 -2.76
N MET A 536 20.51 -27.43 -2.60
CA MET A 536 21.41 -27.87 -3.66
C MET A 536 20.66 -28.64 -4.73
N SER A 537 19.37 -28.89 -4.55
CA SER A 537 18.54 -29.48 -5.59
C SER A 537 18.22 -28.48 -6.68
N ALA A 538 18.39 -27.21 -6.43
CA ALA A 538 18.23 -26.25 -7.51
C ALA A 538 19.35 -26.40 -8.51
N PRO A 539 19.06 -26.53 -9.81
CA PRO A 539 20.17 -26.70 -10.78
C PRO A 539 21.17 -25.56 -10.80
N ASN A 540 20.75 -24.36 -10.43
CA ASN A 540 21.58 -23.16 -10.54
C ASN A 540 22.45 -22.91 -9.33
N PHE A 541 22.43 -23.79 -8.32
CA PHE A 541 23.05 -23.48 -7.03
C PHE A 541 24.53 -23.15 -7.14
N VAL A 542 25.30 -24.01 -7.80
CA VAL A 542 26.75 -23.82 -7.83
C VAL A 542 27.10 -22.48 -8.47
N GLU A 543 26.43 -22.17 -9.58
CA GLU A 543 26.59 -20.85 -10.20
C GLU A 543 26.21 -19.75 -9.23
N ALA A 544 25.14 -19.95 -8.45
CA ALA A 544 24.67 -18.91 -7.56
C ALA A 544 25.73 -18.59 -6.50
N VAL A 545 26.24 -19.62 -5.85
CA VAL A 545 27.23 -19.38 -4.79
C VAL A 545 28.54 -18.86 -5.37
N SER A 546 28.90 -19.28 -6.59
CA SER A 546 30.15 -18.81 -7.16
C SER A 546 30.06 -17.35 -7.63
N LYS A 547 28.93 -16.95 -8.21
CA LYS A 547 28.83 -15.62 -8.79
C LYS A 547 28.35 -14.58 -7.79
N ASP A 548 27.46 -14.95 -6.87
CA ASP A 548 26.84 -14.00 -5.97
C ASP A 548 27.40 -14.04 -4.55
N PHE A 549 28.39 -14.88 -4.28
CA PHE A 549 29.04 -14.91 -2.98
C PHE A 549 30.55 -14.99 -3.18
N GLU B 1 -0.67 2.93 -55.73
CA GLU B 1 -1.50 3.47 -56.85
C GLU B 1 -2.96 3.11 -56.64
N PHE B 2 -3.24 1.81 -56.64
CA PHE B 2 -4.62 1.35 -56.50
C PHE B 2 -5.08 1.49 -55.05
N GLN B 3 -4.18 1.26 -54.09
CA GLN B 3 -4.54 1.42 -52.69
C GLN B 3 -4.90 2.87 -52.37
N ARG B 4 -4.14 3.80 -52.95
CA ARG B 4 -4.43 5.22 -52.75
C ARG B 4 -5.79 5.58 -53.33
N LYS B 5 -6.08 5.09 -54.54
CA LYS B 5 -7.36 5.38 -55.17
C LYS B 5 -8.51 4.78 -54.36
N LEU B 6 -8.33 3.56 -53.86
CA LEU B 6 -9.37 2.94 -53.04
C LEU B 6 -9.63 3.74 -51.77
N TYR B 7 -8.56 4.17 -51.09
CA TYR B 7 -8.76 4.92 -49.86
C TYR B 7 -9.43 6.26 -50.13
N LYS B 8 -9.03 6.92 -51.22
CA LYS B 8 -9.66 8.18 -51.60
C LYS B 8 -11.10 8.00 -52.03
N GLU B 9 -11.45 6.85 -52.59
CA GLU B 9 -12.80 6.61 -53.09
C GLU B 9 -13.75 6.14 -51.99
N LEU B 10 -13.24 5.47 -50.97
CA LEU B 10 -14.11 4.93 -49.92
C LEU B 10 -14.54 5.97 -48.90
N VAL B 11 -13.87 7.14 -48.87
CA VAL B 11 -14.17 8.17 -47.87
C VAL B 11 -14.95 9.34 -48.47
N LYS B 12 -15.42 9.20 -49.71
CA LYS B 12 -16.29 10.22 -50.30
C LYS B 12 -17.68 10.05 -49.73
N ASN B 13 -18.22 11.11 -49.15
CA ASN B 13 -19.55 11.13 -48.54
C ASN B 13 -19.71 10.15 -47.39
N TYR B 14 -18.62 9.55 -46.90
CA TYR B 14 -18.73 8.62 -45.78
C TYR B 14 -18.98 9.39 -44.51
N ASN B 15 -19.96 8.94 -43.74
CA ASN B 15 -20.36 9.57 -42.49
C ASN B 15 -20.12 8.55 -41.37
N PRO B 16 -19.10 8.71 -40.51
CA PRO B 16 -18.91 7.72 -39.44
C PRO B 16 -20.06 7.66 -38.43
N LEU B 17 -21.03 8.57 -38.51
CA LEU B 17 -22.21 8.52 -37.66
C LEU B 17 -23.31 7.64 -38.22
N GLU B 18 -23.27 7.35 -39.52
CA GLU B 18 -24.33 6.59 -40.17
C GLU B 18 -24.12 5.11 -39.94
N ARG B 19 -25.20 4.43 -39.55
CA ARG B 19 -25.19 2.98 -39.50
C ARG B 19 -25.11 2.44 -40.92
N PRO B 20 -24.14 1.59 -41.28
CA PRO B 20 -23.88 1.32 -42.71
C PRO B 20 -24.80 0.26 -43.30
N VAL B 21 -26.12 0.48 -43.19
CA VAL B 21 -27.12 -0.45 -43.70
C VAL B 21 -27.66 0.11 -45.01
N ALA B 22 -28.22 -0.78 -45.82
CA ALA B 22 -28.83 -0.41 -47.09
C ALA B 22 -30.30 -0.08 -46.93
N ASN B 23 -31.05 -0.93 -46.24
CA ASN B 23 -32.40 -0.65 -45.80
C ASN B 23 -32.38 -0.15 -44.35
N ASP B 24 -32.95 1.02 -44.12
CA ASP B 24 -32.89 1.63 -42.80
C ASP B 24 -33.87 1.00 -41.80
N SER B 25 -34.90 0.31 -42.28
CA SER B 25 -35.89 -0.27 -41.39
C SER B 25 -35.46 -1.62 -40.85
N GLN B 26 -34.43 -2.26 -41.44
CA GLN B 26 -33.91 -3.54 -40.98
C GLN B 26 -32.71 -3.28 -40.09
N PRO B 27 -32.41 -4.12 -39.10
CA PRO B 27 -31.30 -3.80 -38.21
C PRO B 27 -30.00 -4.34 -38.77
N LEU B 28 -28.90 -3.99 -38.09
CA LEU B 28 -27.57 -4.39 -38.51
C LEU B 28 -27.13 -5.58 -37.67
N THR B 29 -26.69 -6.64 -38.33
CA THR B 29 -26.28 -7.85 -37.63
C THR B 29 -24.81 -7.71 -37.29
N VAL B 30 -24.51 -7.71 -36.00
CA VAL B 30 -23.14 -7.57 -35.51
C VAL B 30 -22.86 -8.84 -34.70
N TYR B 31 -21.84 -9.59 -35.12
CA TYR B 31 -21.45 -10.81 -34.44
C TYR B 31 -20.42 -10.45 -33.39
N PHE B 32 -20.75 -10.76 -32.13
CA PHE B 32 -19.90 -10.47 -30.99
C PHE B 32 -19.38 -11.76 -30.39
N SER B 33 -18.12 -11.74 -30.00
CA SER B 33 -17.51 -12.82 -29.23
C SER B 33 -16.30 -12.24 -28.51
N LEU B 34 -15.58 -13.09 -27.79
CA LEU B 34 -14.35 -12.64 -27.16
C LEU B 34 -13.38 -13.81 -27.10
N SER B 35 -12.10 -13.46 -26.96
CA SER B 35 -11.03 -14.40 -26.71
C SER B 35 -10.43 -14.03 -25.37
N LEU B 36 -10.60 -14.91 -24.39
CA LEU B 36 -10.08 -14.68 -23.03
C LEU B 36 -8.65 -15.17 -23.05
N LEU B 37 -7.70 -14.23 -23.15
CA LEU B 37 -6.30 -14.61 -23.24
C LEU B 37 -5.70 -14.91 -21.87
N GLN B 38 -6.32 -14.47 -20.79
CA GLN B 38 -5.77 -14.67 -19.45
C GLN B 38 -6.78 -14.10 -18.46
N ILE B 39 -6.70 -14.56 -17.22
CA ILE B 39 -7.43 -13.97 -16.10
C ILE B 39 -6.39 -13.35 -15.19
N MET B 40 -6.12 -12.07 -15.38
CA MET B 40 -4.94 -11.46 -14.77
C MET B 40 -5.05 -11.39 -13.26
N ASP B 41 -6.19 -10.94 -12.75
CA ASP B 41 -6.35 -10.85 -11.30
C ASP B 41 -7.82 -10.95 -10.96
N VAL B 42 -8.11 -11.38 -9.70
CA VAL B 42 -9.46 -11.48 -9.16
C VAL B 42 -9.40 -10.81 -7.79
N ASP B 43 -9.73 -9.52 -7.75
CA ASP B 43 -9.64 -8.73 -6.53
C ASP B 43 -10.93 -8.96 -5.76
N GLU B 44 -10.90 -9.89 -4.80
CA GLU B 44 -12.11 -10.21 -4.07
C GLU B 44 -12.51 -9.06 -3.16
N LYS B 45 -11.58 -8.17 -2.80
CA LYS B 45 -11.88 -7.12 -1.85
C LYS B 45 -12.72 -6.04 -2.50
N ASN B 46 -12.24 -5.53 -3.63
CA ASN B 46 -12.96 -4.51 -4.35
C ASN B 46 -14.05 -5.10 -5.22
N GLN B 47 -14.20 -6.42 -5.22
CA GLN B 47 -15.19 -7.11 -6.03
C GLN B 47 -14.99 -6.73 -7.50
N VAL B 48 -13.79 -7.00 -7.98
CA VAL B 48 -13.41 -6.69 -9.36
C VAL B 48 -12.68 -7.89 -9.96
N LEU B 49 -12.77 -7.97 -11.26
CA LEU B 49 -12.15 -9.04 -12.03
C LEU B 49 -11.39 -8.40 -13.17
N THR B 50 -10.07 -8.55 -13.17
CA THR B 50 -9.20 -8.00 -14.20
C THR B 50 -8.82 -9.14 -15.14
N THR B 51 -9.24 -9.04 -16.39
CA THR B 51 -9.01 -10.10 -17.37
C THR B 51 -8.44 -9.50 -18.64
N ASN B 52 -7.53 -10.22 -19.27
CA ASN B 52 -7.00 -9.83 -20.57
C ASN B 52 -7.87 -10.46 -21.63
N ILE B 53 -8.56 -9.64 -22.41
CA ILE B 53 -9.55 -10.11 -23.36
C ILE B 53 -9.35 -9.38 -24.69
N TRP B 54 -9.53 -10.12 -25.78
CA TRP B 54 -9.68 -9.53 -27.12
C TRP B 54 -11.14 -9.68 -27.51
N LEU B 55 -11.88 -8.57 -27.47
CA LEU B 55 -13.23 -8.58 -28.00
C LEU B 55 -13.17 -8.77 -29.50
N GLN B 56 -14.12 -9.52 -30.05
CA GLN B 56 -14.25 -9.75 -31.49
C GLN B 56 -15.60 -9.22 -31.93
N MET B 57 -15.60 -8.30 -32.90
CA MET B 57 -16.81 -7.68 -33.41
C MET B 57 -16.72 -7.70 -34.93
N SER B 58 -17.60 -8.45 -35.58
CA SER B 58 -17.59 -8.57 -37.04
C SER B 58 -18.95 -8.23 -37.59
N TRP B 59 -18.99 -7.35 -38.59
CA TRP B 59 -20.26 -6.93 -39.19
C TRP B 59 -20.01 -6.65 -40.67
N THR B 60 -20.99 -6.02 -41.32
CA THR B 60 -20.93 -5.72 -42.75
C THR B 60 -21.23 -4.25 -42.95
N ASP B 61 -20.28 -3.52 -43.49
CA ASP B 61 -20.46 -2.13 -43.88
C ASP B 61 -20.88 -2.09 -45.35
N HIS B 62 -22.12 -1.67 -45.60
CA HIS B 62 -22.65 -1.66 -46.96
C HIS B 62 -21.86 -0.75 -47.88
N TYR B 63 -21.14 0.23 -47.34
CA TYR B 63 -20.54 1.28 -48.13
C TYR B 63 -19.08 1.04 -48.46
N LEU B 64 -18.38 0.24 -47.66
CA LEU B 64 -16.96 -0.05 -47.88
C LEU B 64 -16.77 -1.30 -48.72
N GLN B 65 -17.41 -1.31 -49.89
CA GLN B 65 -17.31 -2.40 -50.85
C GLN B 65 -16.58 -1.91 -52.08
N TRP B 66 -15.64 -2.72 -52.58
CA TRP B 66 -14.97 -2.44 -53.84
C TRP B 66 -14.82 -3.74 -54.62
N ASN B 67 -14.85 -3.61 -55.95
CA ASN B 67 -14.68 -4.75 -56.83
C ASN B 67 -13.18 -4.96 -57.08
N VAL B 68 -12.67 -6.11 -56.62
CA VAL B 68 -11.23 -6.34 -56.58
C VAL B 68 -10.59 -6.37 -57.96
N SER B 69 -11.36 -6.72 -58.99
CA SER B 69 -10.81 -6.74 -60.35
C SER B 69 -10.23 -5.39 -60.75
N GLU B 70 -10.85 -4.30 -60.32
CA GLU B 70 -10.38 -2.98 -60.73
C GLU B 70 -9.26 -2.49 -59.82
N TYR B 71 -9.12 -3.04 -58.61
CA TYR B 71 -8.08 -2.69 -57.65
C TYR B 71 -7.22 -3.93 -57.42
N PRO B 72 -6.40 -4.32 -58.40
CA PRO B 72 -5.60 -5.54 -58.25
C PRO B 72 -4.64 -5.46 -57.07
N GLY B 73 -4.65 -6.51 -56.25
CA GLY B 73 -3.75 -6.62 -55.12
C GLY B 73 -4.20 -5.97 -53.83
N VAL B 74 -5.31 -5.22 -53.85
CA VAL B 74 -5.83 -4.57 -52.66
C VAL B 74 -7.03 -5.39 -52.23
N LYS B 75 -6.78 -6.37 -51.35
CA LYS B 75 -7.83 -7.25 -50.86
C LYS B 75 -8.45 -6.77 -49.56
N THR B 76 -7.78 -5.89 -48.82
CA THR B 76 -8.29 -5.40 -47.55
C THR B 76 -7.85 -3.96 -47.34
N VAL B 77 -8.58 -3.28 -46.46
CA VAL B 77 -8.29 -1.91 -46.06
C VAL B 77 -8.43 -1.84 -44.54
N ARG B 78 -7.84 -0.80 -43.97
CA ARG B 78 -7.80 -0.62 -42.52
C ARG B 78 -8.19 0.79 -42.18
N PHE B 79 -9.07 0.96 -41.19
CA PHE B 79 -9.53 2.28 -40.78
C PHE B 79 -9.36 2.48 -39.28
N PRO B 80 -8.88 3.65 -38.82
CA PRO B 80 -8.68 3.84 -37.38
C PRO B 80 -9.92 4.41 -36.72
N ASP B 81 -9.85 4.67 -35.41
CA ASP B 81 -11.01 5.19 -34.70
C ASP B 81 -11.43 6.55 -35.24
N GLY B 82 -12.73 6.73 -35.43
CA GLY B 82 -13.30 7.98 -35.85
C GLY B 82 -13.34 8.22 -37.34
N GLN B 83 -12.95 7.23 -38.15
CA GLN B 83 -13.05 7.31 -39.61
C GLN B 83 -14.01 6.28 -40.18
N ILE B 84 -14.49 5.34 -39.37
CA ILE B 84 -15.37 4.25 -39.79
C ILE B 84 -16.44 4.10 -38.73
N TRP B 85 -17.65 3.75 -39.15
CA TRP B 85 -18.69 3.44 -38.18
C TRP B 85 -18.29 2.20 -37.39
N LYS B 86 -18.48 2.26 -36.08
CA LYS B 86 -18.18 1.15 -35.19
C LYS B 86 -19.34 0.98 -34.22
N PRO B 87 -19.64 -0.25 -33.79
CA PRO B 87 -20.71 -0.42 -32.80
C PRO B 87 -20.19 -0.12 -31.40
N ASP B 88 -20.92 0.72 -30.67
CA ASP B 88 -20.48 1.20 -29.36
C ASP B 88 -20.76 0.16 -28.29
N ILE B 89 -20.20 -1.04 -28.48
CA ILE B 89 -20.49 -2.16 -27.60
C ILE B 89 -19.58 -1.99 -26.38
N LEU B 90 -20.19 -1.68 -25.23
CA LEU B 90 -19.48 -1.47 -23.98
C LEU B 90 -19.76 -2.62 -23.02
N LEU B 91 -18.95 -2.67 -21.98
CA LEU B 91 -19.14 -3.61 -20.87
C LEU B 91 -19.98 -2.90 -19.81
N TYR B 92 -21.22 -3.37 -19.65
CA TYR B 92 -22.15 -2.73 -18.74
C TYR B 92 -21.64 -2.75 -17.31
N ASN B 93 -21.28 -3.93 -16.81
CA ASN B 93 -20.83 -4.07 -15.42
C ASN B 93 -19.33 -3.81 -15.29
N SER B 94 -18.88 -2.66 -15.80
CA SER B 94 -17.48 -2.30 -15.73
C SER B 94 -17.16 -1.65 -14.39
N ALA B 95 -15.97 -1.97 -13.86
CA ALA B 95 -15.48 -1.41 -12.61
C ALA B 95 -14.24 -0.55 -12.80
N ASP B 96 -13.91 -0.17 -14.04
CA ASP B 96 -12.73 0.62 -14.33
C ASP B 96 -13.08 2.09 -14.21
N GLU B 97 -12.12 2.87 -13.68
CA GLU B 97 -12.38 4.29 -13.43
C GLU B 97 -12.74 5.04 -14.71
N ARG B 98 -12.23 4.58 -15.85
CA ARG B 98 -12.60 5.15 -17.14
C ARG B 98 -13.83 4.50 -17.74
N PHE B 99 -14.26 3.36 -17.19
CA PHE B 99 -15.44 2.59 -17.63
C PHE B 99 -15.26 1.94 -19.00
N ASP B 100 -14.17 2.23 -19.71
CA ASP B 100 -13.91 1.59 -21.00
C ASP B 100 -12.39 1.43 -21.10
N ALA B 101 -11.91 0.24 -20.72
CA ALA B 101 -10.49 -0.07 -20.76
C ALA B 101 -10.04 -0.54 -22.13
N THR B 102 -10.98 -0.63 -23.08
CA THR B 102 -10.68 -1.12 -24.41
C THR B 102 -9.69 -0.18 -25.11
N PHE B 103 -8.80 -0.77 -25.90
CA PHE B 103 -7.83 -0.02 -26.70
C PHE B 103 -8.35 -0.03 -28.14
N HIS B 104 -8.49 1.15 -28.72
CA HIS B 104 -9.12 1.29 -30.03
C HIS B 104 -8.13 1.02 -31.16
N THR B 105 -8.18 -0.20 -31.69
CA THR B 105 -7.32 -0.64 -32.79
C THR B 105 -8.06 -0.32 -34.10
N ASN B 106 -7.59 -0.88 -35.20
CA ASN B 106 -8.15 -0.56 -36.51
C ASN B 106 -9.24 -1.56 -36.86
N VAL B 107 -10.05 -1.18 -37.85
CA VAL B 107 -11.11 -2.01 -38.41
C VAL B 107 -10.64 -2.48 -39.77
N LEU B 108 -10.53 -3.80 -39.94
CA LEU B 108 -10.06 -4.40 -41.17
C LEU B 108 -11.27 -4.81 -42.00
N VAL B 109 -11.35 -4.32 -43.24
CA VAL B 109 -12.49 -4.55 -44.12
C VAL B 109 -11.99 -5.24 -45.37
N ASN B 110 -12.66 -6.33 -45.81
CA ASN B 110 -12.30 -6.89 -47.11
C ASN B 110 -13.29 -6.39 -48.15
N SER B 111 -13.10 -6.84 -49.39
CA SER B 111 -13.77 -6.25 -50.55
C SER B 111 -15.27 -6.45 -50.56
N SER B 112 -15.78 -7.45 -49.83
CA SER B 112 -17.23 -7.66 -49.75
C SER B 112 -17.90 -6.77 -48.73
N GLY B 113 -17.21 -5.76 -48.20
CA GLY B 113 -17.76 -4.88 -47.19
C GLY B 113 -17.72 -5.44 -45.80
N HIS B 114 -17.17 -6.63 -45.60
CA HIS B 114 -17.16 -7.25 -44.28
CA HIS B 114 -17.17 -7.25 -44.28
C HIS B 114 -16.07 -6.62 -43.43
N CYS B 115 -16.46 -6.06 -42.29
CA CYS B 115 -15.58 -5.40 -41.35
C CYS B 115 -15.35 -6.27 -40.12
N GLN B 116 -14.12 -6.22 -39.61
CA GLN B 116 -13.67 -7.04 -38.51
C GLN B 116 -12.87 -6.15 -37.57
N TYR B 117 -13.26 -6.11 -36.30
CA TYR B 117 -12.69 -5.20 -35.33
C TYR B 117 -12.41 -5.99 -34.06
N LEU B 118 -11.13 -6.09 -33.69
CA LEU B 118 -10.68 -6.91 -32.57
C LEU B 118 -9.85 -6.05 -31.63
N PRO B 119 -10.47 -5.25 -30.79
CA PRO B 119 -9.72 -4.44 -29.84
C PRO B 119 -9.23 -5.28 -28.67
N PRO B 120 -7.95 -5.20 -28.31
CA PRO B 120 -7.51 -5.79 -27.03
C PRO B 120 -7.93 -4.92 -25.86
N GLY B 121 -7.92 -5.53 -24.69
CA GLY B 121 -8.20 -4.78 -23.48
C GLY B 121 -7.92 -5.56 -22.22
N ILE B 122 -7.65 -4.84 -21.14
CA ILE B 122 -7.56 -5.40 -19.80
C ILE B 122 -8.80 -4.89 -19.07
N PHE B 123 -9.83 -5.73 -19.04
CA PHE B 123 -11.15 -5.31 -18.59
C PHE B 123 -11.27 -5.57 -17.10
N LYS B 124 -11.72 -4.55 -16.38
CA LYS B 124 -12.09 -4.66 -14.97
C LYS B 124 -13.61 -4.70 -14.90
N SER B 125 -14.15 -5.81 -14.40
CA SER B 125 -15.59 -6.02 -14.32
C SER B 125 -16.01 -6.20 -12.88
N SER B 126 -17.16 -5.64 -12.54
CA SER B 126 -17.68 -5.69 -11.17
C SER B 126 -18.33 -7.04 -10.95
N CYS B 127 -17.61 -7.95 -10.31
CA CYS B 127 -18.10 -9.28 -10.00
C CYS B 127 -18.59 -9.39 -8.58
N TYR B 128 -19.80 -9.91 -8.41
CA TYR B 128 -20.17 -10.52 -7.15
C TYR B 128 -19.34 -11.77 -6.94
N ILE B 129 -18.52 -11.79 -5.89
CA ILE B 129 -17.71 -12.94 -5.53
C ILE B 129 -18.44 -13.63 -4.39
N ASP B 130 -18.80 -14.90 -4.60
CA ASP B 130 -19.42 -15.71 -3.55
C ASP B 130 -18.26 -16.34 -2.79
N VAL B 131 -18.05 -15.85 -1.58
CA VAL B 131 -16.90 -16.23 -0.78
C VAL B 131 -17.31 -17.24 0.31
N ARG B 132 -18.48 -17.86 0.17
CA ARG B 132 -18.95 -18.75 1.23
C ARG B 132 -18.09 -20.00 1.34
N TRP B 133 -17.58 -20.48 0.22
CA TRP B 133 -16.81 -21.72 0.17
C TRP B 133 -15.32 -21.48 0.15
N PHE B 134 -14.87 -20.26 0.41
CA PHE B 134 -13.45 -19.93 0.34
C PHE B 134 -12.66 -20.81 1.29
N PRO B 135 -11.52 -21.40 0.87
CA PRO B 135 -10.84 -21.33 -0.43
C PRO B 135 -11.40 -22.27 -1.49
N PHE B 136 -12.20 -23.28 -1.11
CA PHE B 136 -12.70 -24.25 -2.08
C PHE B 136 -13.93 -23.70 -2.81
N ASP B 137 -13.73 -22.55 -3.46
CA ASP B 137 -14.82 -21.76 -4.01
C ASP B 137 -14.76 -21.75 -5.54
N VAL B 138 -15.94 -21.73 -6.15
CA VAL B 138 -16.11 -21.62 -7.60
C VAL B 138 -16.87 -20.33 -7.86
N GLN B 139 -16.35 -19.52 -8.78
CA GLN B 139 -16.91 -18.20 -9.06
C GLN B 139 -17.52 -18.21 -10.45
N HIS B 140 -18.65 -17.51 -10.58
CA HIS B 140 -19.35 -17.33 -11.85
C HIS B 140 -19.44 -15.83 -12.09
N CYS B 141 -18.41 -15.29 -12.73
CA CYS B 141 -18.32 -13.85 -12.97
C CYS B 141 -18.86 -13.51 -14.35
N LYS B 142 -19.82 -12.59 -14.39
CA LYS B 142 -20.46 -12.22 -15.64
C LYS B 142 -19.74 -11.03 -16.27
N LEU B 143 -19.54 -11.11 -17.58
CA LEU B 143 -19.13 -9.97 -18.39
C LEU B 143 -20.27 -9.72 -19.36
N LYS B 144 -20.97 -8.61 -19.20
CA LYS B 144 -22.21 -8.32 -19.92
C LYS B 144 -21.87 -7.22 -20.92
N PHE B 145 -21.90 -7.55 -22.21
CA PHE B 145 -21.52 -6.66 -23.28
C PHE B 145 -22.73 -6.29 -24.11
N GLY B 146 -22.87 -5.01 -24.43
CA GLY B 146 -24.00 -4.58 -25.23
C GLY B 146 -23.80 -3.21 -25.82
N SER B 147 -24.50 -2.96 -26.91
CA SER B 147 -24.48 -1.63 -27.52
C SER B 147 -25.18 -0.64 -26.61
N TRP B 148 -24.49 0.46 -26.33
CA TRP B 148 -24.96 1.39 -25.30
C TRP B 148 -26.22 2.13 -25.74
N SER B 149 -26.31 2.48 -27.03
CA SER B 149 -27.37 3.35 -27.52
C SER B 149 -28.11 2.80 -28.74
N TYR B 150 -27.83 1.58 -29.17
CA TYR B 150 -28.56 0.92 -30.26
C TYR B 150 -29.37 -0.23 -29.68
N GLY B 151 -30.69 -0.14 -29.80
CA GLY B 151 -31.55 -1.24 -29.44
C GLY B 151 -31.63 -2.29 -30.52
N GLY B 152 -32.41 -3.34 -30.23
CA GLY B 152 -32.58 -4.42 -31.18
C GLY B 152 -33.13 -3.97 -32.52
N TRP B 153 -33.96 -2.92 -32.51
CA TRP B 153 -34.51 -2.40 -33.76
C TRP B 153 -33.44 -1.83 -34.68
N SER B 154 -32.24 -1.57 -34.17
CA SER B 154 -31.13 -1.02 -34.95
C SER B 154 -29.96 -1.97 -35.07
N LEU B 155 -29.47 -2.52 -33.96
CA LEU B 155 -28.27 -3.36 -33.93
C LEU B 155 -28.64 -4.73 -33.39
N ASP B 156 -28.74 -5.71 -34.28
CA ASP B 156 -29.11 -7.08 -33.91
C ASP B 156 -27.83 -7.77 -33.45
N LEU B 157 -27.52 -7.64 -32.17
CA LEU B 157 -26.34 -8.30 -31.62
C LEU B 157 -26.57 -9.81 -31.61
N GLN B 158 -25.57 -10.57 -32.07
CA GLN B 158 -25.64 -12.03 -32.13
C GLN B 158 -24.37 -12.62 -31.55
N MET B 159 -24.54 -13.48 -30.55
CA MET B 159 -23.41 -14.10 -29.88
C MET B 159 -22.76 -15.20 -30.72
N GLN B 160 -21.43 -15.26 -30.67
CA GLN B 160 -20.66 -16.38 -31.17
C GLN B 160 -19.84 -16.94 -30.02
N GLU B 161 -19.62 -18.25 -30.04
CA GLU B 161 -19.02 -18.94 -28.90
C GLU B 161 -17.62 -18.42 -28.61
N ALA B 162 -17.30 -18.30 -27.33
CA ALA B 162 -16.03 -17.73 -26.91
C ALA B 162 -14.87 -18.61 -27.34
N ASP B 163 -13.72 -17.96 -27.57
CA ASP B 163 -12.48 -18.62 -27.92
C ASP B 163 -11.59 -18.64 -26.69
N ILE B 164 -10.96 -19.80 -26.45
CA ILE B 164 -9.98 -19.94 -25.37
C ILE B 164 -8.72 -20.66 -25.87
N SER B 165 -8.57 -20.74 -27.20
CA SER B 165 -7.45 -21.48 -27.79
C SER B 165 -6.10 -21.00 -27.26
N GLY B 166 -5.89 -19.69 -27.26
CA GLY B 166 -4.66 -19.09 -26.78
C GLY B 166 -4.63 -18.82 -25.30
N TYR B 167 -5.60 -19.33 -24.54
CA TYR B 167 -5.68 -19.03 -23.12
C TYR B 167 -4.42 -19.49 -22.39
N ILE B 168 -3.88 -18.59 -21.56
CA ILE B 168 -2.69 -18.85 -20.76
C ILE B 168 -3.15 -19.13 -19.34
N PRO B 169 -3.03 -20.38 -18.82
CA PRO B 169 -3.48 -20.66 -17.45
C PRO B 169 -2.95 -19.68 -16.42
N ASN B 170 -3.67 -19.53 -15.31
CA ASN B 170 -3.42 -18.47 -14.36
C ASN B 170 -2.54 -18.90 -13.20
N GLY B 171 -2.70 -20.13 -12.72
CA GLY B 171 -1.98 -20.65 -11.58
C GLY B 171 -2.80 -20.71 -10.31
N GLU B 172 -3.73 -19.77 -10.14
CA GLU B 172 -4.72 -19.82 -9.06
C GLU B 172 -6.11 -20.19 -9.53
N TRP B 173 -6.44 -19.95 -10.79
CA TRP B 173 -7.82 -20.02 -11.26
C TRP B 173 -7.86 -20.89 -12.49
N ASP B 174 -8.57 -22.01 -12.37
CA ASP B 174 -8.70 -22.96 -13.47
C ASP B 174 -9.96 -22.59 -14.19
N LEU B 175 -9.83 -22.07 -15.42
CA LEU B 175 -11.00 -21.74 -16.21
C LEU B 175 -11.84 -22.97 -16.39
N VAL B 176 -13.00 -23.02 -15.74
CA VAL B 176 -13.88 -24.16 -15.91
C VAL B 176 -14.63 -24.01 -17.22
N GLY B 177 -14.81 -22.78 -17.66
CA GLY B 177 -15.58 -22.54 -18.87
C GLY B 177 -15.97 -21.09 -18.96
N ILE B 178 -16.45 -20.72 -20.15
CA ILE B 178 -16.98 -19.37 -20.34
C ILE B 178 -18.28 -19.49 -21.14
N PRO B 179 -19.28 -20.18 -20.54
CA PRO B 179 -20.55 -20.28 -21.25
C PRO B 179 -21.20 -18.93 -21.40
N GLY B 180 -21.77 -18.70 -22.58
CA GLY B 180 -22.43 -17.45 -22.87
C GLY B 180 -23.92 -17.60 -23.08
N LYS B 181 -24.64 -16.50 -22.90
CA LYS B 181 -26.07 -16.46 -23.16
C LYS B 181 -26.38 -15.06 -23.69
N ARG B 182 -27.26 -15.00 -24.68
CA ARG B 182 -27.72 -13.74 -25.22
C ARG B 182 -29.01 -13.40 -24.48
N SER B 183 -29.59 -12.25 -24.78
CA SER B 183 -30.88 -11.89 -24.19
C SER B 183 -31.32 -10.58 -24.83
N GLU B 184 -32.57 -10.21 -24.56
CA GLU B 184 -33.16 -8.96 -25.05
C GLU B 184 -33.89 -8.40 -23.83
N ARG B 185 -33.17 -7.61 -23.04
CA ARG B 185 -33.72 -6.99 -21.84
C ARG B 185 -34.53 -5.75 -22.19
N PHE B 186 -35.17 -5.18 -21.16
CA PHE B 186 -35.94 -3.95 -21.26
C PHE B 186 -35.48 -3.06 -20.11
N TYR B 187 -35.20 -1.79 -20.41
CA TYR B 187 -34.68 -0.86 -19.42
C TYR B 187 -35.72 0.17 -19.03
N GLU B 188 -35.63 0.63 -17.78
CA GLU B 188 -36.53 1.67 -17.29
C GLU B 188 -36.32 3.02 -17.97
N CYS B 189 -35.16 3.24 -18.58
CA CYS B 189 -34.92 4.49 -19.29
C CYS B 189 -35.83 4.65 -20.50
N CYS B 190 -36.04 3.56 -21.23
CA CYS B 190 -36.38 3.64 -22.63
C CYS B 190 -37.33 2.50 -22.97
N LYS B 191 -38.08 2.68 -24.06
CA LYS B 191 -39.07 1.71 -24.47
C LYS B 191 -38.53 0.70 -25.46
N GLU B 192 -37.55 1.09 -26.27
CA GLU B 192 -36.97 0.18 -27.23
C GLU B 192 -36.14 -0.87 -26.48
N PRO B 193 -36.41 -2.17 -26.64
CA PRO B 193 -35.63 -3.16 -25.88
C PRO B 193 -34.20 -3.22 -26.37
N TYR B 194 -33.31 -3.60 -25.47
CA TYR B 194 -31.87 -3.62 -25.73
C TYR B 194 -31.35 -5.04 -25.58
N PRO B 195 -30.63 -5.59 -26.56
CA PRO B 195 -30.03 -6.92 -26.36
C PRO B 195 -28.65 -6.85 -25.77
N ASP B 196 -28.23 -7.99 -25.24
CA ASP B 196 -26.95 -8.07 -24.57
C ASP B 196 -26.41 -9.48 -24.68
N VAL B 197 -25.10 -9.56 -24.48
CA VAL B 197 -24.32 -10.78 -24.58
C VAL B 197 -23.56 -10.95 -23.26
N THR B 198 -24.02 -11.87 -22.42
CA THR B 198 -23.39 -12.12 -21.12
C THR B 198 -22.57 -13.40 -21.16
N PHE B 199 -21.27 -13.29 -20.89
CA PHE B 199 -20.39 -14.44 -20.75
C PHE B 199 -20.17 -14.68 -19.26
N THR B 200 -20.57 -15.85 -18.76
CA THR B 200 -20.51 -16.14 -17.33
C THR B 200 -19.27 -17.00 -17.10
N VAL B 201 -18.13 -16.33 -17.02
CA VAL B 201 -16.85 -16.97 -16.75
C VAL B 201 -16.98 -17.84 -15.50
N THR B 202 -16.72 -19.14 -15.64
CA THR B 202 -16.84 -20.11 -14.57
C THR B 202 -15.42 -20.54 -14.23
N MET B 203 -15.00 -20.12 -13.05
CA MET B 203 -13.63 -20.19 -12.56
C MET B 203 -13.59 -21.03 -11.28
N ARG B 204 -12.69 -22.01 -11.23
CA ARG B 204 -12.47 -22.79 -10.02
C ARG B 204 -11.13 -22.40 -9.42
N ARG B 205 -11.12 -21.97 -8.17
CA ARG B 205 -9.86 -21.62 -7.54
C ARG B 205 -9.05 -22.89 -7.36
N ARG B 206 -7.75 -22.75 -7.52
CA ARG B 206 -6.82 -23.86 -7.35
C ARG B 206 -6.32 -23.74 -5.92
N THR B 207 -6.48 -24.82 -5.19
CA THR B 207 -6.46 -24.76 -3.73
C THR B 207 -5.13 -25.18 -3.13
N LEU B 208 -4.06 -25.29 -3.92
CA LEU B 208 -2.78 -25.67 -3.33
C LEU B 208 -2.16 -24.52 -2.55
N TYR B 209 -2.09 -23.34 -3.15
CA TYR B 209 -1.49 -22.19 -2.47
C TYR B 209 -2.17 -21.94 -1.13
N TYR B 210 -3.49 -21.73 -1.16
CA TYR B 210 -4.21 -21.45 0.06
C TYR B 210 -4.35 -22.69 0.92
N GLY B 211 -4.30 -23.87 0.32
CA GLY B 211 -4.30 -25.08 1.09
C GLY B 211 -3.05 -25.15 1.96
N LEU B 212 -1.88 -25.06 1.33
CA LEU B 212 -0.63 -25.20 2.05
C LEU B 212 -0.17 -23.93 2.76
N ASN B 213 -0.62 -22.75 2.34
CA ASN B 213 -0.08 -21.50 2.93
C ASN B 213 -0.91 -21.08 4.14
N LEU B 214 -2.15 -21.53 4.27
CA LEU B 214 -3.00 -21.12 5.39
C LEU B 214 -3.70 -22.23 6.16
N LEU B 215 -4.31 -23.17 5.45
CA LEU B 215 -5.14 -24.17 6.12
C LEU B 215 -4.31 -25.23 6.84
N ILE B 216 -3.36 -25.83 6.14
CA ILE B 216 -2.45 -26.81 6.73
C ILE B 216 -1.61 -26.20 7.85
N PRO B 217 -0.87 -25.10 7.63
CA PRO B 217 -0.18 -24.46 8.77
C PRO B 217 -1.07 -24.17 9.97
N CYS B 218 -2.31 -23.74 9.75
CA CYS B 218 -3.21 -23.52 10.88
C CYS B 218 -3.49 -24.81 11.64
N VAL B 219 -3.64 -25.93 10.93
CA VAL B 219 -3.82 -27.22 11.61
C VAL B 219 -2.65 -27.50 12.53
N LEU B 220 -1.42 -27.31 12.01
CA LEU B 220 -0.26 -27.65 12.81
C LEU B 220 -0.09 -26.70 14.00
N ILE B 221 -0.44 -25.44 13.84
CA ILE B 221 -0.38 -24.51 14.98
C ILE B 221 -1.40 -24.89 16.04
N SER B 222 -2.60 -25.33 15.62
CA SER B 222 -3.56 -25.83 16.59
C SER B 222 -3.03 -27.07 17.27
N ALA B 223 -2.27 -27.89 16.56
CA ALA B 223 -1.63 -29.04 17.20
C ALA B 223 -0.64 -28.59 18.26
N LEU B 224 0.17 -27.55 17.97
CA LEU B 224 1.05 -27.02 19.00
C LEU B 224 0.25 -26.53 20.20
N ALA B 225 -0.94 -25.98 19.97
CA ALA B 225 -1.80 -25.61 21.09
C ALA B 225 -2.22 -26.84 21.87
N LEU B 226 -2.61 -27.90 21.17
CA LEU B 226 -3.01 -29.15 21.82
C LEU B 226 -1.88 -29.70 22.68
N LEU B 227 -0.62 -29.42 22.32
CA LEU B 227 0.52 -29.87 23.11
C LEU B 227 0.45 -29.49 24.59
N VAL B 228 -0.36 -28.49 24.97
CA VAL B 228 -0.36 -28.02 26.36
C VAL B 228 -0.71 -29.18 27.28
N PHE B 229 -1.68 -30.00 26.89
CA PHE B 229 -2.14 -31.06 27.78
C PHE B 229 -1.12 -32.21 27.90
N LEU B 230 0.11 -32.09 27.38
CA LEU B 230 1.18 -33.05 27.60
C LEU B 230 2.31 -32.45 28.41
N LEU B 231 2.14 -31.23 28.91
CA LEU B 231 3.24 -30.57 29.61
C LEU B 231 3.11 -30.81 31.09
N PRO B 232 4.18 -31.05 31.83
CA PRO B 232 4.03 -31.18 33.27
C PRO B 232 3.60 -29.84 33.83
N ALA B 233 2.67 -29.88 34.79
CA ALA B 233 2.15 -28.65 35.37
C ALA B 233 3.26 -27.82 36.00
N ASP B 234 4.17 -28.47 36.73
CA ASP B 234 5.26 -27.74 37.37
C ASP B 234 6.19 -27.04 36.38
N SER B 235 6.11 -27.32 35.07
CA SER B 235 6.98 -26.67 34.10
C SER B 235 6.94 -25.16 34.22
N GLY B 236 5.74 -24.63 34.45
CA GLY B 236 5.57 -23.21 34.67
C GLY B 236 5.37 -22.45 33.38
N GLU B 237 4.95 -23.12 32.30
CA GLU B 237 4.80 -22.42 31.02
C GLU B 237 3.64 -22.96 30.20
N LYS B 238 2.68 -23.67 30.83
CA LYS B 238 1.50 -24.13 30.11
C LYS B 238 0.78 -22.95 29.47
N ILE B 239 0.61 -21.89 30.25
CA ILE B 239 -0.18 -20.74 29.80
C ILE B 239 0.60 -19.96 28.75
N SER B 240 1.88 -19.71 29.02
CA SER B 240 2.77 -19.11 28.02
C SER B 240 2.57 -19.72 26.63
N LEU B 241 2.67 -21.04 26.53
CA LEU B 241 2.49 -21.69 25.23
C LEU B 241 1.07 -21.47 24.72
N GLY B 242 0.07 -21.75 25.56
CA GLY B 242 -1.31 -21.66 25.13
C GLY B 242 -1.64 -20.30 24.56
N ILE B 243 -1.20 -19.24 25.25
CA ILE B 243 -1.57 -17.90 24.82
C ILE B 243 -0.71 -17.47 23.64
N THR B 244 0.55 -17.89 23.58
CA THR B 244 1.38 -17.44 22.47
C THR B 244 0.89 -18.09 21.18
N VAL B 245 0.24 -19.25 21.29
CA VAL B 245 -0.30 -19.89 20.11
C VAL B 245 -1.67 -19.33 19.78
N LEU B 246 -2.45 -18.92 20.80
CA LEU B 246 -3.76 -18.37 20.49
C LEU B 246 -3.57 -17.06 19.75
N LEU B 247 -2.65 -16.22 20.25
CA LEU B 247 -2.35 -14.96 19.56
C LEU B 247 -1.72 -15.20 18.20
N SER B 248 -0.94 -16.28 18.05
CA SER B 248 -0.32 -16.50 16.75
C SER B 248 -1.39 -16.85 15.72
N LEU B 249 -2.42 -17.59 16.13
CA LEU B 249 -3.46 -17.97 15.19
C LEU B 249 -4.20 -16.77 14.61
N THR B 250 -4.20 -15.62 15.31
CA THR B 250 -4.76 -14.38 14.77
C THR B 250 -4.11 -13.89 13.49
N VAL B 251 -2.80 -14.09 13.36
CA VAL B 251 -2.03 -13.78 12.16
C VAL B 251 -2.76 -14.23 10.90
N PHE B 252 -3.13 -15.50 10.91
CA PHE B 252 -3.82 -16.07 9.77
C PHE B 252 -5.11 -15.32 9.48
N MET B 253 -5.86 -14.94 10.51
CA MET B 253 -7.04 -14.15 10.26
C MET B 253 -6.69 -12.77 9.72
N LEU B 254 -5.50 -12.24 10.02
CA LEU B 254 -5.17 -10.94 9.45
C LEU B 254 -4.93 -11.06 7.95
N LEU B 255 -4.41 -12.21 7.52
CA LEU B 255 -4.09 -12.31 6.10
C LEU B 255 -5.33 -12.69 5.31
N VAL B 256 -6.13 -13.56 5.94
CA VAL B 256 -7.43 -13.92 5.40
C VAL B 256 -8.27 -12.65 5.25
N ALA B 257 -8.19 -11.73 6.21
CA ALA B 257 -9.00 -10.53 6.18
C ALA B 257 -8.50 -9.53 5.15
N GLU B 258 -7.19 -9.38 4.99
CA GLU B 258 -6.71 -8.48 3.94
C GLU B 258 -6.93 -9.02 2.54
N ILE B 259 -7.27 -10.29 2.36
CA ILE B 259 -7.62 -10.80 1.01
C ILE B 259 -9.12 -10.77 0.76
N MET B 260 -10.03 -11.03 1.83
CA MET B 260 -11.45 -11.22 1.59
C MET B 260 -12.27 -9.92 1.70
N PRO B 261 -13.34 -9.77 0.91
CA PRO B 261 -14.13 -8.54 0.97
C PRO B 261 -14.81 -8.42 2.33
N ALA B 262 -15.43 -7.27 2.56
CA ALA B 262 -16.09 -6.98 3.83
C ALA B 262 -17.59 -7.19 3.76
N THR B 263 -18.07 -8.00 2.82
CA THR B 263 -19.49 -8.30 2.75
C THR B 263 -19.95 -9.06 3.98
N SER B 264 -21.24 -8.90 4.30
CA SER B 264 -21.94 -9.66 5.32
C SER B 264 -22.93 -10.64 4.70
N ASP B 265 -22.81 -10.91 3.40
CA ASP B 265 -23.69 -11.87 2.74
C ASP B 265 -23.65 -13.24 3.39
N SER B 266 -22.47 -13.66 3.84
CA SER B 266 -22.31 -15.01 4.36
C SER B 266 -20.99 -15.07 5.09
N VAL B 267 -20.78 -16.17 5.81
CA VAL B 267 -19.55 -16.39 6.58
C VAL B 267 -18.66 -17.30 5.74
N PRO B 268 -17.47 -16.87 5.33
CA PRO B 268 -16.60 -17.74 4.55
C PRO B 268 -16.25 -19.02 5.28
N LEU B 269 -16.18 -20.13 4.52
CA LEU B 269 -15.79 -21.41 5.09
C LEU B 269 -14.44 -21.33 5.79
N ILE B 270 -13.49 -20.63 5.18
CA ILE B 270 -12.19 -20.43 5.82
C ILE B 270 -12.37 -19.71 7.15
N ALA B 271 -13.25 -18.71 7.19
CA ALA B 271 -13.52 -18.00 8.44
C ALA B 271 -14.14 -18.92 9.47
N GLN B 272 -15.09 -19.77 9.07
CA GLN B 272 -15.70 -20.68 10.03
C GLN B 272 -14.66 -21.63 10.61
N TYR B 273 -13.80 -22.18 9.76
CA TYR B 273 -12.81 -23.12 10.27
C TYR B 273 -11.82 -22.42 11.20
N PHE B 274 -11.33 -21.24 10.82
CA PHE B 274 -10.39 -20.53 11.70
C PHE B 274 -11.06 -20.16 13.02
N ALA B 275 -12.31 -19.70 12.97
CA ALA B 275 -13.01 -19.36 14.20
C ALA B 275 -13.16 -20.57 15.09
N SER B 276 -13.51 -21.72 14.51
CA SER B 276 -13.64 -22.92 15.33
C SER B 276 -12.30 -23.34 15.92
N THR B 277 -11.22 -23.21 15.14
CA THR B 277 -9.90 -23.56 15.64
C THR B 277 -9.48 -22.65 16.79
N MET B 278 -9.68 -21.34 16.64
CA MET B 278 -9.32 -20.43 17.72
C MET B 278 -10.20 -20.62 18.94
N ILE B 279 -11.50 -20.91 18.74
CA ILE B 279 -12.36 -21.18 19.89
C ILE B 279 -11.91 -22.45 20.59
N ILE B 280 -11.45 -23.44 19.83
CA ILE B 280 -10.93 -24.66 20.45
C ILE B 280 -9.68 -24.36 21.26
N VAL B 281 -8.79 -23.52 20.73
CA VAL B 281 -7.60 -23.15 21.48
C VAL B 281 -7.96 -22.35 22.72
N GLY B 282 -8.98 -21.49 22.61
CA GLY B 282 -9.40 -20.73 23.78
C GLY B 282 -10.01 -21.62 24.85
N LEU B 283 -10.80 -22.60 24.44
CA LEU B 283 -11.30 -23.58 25.39
C LEU B 283 -10.18 -24.42 25.97
N SER B 284 -9.11 -24.66 25.20
CA SER B 284 -7.94 -25.32 25.76
C SER B 284 -7.30 -24.47 26.84
N VAL B 285 -7.17 -23.17 26.60
CA VAL B 285 -6.61 -22.27 27.62
C VAL B 285 -7.51 -22.24 28.86
N VAL B 286 -8.83 -22.25 28.67
CA VAL B 286 -9.72 -22.26 29.83
C VAL B 286 -9.56 -23.56 30.62
N VAL B 287 -9.52 -24.69 29.91
CA VAL B 287 -9.27 -25.96 30.57
C VAL B 287 -7.92 -25.91 31.28
N THR B 288 -6.95 -25.23 30.69
CA THR B 288 -5.63 -25.13 31.31
C THR B 288 -5.72 -24.39 32.64
N VAL B 289 -6.55 -23.34 32.70
CA VAL B 289 -6.67 -22.59 33.95
C VAL B 289 -7.37 -23.43 35.02
N ILE B 290 -8.40 -24.20 34.65
CA ILE B 290 -8.97 -25.13 35.64
C ILE B 290 -7.95 -26.19 36.07
N VAL B 291 -7.15 -26.70 35.14
CA VAL B 291 -6.11 -27.66 35.52
C VAL B 291 -5.12 -27.01 36.48
N LEU B 292 -4.71 -25.78 36.22
CA LEU B 292 -3.76 -25.13 37.13
C LEU B 292 -4.38 -24.90 38.50
N GLN B 293 -5.65 -24.53 38.55
CA GLN B 293 -6.33 -24.40 39.84
C GLN B 293 -6.38 -25.74 40.56
N TYR B 294 -6.63 -26.83 39.85
CA TYR B 294 -6.58 -28.15 40.48
C TYR B 294 -5.18 -28.45 40.97
N HIS B 295 -4.18 -28.18 40.15
CA HIS B 295 -2.80 -28.52 40.50
C HIS B 295 -2.31 -27.68 41.67
N HIS B 296 -2.48 -26.36 41.59
CA HIS B 296 -2.01 -25.45 42.64
C HIS B 296 -3.08 -25.26 43.71
N HIS B 297 -3.63 -26.35 44.22
CA HIS B 297 -4.72 -26.28 45.17
C HIS B 297 -4.15 -26.32 46.58
N ASP B 298 -4.56 -25.38 47.41
CA ASP B 298 -4.04 -25.33 48.78
C ASP B 298 -4.58 -26.50 49.59
N PRO B 299 -3.73 -27.32 50.22
CA PRO B 299 -4.25 -28.52 50.89
C PRO B 299 -5.25 -28.22 51.99
N ASP B 300 -5.06 -27.12 52.73
CA ASP B 300 -5.96 -26.76 53.82
C ASP B 300 -7.17 -25.98 53.34
N GLY B 301 -7.46 -25.97 52.04
CA GLY B 301 -8.69 -25.39 51.54
C GLY B 301 -9.85 -26.37 51.65
N GLY B 302 -10.68 -26.41 50.62
CA GLY B 302 -11.80 -27.32 50.62
C GLY B 302 -11.37 -28.77 50.48
N LYS B 303 -12.23 -29.66 50.98
CA LYS B 303 -12.01 -31.09 50.81
C LYS B 303 -12.42 -31.47 49.38
N MET B 304 -11.84 -32.56 48.88
CA MET B 304 -12.09 -32.94 47.50
C MET B 304 -13.53 -33.44 47.33
N PRO B 305 -14.33 -32.85 46.43
CA PRO B 305 -15.72 -33.30 46.27
C PRO B 305 -15.81 -34.77 45.87
N LYS B 306 -16.79 -35.46 46.46
CA LYS B 306 -17.04 -36.86 46.12
C LYS B 306 -17.23 -37.08 44.63
N TRP B 307 -18.12 -36.30 44.00
CA TRP B 307 -18.31 -36.35 42.55
C TRP B 307 -16.97 -36.25 41.82
N THR B 308 -16.16 -35.25 42.19
CA THR B 308 -14.84 -35.13 41.58
C THR B 308 -14.00 -36.37 41.89
N ARG B 309 -14.09 -36.89 43.12
CA ARG B 309 -13.23 -37.97 43.54
C ARG B 309 -13.56 -39.29 42.83
N VAL B 310 -14.76 -39.44 42.28
CA VAL B 310 -15.11 -40.65 41.51
C VAL B 310 -15.02 -40.40 40.01
N ILE B 311 -15.59 -39.28 39.53
CA ILE B 311 -15.65 -38.99 38.10
C ILE B 311 -14.27 -38.81 37.50
N LEU B 312 -13.25 -38.48 38.31
CA LEU B 312 -11.90 -38.24 37.81
C LEU B 312 -10.88 -39.23 38.31
N LEU B 313 -10.89 -39.59 39.59
CA LEU B 313 -9.85 -40.47 40.13
C LEU B 313 -10.19 -41.95 40.03
N ASN B 314 -11.45 -42.32 39.76
CA ASN B 314 -11.86 -43.72 39.71
C ASN B 314 -12.28 -44.18 38.32
N TRP B 315 -13.27 -43.53 37.70
CA TRP B 315 -13.79 -44.03 36.43
C TRP B 315 -12.86 -43.64 35.29
N CYS B 316 -12.64 -42.34 35.11
CA CYS B 316 -11.70 -41.88 34.08
C CYS B 316 -10.31 -42.44 34.31
N ALA B 317 -9.87 -42.54 35.57
CA ALA B 317 -8.57 -43.11 35.86
C ALA B 317 -8.47 -44.55 35.37
N TRP B 318 -9.54 -45.32 35.52
CA TRP B 318 -9.53 -46.71 35.10
C TRP B 318 -9.64 -46.84 33.58
N PHE B 319 -10.47 -46.00 32.96
CA PHE B 319 -10.64 -46.08 31.51
C PHE B 319 -9.32 -45.85 30.78
N LEU B 320 -8.53 -44.90 31.22
CA LEU B 320 -7.32 -44.50 30.49
C LEU B 320 -6.15 -45.36 30.93
N ARG B 496 4.45 -35.42 59.84
CA ARG B 496 3.32 -36.24 59.42
C ARG B 496 2.19 -35.38 58.85
N CYS B 497 1.95 -34.21 59.43
CA CYS B 497 0.96 -33.30 58.87
C CYS B 497 1.37 -32.86 57.48
N GLN B 498 2.67 -32.56 57.27
CA GLN B 498 3.14 -32.27 55.93
C GLN B 498 2.99 -33.49 55.03
N ASP B 499 3.20 -34.68 55.57
CA ASP B 499 3.02 -35.89 54.76
C ASP B 499 1.57 -36.01 54.35
N GLU B 500 0.65 -35.98 55.32
CA GLU B 500 -0.75 -36.16 55.00
C GLU B 500 -1.25 -34.98 54.17
N SER B 501 -0.70 -33.78 54.39
CA SER B 501 -1.07 -32.69 53.52
C SER B 501 -0.50 -32.90 52.13
N GLU B 502 0.65 -33.56 52.04
CA GLU B 502 1.28 -33.77 50.74
C GLU B 502 0.40 -34.70 49.92
N ALA B 503 -0.18 -35.70 50.58
CA ALA B 503 -0.94 -36.71 49.87
C ALA B 503 -2.26 -36.16 49.36
N VAL B 504 -2.90 -35.24 50.10
CA VAL B 504 -4.11 -34.65 49.55
C VAL B 504 -3.72 -33.86 48.30
N CYS B 505 -2.61 -33.12 48.37
CA CYS B 505 -2.22 -32.30 47.24
C CYS B 505 -1.78 -33.20 46.10
N SER B 506 -1.28 -34.39 46.42
CA SER B 506 -0.91 -35.38 45.41
C SER B 506 -2.13 -35.77 44.59
N GLU B 507 -3.18 -36.24 45.28
CA GLU B 507 -4.47 -36.54 44.66
C GLU B 507 -4.88 -35.44 43.69
N TRP B 508 -4.78 -34.17 44.11
CA TRP B 508 -5.14 -33.09 43.20
C TRP B 508 -4.23 -33.08 41.98
N LYS B 509 -2.92 -33.27 42.16
CA LYS B 509 -2.03 -33.31 40.99
C LYS B 509 -2.44 -34.43 40.04
N PHE B 510 -2.73 -35.62 40.57
CA PHE B 510 -3.24 -36.69 39.74
C PHE B 510 -4.52 -36.29 39.01
N ALA B 511 -5.45 -35.62 39.70
CA ALA B 511 -6.69 -35.21 39.05
C ALA B 511 -6.41 -34.22 37.95
N ALA B 512 -5.46 -33.31 38.16
CA ALA B 512 -5.04 -32.42 37.10
C ALA B 512 -4.49 -33.20 35.91
N CYS B 513 -3.77 -34.30 36.18
CA CYS B 513 -3.25 -35.12 35.09
C CYS B 513 -4.37 -35.86 34.35
N VAL B 514 -5.37 -36.35 35.08
CA VAL B 514 -6.49 -37.04 34.43
C VAL B 514 -7.28 -36.07 33.56
N VAL B 515 -7.53 -34.85 34.06
CA VAL B 515 -8.24 -33.86 33.27
C VAL B 515 -7.45 -33.52 32.01
N ASP B 516 -6.13 -33.36 32.14
CA ASP B 516 -5.28 -33.12 30.98
C ASP B 516 -5.43 -34.22 29.94
N ARG B 517 -5.37 -35.48 30.38
CA ARG B 517 -5.40 -36.59 29.44
C ARG B 517 -6.78 -36.69 28.78
N LEU B 518 -7.84 -36.63 29.59
CA LEU B 518 -9.20 -36.63 29.05
C LEU B 518 -9.40 -35.51 28.04
N CYS B 519 -8.93 -34.31 28.36
CA CYS B 519 -9.14 -33.17 27.49
C CYS B 519 -8.25 -33.20 26.26
N LEU B 520 -7.05 -33.78 26.36
CA LEU B 520 -6.27 -34.06 25.16
C LEU B 520 -7.07 -34.90 24.19
N MET B 521 -7.64 -36.00 24.66
CA MET B 521 -8.44 -36.87 23.80
C MET B 521 -9.62 -36.11 23.22
N ALA B 522 -10.37 -35.39 24.07
CA ALA B 522 -11.58 -34.73 23.60
C ALA B 522 -11.26 -33.60 22.62
N PHE B 523 -10.23 -32.80 22.90
CA PHE B 523 -9.92 -31.68 22.03
C PHE B 523 -9.35 -32.17 20.71
N SER B 524 -8.57 -33.25 20.74
CA SER B 524 -8.12 -33.88 19.51
C SER B 524 -9.31 -34.33 18.66
N VAL B 525 -10.28 -34.99 19.26
CA VAL B 525 -11.43 -35.47 18.49
C VAL B 525 -12.19 -34.30 17.87
N PHE B 526 -12.44 -33.23 18.64
CA PHE B 526 -13.13 -32.09 18.05
C PHE B 526 -12.35 -31.46 16.91
N THR B 527 -11.04 -31.28 17.09
CA THR B 527 -10.26 -30.66 16.02
C THR B 527 -10.33 -31.49 14.75
N ILE B 528 -10.09 -32.81 14.86
CA ILE B 528 -10.19 -33.69 13.69
C ILE B 528 -11.60 -33.64 13.11
N ILE B 529 -12.61 -33.83 13.96
CA ILE B 529 -14.00 -33.77 13.51
C ILE B 529 -14.30 -32.42 12.87
N CYS B 530 -14.21 -31.34 13.66
CA CYS B 530 -14.55 -29.99 13.19
C CYS B 530 -13.89 -29.67 11.85
N THR B 531 -12.58 -29.86 11.73
CA THR B 531 -11.91 -29.51 10.48
C THR B 531 -12.41 -30.38 9.33
N ILE B 532 -12.59 -31.68 9.56
CA ILE B 532 -13.07 -32.56 8.50
C ILE B 532 -14.51 -32.20 8.15
N GLY B 533 -15.41 -32.27 9.14
CA GLY B 533 -16.79 -31.86 9.00
C GLY B 533 -16.99 -30.53 8.28
N ILE B 534 -16.17 -29.55 8.62
CA ILE B 534 -16.25 -28.25 7.96
C ILE B 534 -15.71 -28.34 6.53
N LEU B 535 -14.54 -28.95 6.36
CA LEU B 535 -13.92 -29.00 5.03
C LEU B 535 -14.71 -29.88 4.07
N MET B 536 -15.24 -31.01 4.53
CA MET B 536 -16.06 -31.82 3.64
C MET B 536 -17.47 -31.27 3.48
N SER B 537 -17.81 -30.17 4.13
CA SER B 537 -19.07 -29.51 3.83
C SER B 537 -19.03 -28.76 2.51
N ALA B 538 -17.85 -28.49 1.96
CA ALA B 538 -17.76 -27.78 0.69
C ALA B 538 -18.13 -28.74 -0.44
N PRO B 539 -19.05 -28.38 -1.34
CA PRO B 539 -19.34 -29.28 -2.47
C PRO B 539 -18.14 -29.54 -3.37
N ASN B 540 -17.12 -28.68 -3.35
CA ASN B 540 -15.97 -28.79 -4.24
C ASN B 540 -14.72 -29.32 -3.53
N PHE B 541 -14.88 -29.94 -2.36
CA PHE B 541 -13.70 -30.35 -1.61
C PHE B 541 -13.04 -31.58 -2.24
N VAL B 542 -13.84 -32.61 -2.55
CA VAL B 542 -13.27 -33.84 -3.10
C VAL B 542 -12.55 -33.56 -4.41
N GLU B 543 -13.18 -32.79 -5.29
CA GLU B 543 -12.57 -32.47 -6.57
C GLU B 543 -11.32 -31.61 -6.38
N ALA B 544 -11.39 -30.62 -5.49
CA ALA B 544 -10.23 -29.77 -5.24
C ALA B 544 -9.04 -30.58 -4.74
N VAL B 545 -9.25 -31.46 -3.75
CA VAL B 545 -8.16 -32.28 -3.24
C VAL B 545 -7.60 -33.17 -4.35
N SER B 546 -8.48 -33.90 -5.05
CA SER B 546 -8.01 -34.87 -6.02
C SER B 546 -7.25 -34.21 -7.17
N LYS B 547 -7.76 -33.07 -7.66
CA LYS B 547 -7.13 -32.40 -8.79
C LYS B 547 -5.90 -31.59 -8.40
N ASP B 548 -5.87 -31.01 -7.20
CA ASP B 548 -4.80 -30.09 -6.83
C ASP B 548 -3.71 -30.70 -5.97
N PHE B 549 -4.05 -31.52 -5.00
CA PHE B 549 -3.01 -32.01 -4.11
C PHE B 549 -2.48 -33.28 -4.72
N GLU C 1 -29.23 5.50 -47.07
CA GLU C 1 -29.70 6.51 -48.08
C GLU C 1 -30.33 7.67 -47.33
N PHE C 2 -31.46 7.41 -46.66
CA PHE C 2 -32.17 8.47 -45.95
C PHE C 2 -31.42 8.89 -44.70
N GLN C 3 -30.74 7.96 -44.04
CA GLN C 3 -30.05 8.29 -42.81
C GLN C 3 -28.81 9.13 -43.10
N ARG C 4 -28.16 8.88 -44.23
CA ARG C 4 -27.07 9.74 -44.70
C ARG C 4 -27.57 11.16 -44.92
N LYS C 5 -28.68 11.32 -45.64
CA LYS C 5 -29.25 12.64 -45.88
C LYS C 5 -29.59 13.33 -44.57
N LEU C 6 -30.18 12.61 -43.61
CA LEU C 6 -30.55 13.22 -42.35
C LEU C 6 -29.33 13.71 -41.58
N TYR C 7 -28.28 12.90 -41.53
CA TYR C 7 -27.07 13.33 -40.83
C TYR C 7 -26.45 14.54 -41.51
N LYS C 8 -26.54 14.61 -42.83
CA LYS C 8 -26.00 15.77 -43.54
C LYS C 8 -26.85 17.00 -43.33
N GLU C 9 -28.16 16.82 -43.14
CA GLU C 9 -29.09 17.95 -43.03
C GLU C 9 -29.23 18.45 -41.61
N LEU C 10 -29.04 17.60 -40.61
CA LEU C 10 -29.17 18.06 -39.22
C LEU C 10 -28.01 18.92 -38.78
N VAL C 11 -26.87 18.85 -39.46
CA VAL C 11 -25.65 19.53 -39.05
C VAL C 11 -25.38 20.78 -39.88
N LYS C 12 -26.35 21.23 -40.67
CA LYS C 12 -26.16 22.42 -41.49
C LYS C 12 -26.47 23.64 -40.63
N ASN C 13 -25.44 24.46 -40.39
CA ASN C 13 -25.50 25.65 -39.53
C ASN C 13 -25.57 25.32 -38.04
N TYR C 14 -25.68 24.03 -37.68
CA TYR C 14 -25.75 23.67 -36.28
C TYR C 14 -24.45 24.04 -35.57
N ASN C 15 -24.58 24.68 -34.41
CA ASN C 15 -23.46 25.14 -33.61
C ASN C 15 -23.58 24.48 -32.24
N PRO C 16 -22.68 23.61 -31.80
CA PRO C 16 -22.84 23.00 -30.47
C PRO C 16 -22.68 23.97 -29.30
N LEU C 17 -22.36 25.23 -29.55
CA LEU C 17 -22.28 26.24 -28.50
C LEU C 17 -23.63 26.84 -28.17
N GLU C 18 -24.66 26.58 -28.97
CA GLU C 18 -25.96 27.21 -28.81
C GLU C 18 -26.87 26.33 -27.97
N ARG C 19 -27.28 26.83 -26.81
CA ARG C 19 -28.40 26.27 -26.08
C ARG C 19 -29.59 26.09 -27.03
N PRO C 20 -30.09 24.84 -27.25
CA PRO C 20 -31.02 24.66 -28.37
C PRO C 20 -32.47 24.99 -28.02
N VAL C 21 -32.72 26.29 -27.87
CA VAL C 21 -34.05 26.80 -27.55
C VAL C 21 -34.56 27.59 -28.74
N ALA C 22 -35.88 27.55 -28.94
CA ALA C 22 -36.49 28.37 -29.98
C ALA C 22 -36.58 29.82 -29.53
N ASN C 23 -37.20 30.06 -28.38
CA ASN C 23 -37.17 31.35 -27.73
C ASN C 23 -35.96 31.40 -26.80
N ASP C 24 -35.13 32.43 -26.97
CA ASP C 24 -33.95 32.59 -26.13
C ASP C 24 -34.29 33.05 -24.72
N SER C 25 -35.43 33.74 -24.54
CA SER C 25 -35.77 34.27 -23.23
C SER C 25 -36.28 33.20 -22.28
N GLN C 26 -36.85 32.11 -22.81
CA GLN C 26 -37.35 31.05 -21.94
C GLN C 26 -36.23 30.10 -21.57
N PRO C 27 -36.14 29.62 -20.33
CA PRO C 27 -35.11 28.63 -20.00
C PRO C 27 -35.42 27.28 -20.62
N LEU C 28 -34.35 26.51 -20.84
CA LEU C 28 -34.48 25.14 -21.32
C LEU C 28 -34.68 24.20 -20.14
N THR C 29 -35.70 23.35 -20.23
CA THR C 29 -36.01 22.40 -19.17
C THR C 29 -35.30 21.08 -19.45
N VAL C 30 -34.44 20.68 -18.53
CA VAL C 30 -33.66 19.45 -18.64
C VAL C 30 -34.01 18.58 -17.44
N TYR C 31 -34.50 17.37 -17.71
CA TYR C 31 -34.89 16.44 -16.67
C TYR C 31 -33.67 15.61 -16.28
N PHE C 32 -33.28 15.69 -15.01
CA PHE C 32 -32.11 15.01 -14.50
C PHE C 32 -32.49 13.93 -13.52
N SER C 33 -31.77 12.82 -13.57
CA SER C 33 -31.91 11.75 -12.58
C SER C 33 -30.66 10.89 -12.69
N LEU C 34 -30.64 9.79 -11.93
CA LEU C 34 -29.54 8.86 -11.99
C LEU C 34 -30.04 7.46 -11.65
N SER C 35 -29.35 6.47 -12.19
CA SER C 35 -29.55 5.07 -11.85
C SER C 35 -28.33 4.62 -11.06
N LEU C 36 -28.54 4.29 -9.79
CA LEU C 36 -27.46 3.85 -8.90
C LEU C 36 -27.28 2.35 -9.10
N LEU C 37 -26.21 1.98 -9.82
CA LEU C 37 -25.99 0.58 -10.13
C LEU C 37 -25.27 -0.17 -9.01
N GLN C 38 -24.35 0.48 -8.30
CA GLN C 38 -23.61 -0.22 -7.26
C GLN C 38 -22.83 0.78 -6.42
N ILE C 39 -22.70 0.47 -5.15
CA ILE C 39 -21.81 1.19 -4.25
C ILE C 39 -20.56 0.33 -4.10
N MET C 40 -19.54 0.61 -4.91
CA MET C 40 -18.36 -0.23 -4.90
C MET C 40 -17.54 -0.02 -3.64
N ASP C 41 -17.33 1.24 -3.25
CA ASP C 41 -16.46 1.56 -2.15
C ASP C 41 -16.99 2.77 -1.40
N VAL C 42 -16.84 2.71 -0.08
CA VAL C 42 -17.09 3.85 0.82
C VAL C 42 -15.78 3.98 1.59
N ASP C 43 -14.87 4.81 1.10
CA ASP C 43 -13.55 4.95 1.72
C ASP C 43 -13.69 5.89 2.90
N GLU C 44 -13.91 5.31 4.08
CA GLU C 44 -14.10 6.14 5.26
C GLU C 44 -12.81 6.84 5.64
N LYS C 45 -11.65 6.25 5.36
CA LYS C 45 -10.40 6.88 5.75
C LYS C 45 -10.18 8.20 5.03
N ASN C 46 -10.50 8.25 3.74
CA ASN C 46 -10.38 9.47 2.95
C ASN C 46 -11.68 10.25 2.86
N GLN C 47 -12.79 9.74 3.40
CA GLN C 47 -14.08 10.39 3.29
C GLN C 47 -14.49 10.56 1.84
N VAL C 48 -14.53 9.43 1.14
CA VAL C 48 -14.81 9.38 -0.29
C VAL C 48 -15.81 8.26 -0.54
N LEU C 49 -16.58 8.41 -1.61
CA LEU C 49 -17.61 7.46 -2.00
C LEU C 49 -17.50 7.20 -3.49
N THR C 50 -17.12 5.99 -3.86
CA THR C 50 -17.00 5.57 -5.24
C THR C 50 -18.21 4.72 -5.59
N THR C 51 -18.99 5.17 -6.58
CA THR C 51 -20.23 4.53 -6.96
C THR C 51 -20.32 4.43 -8.48
N ASN C 52 -20.90 3.34 -8.97
CA ASN C 52 -21.23 3.22 -10.38
C ASN C 52 -22.60 3.84 -10.58
N ILE C 53 -22.66 4.91 -11.36
CA ILE C 53 -23.87 5.68 -11.56
C ILE C 53 -24.04 5.86 -13.06
N TRP C 54 -25.26 5.62 -13.56
CA TRP C 54 -25.65 6.00 -14.90
C TRP C 54 -26.53 7.23 -14.76
N LEU C 55 -25.94 8.40 -14.97
CA LEU C 55 -26.71 9.63 -15.00
C LEU C 55 -27.73 9.56 -16.12
N GLN C 56 -28.87 10.23 -15.94
CA GLN C 56 -29.90 10.31 -16.97
C GLN C 56 -30.27 11.77 -17.17
N MET C 57 -30.01 12.28 -18.38
CA MET C 57 -30.34 13.64 -18.76
C MET C 57 -31.16 13.58 -20.04
N SER C 58 -32.35 14.18 -20.02
CA SER C 58 -33.23 14.23 -21.18
C SER C 58 -33.69 15.67 -21.40
N TRP C 59 -33.67 16.11 -22.65
CA TRP C 59 -34.10 17.46 -22.97
C TRP C 59 -34.66 17.48 -24.39
N THR C 60 -34.90 18.69 -24.90
CA THR C 60 -35.55 18.89 -26.20
C THR C 60 -34.71 19.86 -27.02
N ASP C 61 -34.13 19.37 -28.11
CA ASP C 61 -33.36 20.19 -29.04
C ASP C 61 -34.28 20.68 -30.15
N HIS C 62 -34.50 21.99 -30.20
CA HIS C 62 -35.41 22.58 -31.18
C HIS C 62 -34.95 22.35 -32.62
N TYR C 63 -33.67 22.08 -32.84
CA TYR C 63 -33.13 22.06 -34.19
C TYR C 63 -33.06 20.66 -34.81
N LEU C 64 -33.06 19.61 -33.99
CA LEU C 64 -32.94 18.24 -34.48
C LEU C 64 -34.31 17.58 -34.59
N GLN C 65 -35.15 18.13 -35.47
CA GLN C 65 -36.50 17.66 -35.70
C GLN C 65 -36.69 17.34 -37.18
N TRP C 66 -37.38 16.24 -37.46
CA TRP C 66 -37.59 15.80 -38.84
C TRP C 66 -38.87 14.99 -38.93
N ASN C 67 -39.38 14.86 -40.16
CA ASN C 67 -40.42 13.89 -40.46
C ASN C 67 -39.84 12.49 -40.61
N VAL C 68 -40.42 11.52 -39.89
CA VAL C 68 -40.12 10.13 -40.17
C VAL C 68 -40.81 9.68 -41.45
N SER C 69 -41.83 10.43 -41.90
CA SER C 69 -42.48 10.11 -43.17
C SER C 69 -41.59 10.44 -44.35
N GLU C 70 -40.77 11.48 -44.24
CA GLU C 70 -39.87 11.89 -45.30
C GLU C 70 -38.51 11.20 -45.21
N TYR C 71 -38.23 10.50 -44.10
CA TYR C 71 -36.99 9.77 -43.90
C TYR C 71 -37.36 8.39 -43.36
N PRO C 72 -38.03 7.58 -44.19
CA PRO C 72 -38.66 6.34 -43.68
C PRO C 72 -37.67 5.40 -43.01
N GLY C 73 -38.09 4.86 -41.86
CA GLY C 73 -37.29 3.96 -41.08
C GLY C 73 -36.27 4.63 -40.18
N VAL C 74 -36.11 5.95 -40.26
CA VAL C 74 -35.11 6.68 -39.49
C VAL C 74 -35.88 7.39 -38.38
N LYS C 75 -35.98 6.72 -37.23
CA LYS C 75 -36.72 7.23 -36.08
C LYS C 75 -35.83 7.74 -34.96
N THR C 76 -34.54 7.42 -34.97
CA THR C 76 -33.61 7.91 -33.96
C THR C 76 -32.28 8.24 -34.61
N VAL C 77 -31.57 9.18 -34.01
CA VAL C 77 -30.26 9.61 -34.45
C VAL C 77 -29.35 9.64 -33.22
N ARG C 78 -28.05 9.44 -33.45
CA ARG C 78 -27.06 9.43 -32.39
C ARG C 78 -25.94 10.40 -32.75
N PHE C 79 -25.58 11.26 -31.79
CA PHE C 79 -24.49 12.22 -31.96
C PHE C 79 -23.44 12.05 -30.87
N PRO C 80 -22.13 12.19 -31.18
CA PRO C 80 -21.11 11.99 -30.15
C PRO C 80 -20.78 13.27 -29.40
N ASP C 81 -19.85 13.18 -28.46
CA ASP C 81 -19.41 14.34 -27.70
C ASP C 81 -18.77 15.37 -28.63
N GLY C 82 -19.19 16.63 -28.48
CA GLY C 82 -18.57 17.73 -29.18
C GLY C 82 -19.19 18.09 -30.51
N GLN C 83 -20.13 17.29 -31.00
CA GLN C 83 -20.87 17.59 -32.22
C GLN C 83 -22.29 18.10 -31.94
N ILE C 84 -22.70 18.13 -30.67
CA ILE C 84 -24.04 18.52 -30.28
C ILE C 84 -23.96 19.25 -28.95
N TRP C 85 -24.94 20.11 -28.69
CA TRP C 85 -25.02 20.77 -27.40
C TRP C 85 -25.46 19.78 -26.34
N LYS C 86 -24.86 19.89 -25.15
CA LYS C 86 -25.14 19.02 -24.04
C LYS C 86 -25.16 19.86 -22.77
N PRO C 87 -25.94 19.47 -21.76
CA PRO C 87 -25.93 20.23 -20.51
C PRO C 87 -24.67 19.92 -19.72
N ASP C 88 -23.98 20.98 -19.28
CA ASP C 88 -22.73 20.83 -18.54
C ASP C 88 -22.99 20.55 -17.06
N ILE C 89 -23.74 19.47 -16.81
CA ILE C 89 -24.09 19.12 -15.44
C ILE C 89 -22.87 18.40 -14.87
N LEU C 90 -22.45 18.81 -13.68
CA LEU C 90 -21.26 18.24 -13.05
C LEU C 90 -21.52 18.03 -11.57
N LEU C 91 -20.81 17.07 -10.99
CA LEU C 91 -20.94 16.75 -9.57
C LEU C 91 -20.07 17.73 -8.81
N TYR C 92 -20.71 18.66 -8.09
CA TYR C 92 -19.97 19.73 -7.42
C TYR C 92 -19.03 19.17 -6.37
N ASN C 93 -19.52 18.29 -5.50
CA ASN C 93 -18.69 17.74 -4.43
C ASN C 93 -17.95 16.48 -4.91
N SER C 94 -17.20 16.67 -5.99
CA SER C 94 -16.36 15.60 -6.51
C SER C 94 -15.10 15.45 -5.66
N ALA C 95 -14.60 14.22 -5.60
CA ALA C 95 -13.28 13.91 -5.05
C ALA C 95 -12.35 13.29 -6.08
N ASP C 96 -12.79 13.17 -7.33
CA ASP C 96 -11.97 12.54 -8.36
C ASP C 96 -10.95 13.54 -8.89
N GLU C 97 -9.74 13.05 -9.16
CA GLU C 97 -8.64 13.94 -9.55
C GLU C 97 -8.93 14.73 -10.83
N ARG C 98 -9.64 14.14 -11.79
CA ARG C 98 -10.04 14.88 -12.98
C ARG C 98 -11.35 15.64 -12.78
N PHE C 99 -12.06 15.39 -11.67
CA PHE C 99 -13.28 16.07 -11.26
C PHE C 99 -14.50 15.69 -12.12
N ASP C 100 -14.29 14.93 -13.20
CA ASP C 100 -15.39 14.54 -14.09
C ASP C 100 -15.17 13.07 -14.45
N ALA C 101 -15.74 12.18 -13.64
CA ALA C 101 -15.57 10.75 -13.87
C ALA C 101 -16.48 10.23 -14.97
N THR C 102 -17.40 11.06 -15.47
CA THR C 102 -18.36 10.61 -16.46
C THR C 102 -17.65 10.19 -17.75
N PHE C 103 -18.12 9.11 -18.35
CA PHE C 103 -17.64 8.64 -19.64
C PHE C 103 -18.62 9.10 -20.71
N HIS C 104 -18.10 9.80 -21.72
CA HIS C 104 -18.95 10.45 -22.70
C HIS C 104 -19.39 9.45 -23.74
N THR C 105 -20.71 9.29 -23.87
CA THR C 105 -21.33 8.37 -24.81
C THR C 105 -22.17 9.16 -25.79
N ASN C 106 -22.86 8.46 -26.69
CA ASN C 106 -23.72 9.11 -27.65
C ASN C 106 -24.97 9.65 -26.96
N VAL C 107 -25.57 10.67 -27.57
CA VAL C 107 -26.88 11.18 -27.18
C VAL C 107 -27.88 10.70 -28.21
N LEU C 108 -28.99 10.14 -27.76
CA LEU C 108 -30.01 9.58 -28.63
C LEU C 108 -31.13 10.58 -28.82
N VAL C 109 -31.39 10.94 -30.07
CA VAL C 109 -32.39 11.94 -30.43
C VAL C 109 -33.42 11.30 -31.33
N ASN C 110 -34.69 11.39 -30.95
CA ASN C 110 -35.80 10.92 -31.76
C ASN C 110 -36.44 12.09 -32.51
N SER C 111 -37.39 11.75 -33.38
CA SER C 111 -37.82 12.69 -34.42
C SER C 111 -38.49 13.94 -33.87
N SER C 112 -39.04 13.90 -32.67
CA SER C 112 -39.65 15.09 -32.08
C SER C 112 -38.62 16.07 -31.52
N GLY C 113 -37.33 15.79 -31.64
CA GLY C 113 -36.30 16.64 -31.08
C GLY C 113 -35.89 16.30 -29.67
N HIS C 114 -36.49 15.27 -29.08
CA HIS C 114 -36.18 14.91 -27.71
CA HIS C 114 -36.19 14.89 -27.70
C HIS C 114 -34.87 14.14 -27.66
N CYS C 115 -33.90 14.68 -26.91
CA CYS C 115 -32.57 14.12 -26.79
C CYS C 115 -32.41 13.47 -25.42
N GLN C 116 -31.67 12.37 -25.39
CA GLN C 116 -31.56 11.52 -24.21
C GLN C 116 -30.12 11.08 -24.10
N TYR C 117 -29.52 11.34 -22.93
CA TYR C 117 -28.08 11.21 -22.73
C TYR C 117 -27.84 10.53 -21.40
N LEU C 118 -27.31 9.30 -21.44
CA LEU C 118 -27.11 8.46 -20.26
C LEU C 118 -25.64 8.07 -20.18
N PRO C 119 -24.77 8.94 -19.66
CA PRO C 119 -23.35 8.61 -19.61
C PRO C 119 -23.03 7.76 -18.39
N PRO C 120 -22.40 6.60 -18.55
CA PRO C 120 -21.98 5.85 -17.37
C PRO C 120 -20.79 6.52 -16.72
N GLY C 121 -20.61 6.24 -15.43
CA GLY C 121 -19.47 6.80 -14.74
C GLY C 121 -19.18 6.18 -13.39
N ILE C 122 -17.90 6.07 -13.06
CA ILE C 122 -17.45 5.64 -11.74
C ILE C 122 -17.23 6.92 -10.95
N PHE C 123 -18.30 7.41 -10.34
CA PHE C 123 -18.24 8.72 -9.69
C PHE C 123 -17.65 8.59 -8.30
N LYS C 124 -16.61 9.37 -8.05
CA LYS C 124 -15.92 9.42 -6.77
C LYS C 124 -16.29 10.76 -6.13
N SER C 125 -17.05 10.71 -5.04
CA SER C 125 -17.66 11.89 -4.45
C SER C 125 -17.18 12.10 -3.02
N SER C 126 -16.99 13.36 -2.67
CA SER C 126 -16.55 13.75 -1.34
C SER C 126 -17.73 13.71 -0.39
N CYS C 127 -17.77 12.70 0.48
CA CYS C 127 -18.86 12.50 1.42
C CYS C 127 -18.36 12.68 2.85
N TYR C 128 -19.09 13.44 3.65
CA TYR C 128 -18.88 13.44 5.09
C TYR C 128 -19.31 12.10 5.66
N ILE C 129 -18.36 11.32 6.15
CA ILE C 129 -18.63 10.01 6.73
C ILE C 129 -18.73 10.19 8.24
N ASP C 130 -19.95 10.10 8.76
CA ASP C 130 -20.17 10.17 10.20
C ASP C 130 -19.78 8.82 10.78
N VAL C 131 -18.65 8.78 11.48
CA VAL C 131 -18.14 7.54 12.05
C VAL C 131 -18.46 7.43 13.55
N ARG C 132 -19.43 8.22 14.03
CA ARG C 132 -19.75 8.19 15.45
C ARG C 132 -20.24 6.83 15.89
N TRP C 133 -21.11 6.22 15.09
CA TRP C 133 -21.77 4.98 15.45
C TRP C 133 -21.14 3.77 14.77
N PHE C 134 -19.95 3.91 14.19
CA PHE C 134 -19.34 2.78 13.49
C PHE C 134 -19.13 1.63 14.47
N PRO C 135 -19.42 0.38 14.08
CA PRO C 135 -19.90 -0.13 12.79
C PRO C 135 -21.38 0.09 12.57
N PHE C 136 -22.09 0.47 13.64
CA PHE C 136 -23.54 0.59 13.54
C PHE C 136 -23.93 1.96 13.01
N ASP C 137 -23.39 2.35 11.85
CA ASP C 137 -23.53 3.70 11.32
C ASP C 137 -24.41 3.71 10.09
N VAL C 138 -25.20 4.77 9.97
CA VAL C 138 -26.02 5.03 8.81
C VAL C 138 -25.48 6.32 8.20
N GLN C 139 -24.99 6.28 6.98
CA GLN C 139 -24.35 7.40 6.33
C GLN C 139 -25.37 8.05 5.41
N HIS C 140 -25.34 9.38 5.35
CA HIS C 140 -26.17 10.16 4.44
C HIS C 140 -25.19 10.93 3.56
N CYS C 141 -24.86 10.33 2.42
CA CYS C 141 -23.88 10.90 1.51
C CYS C 141 -24.61 11.66 0.42
N LYS C 142 -24.24 12.92 0.22
CA LYS C 142 -24.88 13.78 -0.75
C LYS C 142 -24.14 13.71 -2.08
N LEU C 143 -24.90 13.56 -3.16
CA LEU C 143 -24.38 13.69 -4.52
C LEU C 143 -25.09 14.90 -5.12
N LYS C 144 -24.36 15.99 -5.29
CA LYS C 144 -24.92 17.28 -5.68
C LYS C 144 -24.58 17.54 -7.14
N PHE C 145 -25.61 17.55 -7.98
CA PHE C 145 -25.47 17.74 -9.42
C PHE C 145 -26.10 19.06 -9.84
N GLY C 146 -25.38 19.80 -10.67
CA GLY C 146 -25.89 21.05 -11.19
C GLY C 146 -25.08 21.47 -12.39
N SER C 147 -25.70 22.28 -13.24
CA SER C 147 -24.94 22.92 -14.30
C SER C 147 -23.85 23.80 -13.74
N TRP C 148 -22.66 23.71 -14.34
CA TRP C 148 -21.54 24.50 -13.87
C TRP C 148 -21.65 25.96 -14.31
N SER C 149 -22.18 26.22 -15.51
CA SER C 149 -22.16 27.56 -16.08
C SER C 149 -23.54 28.12 -16.40
N TYR C 150 -24.58 27.29 -16.41
CA TYR C 150 -25.93 27.73 -16.76
C TYR C 150 -26.74 27.90 -15.49
N GLY C 151 -27.31 29.08 -15.29
CA GLY C 151 -28.15 29.35 -14.15
C GLY C 151 -29.61 29.00 -14.41
N GLY C 152 -30.44 29.26 -13.40
CA GLY C 152 -31.85 29.00 -13.52
C GLY C 152 -32.51 29.81 -14.62
N TRP C 153 -32.00 31.01 -14.86
CA TRP C 153 -32.55 31.86 -15.91
C TRP C 153 -32.42 31.24 -17.28
N SER C 154 -31.47 30.32 -17.47
CA SER C 154 -31.19 29.69 -18.76
C SER C 154 -31.54 28.21 -18.77
N LEU C 155 -31.04 27.45 -17.80
CA LEU C 155 -31.20 26.00 -17.74
C LEU C 155 -32.03 25.63 -16.53
N ASP C 156 -33.29 25.27 -16.77
CA ASP C 156 -34.25 24.95 -15.71
C ASP C 156 -34.13 23.47 -15.38
N LEU C 157 -33.21 23.14 -14.49
CA LEU C 157 -32.99 21.75 -14.08
C LEU C 157 -34.22 21.24 -13.33
N GLN C 158 -34.69 20.05 -13.71
CA GLN C 158 -35.86 19.43 -13.11
C GLN C 158 -35.54 18.00 -12.70
N MET C 159 -35.97 17.65 -11.48
CA MET C 159 -35.71 16.34 -10.91
C MET C 159 -36.57 15.25 -11.57
N GLN C 160 -36.07 14.02 -11.49
CA GLN C 160 -36.84 12.81 -11.74
C GLN C 160 -36.33 11.76 -10.75
N GLU C 161 -37.25 10.93 -10.27
CA GLU C 161 -36.92 9.99 -9.19
C GLU C 161 -35.87 8.98 -9.64
N ALA C 162 -34.93 8.71 -8.73
CA ALA C 162 -33.80 7.84 -9.05
C ALA C 162 -34.25 6.39 -9.26
N ASP C 163 -33.52 5.70 -10.13
CA ASP C 163 -33.76 4.29 -10.42
C ASP C 163 -32.91 3.41 -9.51
N ILE C 164 -33.55 2.38 -8.95
CA ILE C 164 -32.87 1.37 -8.14
C ILE C 164 -33.13 -0.04 -8.68
N SER C 165 -33.84 -0.13 -9.82
CA SER C 165 -34.22 -1.44 -10.36
C SER C 165 -33.00 -2.27 -10.72
N GLY C 166 -32.02 -1.66 -11.39
CA GLY C 166 -30.81 -2.35 -11.75
C GLY C 166 -29.74 -2.36 -10.68
N TYR C 167 -30.06 -1.91 -9.48
CA TYR C 167 -29.08 -1.91 -8.39
C TYR C 167 -28.71 -3.33 -8.03
N ILE C 168 -27.41 -3.61 -7.95
CA ILE C 168 -26.89 -4.88 -7.47
C ILE C 168 -26.46 -4.67 -6.02
N PRO C 169 -27.01 -5.42 -5.05
CA PRO C 169 -26.56 -5.25 -3.67
C PRO C 169 -25.05 -5.28 -3.50
N ASN C 170 -24.59 -4.71 -2.39
CA ASN C 170 -23.16 -4.57 -2.13
C ASN C 170 -22.66 -5.76 -1.34
N GLY C 171 -23.30 -6.02 -0.19
CA GLY C 171 -22.85 -6.99 0.78
C GLY C 171 -22.35 -6.36 2.07
N GLU C 172 -21.85 -5.12 1.99
CA GLU C 172 -21.40 -4.37 3.15
C GLU C 172 -22.33 -3.22 3.50
N TRP C 173 -23.07 -2.71 2.53
CA TRP C 173 -23.92 -1.54 2.71
C TRP C 173 -25.29 -1.87 2.18
N ASP C 174 -26.31 -1.53 2.95
CA ASP C 174 -27.70 -1.80 2.60
C ASP C 174 -28.35 -0.47 2.29
N LEU C 175 -28.54 -0.20 1.00
CA LEU C 175 -29.18 1.03 0.55
C LEU C 175 -30.54 1.21 1.20
N VAL C 176 -30.68 2.24 2.03
CA VAL C 176 -31.98 2.54 2.63
C VAL C 176 -32.85 3.33 1.68
N GLY C 177 -32.26 4.05 0.74
CA GLY C 177 -33.01 4.93 -0.12
C GLY C 177 -32.09 5.99 -0.70
N ILE C 178 -32.63 6.71 -1.67
CA ILE C 178 -31.89 7.75 -2.36
C ILE C 178 -32.82 8.95 -2.61
N PRO C 179 -33.43 9.53 -1.57
CA PRO C 179 -34.30 10.68 -1.81
C PRO C 179 -33.52 11.84 -2.40
N GLY C 180 -34.18 12.56 -3.30
CA GLY C 180 -33.56 13.68 -3.99
C GLY C 180 -34.34 14.96 -3.76
N LYS C 181 -33.63 16.08 -3.79
CA LYS C 181 -34.20 17.39 -3.50
C LYS C 181 -33.63 18.38 -4.49
N ARG C 182 -34.49 19.26 -4.99
CA ARG C 182 -34.10 20.30 -5.94
C ARG C 182 -34.15 21.65 -5.21
N SER C 183 -33.03 22.36 -5.21
CA SER C 183 -32.89 23.65 -4.54
C SER C 183 -32.37 24.68 -5.55
N GLU C 184 -32.54 25.95 -5.19
CA GLU C 184 -32.16 27.09 -6.04
C GLU C 184 -31.25 28.00 -5.20
N ARG C 185 -29.96 27.72 -5.24
CA ARG C 185 -29.00 28.31 -4.31
C ARG C 185 -28.32 29.51 -4.95
N PHE C 186 -27.84 30.42 -4.09
CA PHE C 186 -27.05 31.57 -4.49
C PHE C 186 -25.61 31.38 -4.04
N TYR C 187 -24.67 31.75 -4.90
CA TYR C 187 -23.24 31.62 -4.63
C TYR C 187 -22.59 33.00 -4.67
N GLU C 188 -21.47 33.11 -3.95
CA GLU C 188 -20.72 34.36 -3.90
C GLU C 188 -19.99 34.70 -5.19
N CYS C 189 -19.95 33.78 -6.17
CA CYS C 189 -19.36 34.13 -7.45
C CYS C 189 -20.24 35.09 -8.22
N CYS C 190 -21.55 34.93 -8.11
CA CYS C 190 -22.46 35.29 -9.19
C CYS C 190 -23.75 35.83 -8.59
N LYS C 191 -24.45 36.63 -9.39
CA LYS C 191 -25.76 37.15 -9.01
C LYS C 191 -26.91 36.31 -9.56
N GLU C 192 -26.68 35.56 -10.63
CA GLU C 192 -27.70 34.68 -11.19
C GLU C 192 -27.86 33.45 -10.30
N PRO C 193 -29.07 33.06 -9.92
CA PRO C 193 -29.23 31.83 -9.13
C PRO C 193 -28.89 30.61 -9.96
N TYR C 194 -28.55 29.53 -9.25
CA TYR C 194 -28.17 28.27 -9.88
C TYR C 194 -29.02 27.17 -9.25
N PRO C 195 -29.78 26.38 -10.01
CA PRO C 195 -30.47 25.23 -9.40
C PRO C 195 -29.57 24.01 -9.36
N ASP C 196 -29.86 23.14 -8.39
CA ASP C 196 -29.12 21.92 -8.18
C ASP C 196 -30.08 20.81 -7.80
N VAL C 197 -29.63 19.57 -7.99
CA VAL C 197 -30.35 18.39 -7.55
C VAL C 197 -29.39 17.57 -6.73
N THR C 198 -29.73 17.33 -5.48
CA THR C 198 -28.89 16.60 -4.55
C THR C 198 -29.57 15.28 -4.21
N PHE C 199 -28.85 14.18 -4.39
CA PHE C 199 -29.33 12.85 -4.03
C PHE C 199 -28.58 12.40 -2.78
N THR C 200 -29.33 12.11 -1.73
CA THR C 200 -28.75 11.70 -0.45
C THR C 200 -28.89 10.19 -0.37
N VAL C 201 -27.81 9.47 -0.65
CA VAL C 201 -27.83 8.02 -0.55
C VAL C 201 -27.69 7.66 0.92
N THR C 202 -28.66 6.93 1.45
CA THR C 202 -28.71 6.57 2.86
C THR C 202 -28.35 5.09 2.97
N MET C 203 -27.16 4.81 3.46
CA MET C 203 -26.59 3.47 3.45
C MET C 203 -26.44 2.98 4.89
N ARG C 204 -26.94 1.78 5.15
CA ARG C 204 -26.90 1.16 6.47
C ARG C 204 -25.89 0.04 6.42
N ARG C 205 -24.76 0.21 7.10
CA ARG C 205 -23.72 -0.80 7.09
C ARG C 205 -24.23 -2.11 7.68
N ARG C 206 -24.12 -3.19 6.92
CA ARG C 206 -24.44 -4.50 7.45
C ARG C 206 -23.34 -4.93 8.41
N THR C 207 -23.78 -5.39 9.59
CA THR C 207 -22.88 -5.46 10.73
C THR C 207 -22.32 -6.85 10.97
N LEU C 208 -22.70 -7.85 10.17
CA LEU C 208 -22.20 -9.20 10.40
C LEU C 208 -20.69 -9.25 10.19
N TYR C 209 -20.19 -8.53 9.18
CA TYR C 209 -18.76 -8.56 8.86
C TYR C 209 -17.94 -8.12 10.07
N TYR C 210 -18.12 -6.87 10.48
CA TYR C 210 -17.31 -6.31 11.55
C TYR C 210 -17.87 -6.67 12.91
N GLY C 211 -19.14 -7.04 12.98
CA GLY C 211 -19.65 -7.62 14.20
C GLY C 211 -18.78 -8.80 14.62
N LEU C 212 -18.43 -9.65 13.66
CA LEU C 212 -17.69 -10.87 13.91
C LEU C 212 -16.18 -10.67 13.88
N ASN C 213 -15.66 -9.82 12.97
CA ASN C 213 -14.21 -9.68 12.87
C ASN C 213 -13.60 -8.82 13.98
N LEU C 214 -14.36 -7.93 14.59
CA LEU C 214 -13.82 -6.90 15.47
C LEU C 214 -14.44 -6.92 16.86
N LEU C 215 -15.77 -6.95 16.97
CA LEU C 215 -16.40 -6.84 18.28
C LEU C 215 -16.47 -8.18 19.02
N ILE C 216 -17.05 -9.21 18.41
CA ILE C 216 -17.13 -10.54 19.02
C ILE C 216 -15.76 -11.05 19.44
N PRO C 217 -14.70 -10.90 18.63
CA PRO C 217 -13.41 -11.46 19.05
C PRO C 217 -12.84 -10.71 20.24
N CYS C 218 -12.97 -9.39 20.24
CA CYS C 218 -12.52 -8.59 21.37
C CYS C 218 -13.19 -9.07 22.65
N VAL C 219 -14.48 -9.39 22.58
CA VAL C 219 -15.20 -9.77 23.80
C VAL C 219 -14.64 -11.08 24.32
N LEU C 220 -14.34 -12.01 23.42
CA LEU C 220 -13.88 -13.33 23.85
C LEU C 220 -12.46 -13.26 24.37
N ILE C 221 -11.65 -12.36 23.80
CA ILE C 221 -10.28 -12.18 24.26
C ILE C 221 -10.26 -11.44 25.59
N SER C 222 -11.16 -10.48 25.76
CA SER C 222 -11.30 -9.85 27.07
C SER C 222 -11.76 -10.86 28.11
N ALA C 223 -12.57 -11.83 27.71
CA ALA C 223 -12.95 -12.92 28.62
C ALA C 223 -11.75 -13.78 28.97
N LEU C 224 -10.89 -14.09 27.99
CA LEU C 224 -9.62 -14.75 28.27
C LEU C 224 -8.81 -14.00 29.33
N ALA C 225 -8.84 -12.66 29.29
CA ALA C 225 -8.17 -11.88 30.31
C ALA C 225 -8.80 -12.08 31.69
N LEU C 226 -10.13 -12.17 31.76
CA LEU C 226 -10.80 -12.40 33.04
C LEU C 226 -10.37 -13.72 33.69
N LEU C 227 -9.90 -14.69 32.90
CA LEU C 227 -9.40 -15.94 33.48
C LEU C 227 -8.25 -15.72 34.45
N VAL C 228 -7.51 -14.62 34.31
CA VAL C 228 -6.38 -14.28 35.18
C VAL C 228 -6.76 -14.40 36.64
N PHE C 229 -8.00 -14.08 36.98
CA PHE C 229 -8.47 -14.05 38.35
C PHE C 229 -8.89 -15.42 38.87
N LEU C 230 -8.82 -16.46 38.03
CA LEU C 230 -8.97 -17.84 38.46
C LEU C 230 -7.63 -18.58 38.47
N LEU C 231 -6.67 -18.13 37.67
CA LEU C 231 -5.34 -18.71 37.69
C LEU C 231 -4.77 -18.68 39.10
N PRO C 232 -4.26 -19.80 39.62
CA PRO C 232 -3.63 -19.75 40.93
C PRO C 232 -2.39 -18.88 40.90
N ALA C 233 -2.20 -18.09 41.95
CA ALA C 233 -1.10 -17.15 41.99
C ALA C 233 0.25 -17.83 41.87
N ASP C 234 0.38 -19.05 42.40
CA ASP C 234 1.65 -19.75 42.37
C ASP C 234 2.03 -20.26 40.98
N SER C 235 1.14 -20.16 39.99
CA SER C 235 1.46 -20.63 38.64
C SER C 235 2.68 -19.92 38.09
N GLY C 236 2.68 -18.58 38.15
CA GLY C 236 3.76 -17.77 37.62
C GLY C 236 3.46 -17.11 36.30
N GLU C 237 2.32 -17.43 35.68
CA GLU C 237 1.90 -16.86 34.41
C GLU C 237 0.70 -15.92 34.57
N LYS C 238 0.44 -15.43 35.78
CA LYS C 238 -0.74 -14.61 36.00
C LYS C 238 -0.67 -13.34 35.17
N ILE C 239 0.48 -12.66 35.20
CA ILE C 239 0.59 -11.37 34.53
C ILE C 239 0.96 -11.55 33.07
N SER C 240 1.79 -12.56 32.76
CA SER C 240 2.11 -12.87 31.37
C SER C 240 0.83 -12.99 30.55
N LEU C 241 -0.15 -13.73 31.05
CA LEU C 241 -1.43 -13.84 30.37
C LEU C 241 -2.08 -12.46 30.23
N GLY C 242 -1.89 -11.59 31.23
CA GLY C 242 -2.53 -10.28 31.19
C GLY C 242 -1.91 -9.36 30.16
N ILE C 243 -0.59 -9.42 30.00
CA ILE C 243 0.12 -8.52 29.09
C ILE C 243 0.04 -9.03 27.67
N THR C 244 0.15 -10.35 27.49
CA THR C 244 0.06 -10.91 26.15
C THR C 244 -1.32 -10.66 25.54
N VAL C 245 -2.38 -10.86 26.32
CA VAL C 245 -3.73 -10.59 25.81
C VAL C 245 -3.85 -9.12 25.42
N LEU C 246 -3.22 -8.23 26.22
CA LEU C 246 -3.30 -6.80 25.97
C LEU C 246 -2.75 -6.42 24.61
N LEU C 247 -1.70 -7.10 24.13
CA LEU C 247 -1.15 -6.71 22.84
C LEU C 247 -2.01 -7.27 21.72
N SER C 248 -2.69 -8.38 21.98
CA SER C 248 -3.65 -8.90 21.02
C SER C 248 -4.78 -7.90 20.83
N LEU C 249 -5.21 -7.27 21.92
CA LEU C 249 -6.31 -6.32 21.82
C LEU C 249 -5.88 -5.03 21.11
N THR C 250 -4.59 -4.69 21.17
CA THR C 250 -4.11 -3.53 20.41
C THR C 250 -4.13 -3.75 18.90
N VAL C 251 -3.83 -4.95 18.42
CA VAL C 251 -3.90 -5.16 16.98
C VAL C 251 -5.32 -4.97 16.47
N PHE C 252 -6.34 -5.11 17.32
CA PHE C 252 -7.68 -4.83 16.85
C PHE C 252 -7.89 -3.35 16.60
N MET C 253 -7.25 -2.50 17.40
CA MET C 253 -7.47 -1.07 17.27
C MET C 253 -6.58 -0.48 16.20
N LEU C 254 -5.40 -1.06 15.98
CA LEU C 254 -4.61 -0.67 14.83
C LEU C 254 -5.36 -0.96 13.55
N LEU C 255 -6.15 -2.04 13.51
CA LEU C 255 -6.94 -2.33 12.33
C LEU C 255 -8.08 -1.34 12.16
N VAL C 256 -8.66 -0.86 13.26
CA VAL C 256 -9.66 0.20 13.13
C VAL C 256 -8.99 1.45 12.59
N ALA C 257 -7.76 1.74 13.03
CA ALA C 257 -7.03 2.90 12.53
C ALA C 257 -6.85 2.82 11.01
N GLU C 258 -6.65 1.62 10.47
CA GLU C 258 -6.45 1.45 9.03
C GLU C 258 -7.61 1.93 8.18
N ILE C 259 -8.76 2.06 8.82
CA ILE C 259 -9.93 2.52 8.07
C ILE C 259 -10.52 3.83 8.57
N MET C 260 -10.22 4.26 9.78
CA MET C 260 -10.88 5.43 10.39
C MET C 260 -10.35 6.75 9.84
N PRO C 261 -11.21 7.63 9.29
CA PRO C 261 -10.74 8.95 8.84
C PRO C 261 -9.96 9.64 9.94
N ALA C 262 -9.08 10.55 9.54
CA ALA C 262 -8.29 11.24 10.54
C ALA C 262 -9.05 12.35 11.28
N THR C 263 -10.37 12.41 11.16
CA THR C 263 -11.14 13.47 11.76
C THR C 263 -11.10 13.41 13.28
N SER C 264 -11.39 14.57 13.88
CA SER C 264 -11.58 14.73 15.32
C SER C 264 -12.97 15.28 15.62
N ASP C 265 -13.90 15.13 14.67
CA ASP C 265 -15.26 15.63 14.88
C ASP C 265 -16.04 14.85 15.92
N SER C 266 -15.65 13.59 16.19
CA SER C 266 -16.34 12.81 17.20
C SER C 266 -15.57 11.51 17.42
N VAL C 267 -15.95 10.81 18.47
CA VAL C 267 -15.27 9.60 18.88
C VAL C 267 -16.11 8.41 18.41
N PRO C 268 -15.63 7.58 17.49
CA PRO C 268 -16.42 6.42 17.07
C PRO C 268 -16.81 5.50 18.22
N LEU C 269 -18.01 4.93 18.10
CA LEU C 269 -18.55 4.04 19.12
C LEU C 269 -17.60 2.90 19.44
N ILE C 270 -17.04 2.26 18.41
CA ILE C 270 -16.18 1.10 18.65
C ILE C 270 -14.96 1.52 19.45
N ALA C 271 -14.44 2.73 19.18
CA ALA C 271 -13.30 3.23 19.95
C ALA C 271 -13.68 3.38 21.41
N GLN C 272 -14.89 3.84 21.69
CA GLN C 272 -15.34 3.93 23.08
C GLN C 272 -15.36 2.54 23.71
N TYR C 273 -15.88 1.56 22.98
CA TYR C 273 -15.95 0.21 23.54
C TYR C 273 -14.56 -0.37 23.74
N PHE C 274 -13.69 -0.26 22.72
CA PHE C 274 -12.32 -0.75 22.90
C PHE C 274 -11.57 0.04 23.96
N ALA C 275 -11.77 1.35 24.01
CA ALA C 275 -11.12 2.14 25.04
C ALA C 275 -11.58 1.70 26.42
N SER C 276 -12.88 1.49 26.59
CA SER C 276 -13.38 0.99 27.86
C SER C 276 -12.91 -0.43 28.11
N THR C 277 -12.89 -1.28 27.07
CA THR C 277 -12.42 -2.64 27.23
C THR C 277 -10.96 -2.68 27.65
N MET C 278 -10.11 -1.89 26.96
CA MET C 278 -8.68 -1.91 27.25
C MET C 278 -8.39 -1.42 28.66
N ILE C 279 -9.10 -0.38 29.10
CA ILE C 279 -8.90 0.10 30.47
C ILE C 279 -9.35 -0.95 31.47
N ILE C 280 -10.43 -1.67 31.17
CA ILE C 280 -10.90 -2.71 32.10
C ILE C 280 -9.84 -3.81 32.24
N VAL C 281 -9.32 -4.31 31.11
CA VAL C 281 -8.27 -5.32 31.20
C VAL C 281 -6.99 -4.69 31.72
N GLY C 282 -6.72 -3.44 31.36
CA GLY C 282 -5.56 -2.78 31.93
C GLY C 282 -5.66 -2.67 33.44
N LEU C 283 -6.86 -2.35 33.94
CA LEU C 283 -7.10 -2.41 35.38
C LEU C 283 -6.99 -3.83 35.93
N SER C 284 -7.30 -4.83 35.10
CA SER C 284 -7.12 -6.22 35.54
C SER C 284 -5.67 -6.50 35.90
N VAL C 285 -4.73 -6.00 35.10
CA VAL C 285 -3.32 -6.13 35.43
C VAL C 285 -3.00 -5.43 36.74
N VAL C 286 -3.62 -4.27 36.98
CA VAL C 286 -3.32 -3.51 38.20
C VAL C 286 -3.74 -4.30 39.43
N VAL C 287 -4.98 -4.78 39.46
CA VAL C 287 -5.41 -5.60 40.59
C VAL C 287 -4.61 -6.90 40.65
N THR C 288 -4.09 -7.36 39.51
CA THR C 288 -3.22 -8.53 39.52
C THR C 288 -1.95 -8.25 40.29
N VAL C 289 -1.39 -7.04 40.14
CA VAL C 289 -0.21 -6.65 40.90
C VAL C 289 -0.50 -6.62 42.38
N ILE C 290 -1.69 -6.14 42.77
CA ILE C 290 -2.00 -6.00 44.19
C ILE C 290 -2.21 -7.36 44.84
N VAL C 291 -2.92 -8.27 44.17
CA VAL C 291 -3.11 -9.61 44.74
C VAL C 291 -1.78 -10.33 44.88
N LEU C 292 -0.87 -10.14 43.92
CA LEU C 292 0.45 -10.74 44.06
C LEU C 292 1.22 -10.10 45.20
N GLN C 293 1.10 -8.77 45.29
CA GLN C 293 1.70 -8.09 46.43
C GLN C 293 1.17 -8.65 47.74
N TYR C 294 -0.14 -8.87 47.81
CA TYR C 294 -0.70 -9.52 49.00
C TYR C 294 -0.22 -10.95 49.14
N HIS C 295 -0.13 -11.70 48.02
CA HIS C 295 0.24 -13.11 48.09
C HIS C 295 1.63 -13.29 48.65
N HIS C 296 2.55 -12.35 48.40
CA HIS C 296 3.95 -12.54 48.73
C HIS C 296 4.39 -11.71 49.93
N HIS C 297 3.46 -11.00 50.59
CA HIS C 297 3.77 -10.10 51.70
C HIS C 297 4.69 -10.83 52.67
N ASP C 298 5.89 -10.28 52.88
CA ASP C 298 6.92 -10.88 53.73
C ASP C 298 6.26 -11.35 55.03
N PRO C 299 6.57 -12.56 55.54
CA PRO C 299 5.86 -13.00 56.76
C PRO C 299 6.25 -12.15 57.95
N ASP C 300 7.56 -12.03 58.18
CA ASP C 300 8.05 -11.28 59.32
C ASP C 300 7.60 -9.83 59.25
N GLY C 301 7.46 -9.29 58.04
CA GLY C 301 7.05 -7.92 57.79
C GLY C 301 5.81 -7.46 58.52
N GLY C 302 5.52 -6.17 58.45
CA GLY C 302 4.42 -5.53 59.14
C GLY C 302 3.11 -6.28 59.07
N LYS C 303 2.46 -6.47 60.22
CA LYS C 303 1.25 -7.27 60.30
C LYS C 303 0.15 -6.69 59.41
N MET C 304 -0.93 -7.44 59.29
CA MET C 304 -2.05 -7.19 58.41
C MET C 304 -2.93 -6.06 58.92
N PRO C 305 -3.53 -5.23 58.05
CA PRO C 305 -4.49 -4.23 58.53
C PRO C 305 -5.74 -4.89 59.10
N LYS C 306 -6.20 -4.38 60.26
CA LYS C 306 -7.47 -4.85 60.81
C LYS C 306 -8.61 -4.66 59.81
N TRP C 307 -8.60 -3.52 59.09
CA TRP C 307 -9.65 -3.28 58.10
C TRP C 307 -9.63 -4.43 57.11
N THR C 308 -8.46 -4.70 56.53
CA THR C 308 -8.30 -5.80 55.60
C THR C 308 -8.85 -7.08 56.22
N ARG C 309 -8.46 -7.34 57.49
CA ARG C 309 -8.77 -8.60 58.15
C ARG C 309 -10.27 -8.81 58.30
N VAL C 310 -11.07 -7.74 58.25
CA VAL C 310 -12.53 -7.85 58.30
C VAL C 310 -13.14 -7.76 56.90
N ILE C 311 -12.69 -6.80 56.11
CA ILE C 311 -13.30 -6.53 54.82
C ILE C 311 -13.10 -7.66 53.82
N LEU C 312 -12.17 -8.59 54.07
CA LEU C 312 -11.90 -9.69 53.14
C LEU C 312 -12.06 -11.06 53.77
N LEU C 313 -11.57 -11.30 54.99
CA LEU C 313 -11.63 -12.63 55.59
C LEU C 313 -12.88 -12.85 56.44
N ASN C 314 -13.66 -11.81 56.71
CA ASN C 314 -14.89 -11.93 57.50
C ASN C 314 -16.12 -11.70 56.63
N TRP C 315 -16.20 -10.55 55.96
CA TRP C 315 -17.39 -10.22 55.19
C TRP C 315 -17.34 -10.83 53.79
N CYS C 316 -16.39 -10.38 52.97
CA CYS C 316 -16.36 -10.83 51.58
C CYS C 316 -16.09 -12.32 51.46
N ALA C 317 -15.31 -12.89 52.37
CA ALA C 317 -15.12 -14.34 52.36
C ALA C 317 -16.43 -15.06 52.57
N TRP C 318 -17.24 -14.59 53.53
CA TRP C 318 -18.49 -15.26 53.84
C TRP C 318 -19.51 -15.07 52.72
N PHE C 319 -19.55 -13.88 52.13
CA PHE C 319 -20.47 -13.61 51.02
C PHE C 319 -20.27 -14.61 49.89
N LEU C 320 -19.03 -14.88 49.52
CA LEU C 320 -18.73 -15.74 48.38
C LEU C 320 -18.71 -17.23 48.73
N ARG C 321 -18.94 -17.58 49.99
CA ARG C 321 -18.96 -18.98 50.43
C ARG C 321 -17.65 -19.68 50.08
N MET C 322 -16.56 -19.19 50.66
CA MET C 322 -15.23 -19.75 50.42
C MET C 322 -14.66 -20.48 51.63
N LYS C 323 -14.67 -19.83 52.80
CA LYS C 323 -14.10 -20.40 54.02
C LYS C 323 -12.59 -20.56 53.92
N ARG C 496 8.47 -23.86 64.96
CA ARG C 496 7.23 -23.17 65.32
C ARG C 496 7.20 -21.76 64.73
N CYS C 497 8.33 -21.06 64.76
CA CYS C 497 8.39 -19.73 64.17
C CYS C 497 8.06 -19.79 62.68
N GLN C 498 8.59 -20.79 61.97
CA GLN C 498 8.24 -20.96 60.57
C GLN C 498 6.74 -21.20 60.39
N ASP C 499 6.13 -21.94 61.32
CA ASP C 499 4.71 -22.23 61.21
C ASP C 499 3.88 -20.95 61.33
N GLU C 500 4.23 -20.08 62.27
CA GLU C 500 3.50 -18.83 62.40
C GLU C 500 3.73 -17.95 61.18
N SER C 501 4.94 -18.00 60.62
CA SER C 501 5.18 -17.31 59.36
C SER C 501 4.30 -17.88 58.27
N GLU C 502 4.12 -19.21 58.27
CA GLU C 502 3.21 -19.83 57.31
C GLU C 502 1.77 -19.49 57.62
N ALA C 503 1.41 -19.39 58.90
CA ALA C 503 0.04 -19.04 59.26
C ALA C 503 -0.28 -17.61 58.87
N VAL C 504 0.62 -16.68 59.18
CA VAL C 504 0.41 -15.28 58.81
C VAL C 504 0.42 -15.15 57.29
N CYS C 505 1.40 -15.77 56.64
CA CYS C 505 1.44 -15.73 55.18
C CYS C 505 0.22 -16.42 54.59
N SER C 506 -0.23 -17.52 55.20
CA SER C 506 -1.41 -18.20 54.67
C SER C 506 -2.64 -17.31 54.74
N GLU C 507 -2.76 -16.51 55.81
CA GLU C 507 -3.85 -15.54 55.86
C GLU C 507 -3.69 -14.51 54.75
N TRP C 508 -2.47 -14.09 54.47
CA TRP C 508 -2.25 -13.21 53.33
C TRP C 508 -2.68 -13.87 52.04
N LYS C 509 -2.41 -15.17 51.90
CA LYS C 509 -2.84 -15.88 50.70
C LYS C 509 -4.36 -15.93 50.63
N PHE C 510 -5.02 -16.17 51.77
CA PHE C 510 -6.47 -16.24 51.78
C PHE C 510 -7.08 -14.90 51.39
N ALA C 511 -6.54 -13.80 51.90
CA ALA C 511 -6.99 -12.47 51.46
C ALA C 511 -6.80 -12.32 49.96
N ALA C 512 -5.66 -12.78 49.44
CA ALA C 512 -5.39 -12.70 48.02
C ALA C 512 -6.43 -13.46 47.21
N CYS C 513 -6.79 -14.67 47.67
CA CYS C 513 -7.77 -15.47 46.95
C CYS C 513 -9.14 -14.80 46.96
N VAL C 514 -9.52 -14.19 48.09
CA VAL C 514 -10.81 -13.52 48.16
C VAL C 514 -10.86 -12.34 47.21
N VAL C 515 -9.75 -11.58 47.13
CA VAL C 515 -9.71 -10.47 46.18
C VAL C 515 -9.81 -10.99 44.76
N ASP C 516 -9.20 -12.14 44.47
CA ASP C 516 -9.31 -12.72 43.13
C ASP C 516 -10.78 -13.01 42.79
N ARG C 517 -11.50 -13.67 43.70
CA ARG C 517 -12.90 -13.98 43.43
C ARG C 517 -13.73 -12.71 43.33
N LEU C 518 -13.53 -11.77 44.25
CA LEU C 518 -14.26 -10.51 44.22
C LEU C 518 -14.11 -9.80 42.89
N CYS C 519 -12.87 -9.62 42.43
CA CYS C 519 -12.66 -8.83 41.23
C CYS C 519 -13.13 -9.54 39.98
N LEU C 520 -13.14 -10.87 39.96
CA LEU C 520 -13.75 -11.59 38.84
C LEU C 520 -15.22 -11.23 38.69
N MET C 521 -15.99 -11.34 39.76
CA MET C 521 -17.39 -10.93 39.72
C MET C 521 -17.51 -9.48 39.26
N ALA C 522 -16.70 -8.60 39.83
CA ALA C 522 -16.83 -7.18 39.54
C ALA C 522 -16.37 -6.85 38.12
N PHE C 523 -15.24 -7.39 37.68
CA PHE C 523 -14.78 -7.11 36.32
C PHE C 523 -15.62 -7.82 35.28
N SER C 524 -16.12 -9.02 35.58
CA SER C 524 -17.05 -9.67 34.67
C SER C 524 -18.35 -8.87 34.57
N VAL C 525 -18.87 -8.44 35.71
CA VAL C 525 -20.10 -7.64 35.70
C VAL C 525 -19.84 -6.30 35.03
N PHE C 526 -18.68 -5.68 35.31
CA PHE C 526 -18.37 -4.41 34.68
C PHE C 526 -18.21 -4.57 33.17
N THR C 527 -17.58 -5.67 32.74
CA THR C 527 -17.47 -5.97 31.32
C THR C 527 -18.85 -6.12 30.69
N ILE C 528 -19.72 -6.91 31.32
CA ILE C 528 -21.05 -7.16 30.76
C ILE C 528 -21.84 -5.87 30.64
N ILE C 529 -21.97 -5.13 31.75
CA ILE C 529 -22.75 -3.89 31.73
C ILE C 529 -22.16 -2.89 30.75
N CYS C 530 -20.86 -2.63 30.84
CA CYS C 530 -20.17 -1.74 29.90
C CYS C 530 -20.42 -2.15 28.46
N THR C 531 -20.29 -3.44 28.17
CA THR C 531 -20.45 -3.94 26.80
C THR C 531 -21.84 -3.62 26.26
N ILE C 532 -22.89 -3.98 27.01
CA ILE C 532 -24.24 -3.73 26.50
C ILE C 532 -24.53 -2.24 26.48
N GLY C 533 -24.06 -1.50 27.49
CA GLY C 533 -24.36 -0.08 27.57
C GLY C 533 -23.81 0.71 26.38
N ILE C 534 -22.55 0.48 26.04
CA ILE C 534 -21.98 1.17 24.89
C ILE C 534 -22.64 0.69 23.60
N LEU C 535 -22.84 -0.62 23.45
CA LEU C 535 -23.42 -1.14 22.23
C LEU C 535 -24.88 -0.77 22.09
N MET C 536 -25.66 -0.84 23.17
CA MET C 536 -27.09 -0.59 23.07
C MET C 536 -27.40 0.90 22.90
N SER C 537 -26.42 1.78 23.14
CA SER C 537 -26.65 3.21 22.93
C SER C 537 -26.88 3.55 21.46
N ALA C 538 -26.46 2.69 20.54
CA ALA C 538 -26.62 3.00 19.13
C ALA C 538 -28.09 2.88 18.74
N PRO C 539 -28.70 3.91 18.13
CA PRO C 539 -30.09 3.73 17.65
C PRO C 539 -30.25 2.69 16.56
N ASN C 540 -29.18 2.13 16.01
CA ASN C 540 -29.25 1.08 15.01
C ASN C 540 -28.99 -0.32 15.56
N PHE C 541 -28.65 -0.45 16.85
CA PHE C 541 -28.34 -1.76 17.40
C PHE C 541 -29.50 -2.74 17.24
N VAL C 542 -30.70 -2.34 17.67
CA VAL C 542 -31.87 -3.21 17.55
C VAL C 542 -32.08 -3.62 16.10
N GLU C 543 -32.09 -2.63 15.20
CA GLU C 543 -32.24 -2.89 13.78
C GLU C 543 -31.15 -3.85 13.29
N ALA C 544 -29.90 -3.54 13.60
CA ALA C 544 -28.80 -4.32 13.04
C ALA C 544 -28.82 -5.76 13.54
N VAL C 545 -29.12 -5.97 14.83
CA VAL C 545 -29.22 -7.35 15.32
C VAL C 545 -30.38 -8.06 14.64
N SER C 546 -31.46 -7.33 14.33
CA SER C 546 -32.64 -7.97 13.75
C SER C 546 -32.40 -8.37 12.29
N LYS C 547 -31.79 -7.48 11.51
CA LYS C 547 -31.58 -7.77 10.09
C LYS C 547 -30.33 -8.59 9.82
N ASP C 548 -29.23 -8.31 10.53
CA ASP C 548 -27.91 -8.80 10.16
C ASP C 548 -27.47 -10.03 10.93
N PHE C 549 -28.28 -10.53 11.85
CA PHE C 549 -28.01 -11.78 12.56
C PHE C 549 -29.25 -12.67 12.51
N GLU D 1 -32.22 31.54 -32.03
CA GLU D 1 -32.24 32.31 -33.31
C GLU D 1 -31.24 33.45 -33.26
N PHE D 2 -31.41 34.35 -32.29
CA PHE D 2 -30.45 35.43 -32.10
C PHE D 2 -29.14 34.93 -31.51
N GLN D 3 -29.18 33.87 -30.72
CA GLN D 3 -27.97 33.36 -30.11
C GLN D 3 -27.07 32.68 -31.15
N ARG D 4 -27.68 32.05 -32.16
CA ARG D 4 -26.92 31.54 -33.29
C ARG D 4 -26.19 32.68 -33.99
N LYS D 5 -26.90 33.78 -34.24
CA LYS D 5 -26.30 34.95 -34.88
C LYS D 5 -25.13 35.47 -34.04
N LEU D 6 -25.33 35.57 -32.73
CA LEU D 6 -24.27 36.12 -31.88
C LEU D 6 -23.05 35.21 -31.87
N TYR D 7 -23.26 33.89 -31.79
CA TYR D 7 -22.13 32.99 -31.77
C TYR D 7 -21.39 33.01 -33.11
N LYS D 8 -22.13 33.19 -34.21
CA LYS D 8 -21.46 33.29 -35.51
C LYS D 8 -20.71 34.60 -35.66
N GLU D 9 -21.17 35.66 -34.99
CA GLU D 9 -20.52 36.97 -35.11
C GLU D 9 -19.36 37.15 -34.15
N LEU D 10 -19.37 36.48 -33.00
CA LEU D 10 -18.30 36.66 -32.02
C LEU D 10 -17.01 35.95 -32.41
N VAL D 11 -17.07 34.98 -33.33
CA VAL D 11 -15.89 34.21 -33.74
C VAL D 11 -15.39 34.61 -35.11
N LYS D 12 -15.98 35.62 -35.74
CA LYS D 12 -15.46 36.14 -37.00
C LYS D 12 -14.16 36.89 -36.73
N ASN D 13 -13.06 36.39 -37.31
CA ASN D 13 -11.69 36.92 -37.18
C ASN D 13 -11.09 36.70 -35.79
N TYR D 14 -11.83 36.13 -34.84
CA TYR D 14 -11.30 35.96 -33.50
C TYR D 14 -10.13 34.99 -33.52
N ASN D 15 -9.13 35.27 -32.67
CA ASN D 15 -7.92 34.47 -32.57
C ASN D 15 -7.69 34.19 -31.09
N PRO D 16 -7.80 32.93 -30.62
CA PRO D 16 -7.60 32.68 -29.19
C PRO D 16 -6.18 32.91 -28.69
N LEU D 17 -5.22 33.25 -29.56
CA LEU D 17 -3.87 33.56 -29.13
C LEU D 17 -3.69 35.01 -28.72
N GLU D 18 -4.62 35.89 -29.10
CA GLU D 18 -4.48 37.32 -28.91
C GLU D 18 -4.97 37.70 -27.53
N ARG D 19 -4.16 38.46 -26.79
CA ARG D 19 -4.61 38.98 -25.51
C ARG D 19 -5.70 40.01 -25.81
N PRO D 20 -6.88 39.90 -25.19
CA PRO D 20 -7.99 40.77 -25.67
C PRO D 20 -8.01 42.17 -25.07
N VAL D 21 -7.06 42.99 -25.51
CA VAL D 21 -6.99 44.40 -25.15
C VAL D 21 -7.21 45.23 -26.40
N ALA D 22 -7.80 46.42 -26.22
CA ALA D 22 -7.91 47.36 -27.33
C ALA D 22 -6.58 48.07 -27.56
N ASN D 23 -5.96 48.53 -26.48
CA ASN D 23 -4.61 49.09 -26.51
C ASN D 23 -3.62 47.98 -26.17
N ASP D 24 -2.73 47.68 -27.12
CA ASP D 24 -1.80 46.59 -26.90
C ASP D 24 -0.77 46.93 -25.82
N SER D 25 -0.49 48.21 -25.62
CA SER D 25 0.56 48.63 -24.70
C SER D 25 0.10 48.69 -23.23
N GLN D 26 -1.17 48.40 -22.93
CA GLN D 26 -1.70 48.47 -21.57
C GLN D 26 -1.90 47.07 -21.01
N PRO D 27 -1.42 46.75 -19.81
CA PRO D 27 -1.58 45.40 -19.30
C PRO D 27 -3.05 45.07 -19.09
N LEU D 28 -3.40 43.81 -19.33
CA LEU D 28 -4.76 43.34 -19.07
C LEU D 28 -4.92 43.04 -17.59
N THR D 29 -5.95 43.61 -16.99
CA THR D 29 -6.23 43.39 -15.57
C THR D 29 -6.98 42.08 -15.43
N VAL D 30 -6.38 41.14 -14.70
CA VAL D 30 -6.99 39.85 -14.39
C VAL D 30 -7.18 39.78 -12.89
N TYR D 31 -8.42 39.66 -12.45
CA TYR D 31 -8.73 39.54 -11.03
C TYR D 31 -8.76 38.07 -10.69
N PHE D 32 -7.88 37.66 -9.78
CA PHE D 32 -7.71 36.27 -9.40
C PHE D 32 -8.08 36.08 -7.94
N SER D 33 -8.76 34.98 -7.67
CA SER D 33 -9.07 34.55 -6.31
C SER D 33 -9.39 33.07 -6.35
N LEU D 34 -9.80 32.52 -5.22
CA LEU D 34 -10.23 31.13 -5.20
C LEU D 34 -11.25 30.94 -4.07
N SER D 35 -12.04 29.88 -4.21
CA SER D 35 -12.91 29.39 -3.15
C SER D 35 -12.40 28.03 -2.73
N LEU D 36 -12.10 27.90 -1.43
CA LEU D 36 -11.56 26.67 -0.87
C LEU D 36 -12.74 25.85 -0.38
N LEU D 37 -13.08 24.79 -1.10
CA LEU D 37 -14.25 24.00 -0.77
C LEU D 37 -13.93 22.87 0.19
N GLN D 38 -12.69 22.40 0.23
CA GLN D 38 -12.34 21.32 1.14
C GLN D 38 -10.85 21.14 1.12
N ILE D 39 -10.32 20.72 2.26
CA ILE D 39 -8.93 20.28 2.38
C ILE D 39 -9.01 18.76 2.34
N MET D 40 -8.92 18.19 1.13
CA MET D 40 -9.16 16.76 0.98
C MET D 40 -8.07 15.93 1.65
N ASP D 41 -6.83 16.41 1.63
CA ASP D 41 -5.79 15.66 2.33
C ASP D 41 -4.60 16.55 2.60
N VAL D 42 -3.87 16.19 3.65
CA VAL D 42 -2.58 16.78 3.98
C VAL D 42 -1.67 15.59 4.15
N ASP D 43 -0.91 15.25 3.11
CA ASP D 43 -0.01 14.10 3.16
C ASP D 43 1.34 14.60 3.67
N GLU D 44 1.53 14.50 4.98
CA GLU D 44 2.78 14.97 5.57
C GLU D 44 3.96 14.12 5.13
N LYS D 45 3.73 12.83 4.87
CA LYS D 45 4.83 11.95 4.49
C LYS D 45 5.44 12.42 3.17
N ASN D 46 4.62 12.56 2.15
CA ASN D 46 5.08 12.94 0.83
C ASN D 46 5.22 14.45 0.67
N GLN D 47 4.90 15.22 1.71
CA GLN D 47 4.98 16.69 1.67
C GLN D 47 4.09 17.24 0.57
N VAL D 48 2.80 16.93 0.65
CA VAL D 48 1.83 17.37 -0.34
C VAL D 48 0.55 17.81 0.36
N LEU D 49 -0.17 18.71 -0.29
CA LEU D 49 -1.47 19.20 0.15
C LEU D 49 -2.44 19.05 -1.01
N THR D 50 -3.48 18.24 -0.82
CA THR D 50 -4.53 18.05 -1.80
C THR D 50 -5.76 18.84 -1.34
N THR D 51 -6.24 19.75 -2.20
CA THR D 51 -7.34 20.63 -1.87
C THR D 51 -8.37 20.61 -2.98
N ASN D 52 -9.63 20.77 -2.60
CA ASN D 52 -10.70 21.05 -3.54
C ASN D 52 -10.79 22.57 -3.67
N ILE D 53 -10.46 23.09 -4.85
CA ILE D 53 -10.37 24.53 -5.07
C ILE D 53 -11.16 24.86 -6.32
N TRP D 54 -11.97 25.92 -6.23
CA TRP D 54 -12.60 26.54 -7.39
C TRP D 54 -11.90 27.87 -7.59
N LEU D 55 -10.97 27.92 -8.54
CA LEU D 55 -10.33 29.17 -8.88
C LEU D 55 -11.36 30.13 -9.46
N GLN D 56 -11.12 31.43 -9.32
CA GLN D 56 -11.94 32.47 -9.92
C GLN D 56 -11.01 33.41 -10.68
N MET D 57 -11.10 33.40 -12.00
CA MET D 57 -10.39 34.34 -12.87
C MET D 57 -11.42 35.18 -13.60
N SER D 58 -11.34 36.49 -13.44
CA SER D 58 -12.24 37.42 -14.12
C SER D 58 -11.42 38.45 -14.87
N TRP D 59 -11.84 38.74 -16.10
CA TRP D 59 -11.17 39.76 -16.90
C TRP D 59 -12.17 40.35 -17.88
N THR D 60 -11.68 41.18 -18.79
CA THR D 60 -12.52 41.91 -19.73
C THR D 60 -11.97 41.65 -21.13
N ASP D 61 -12.76 40.96 -21.95
CA ASP D 61 -12.40 40.71 -23.34
C ASP D 61 -12.99 41.82 -24.19
N HIS D 62 -12.11 42.59 -24.84
CA HIS D 62 -12.56 43.72 -25.65
C HIS D 62 -13.39 43.29 -26.85
N TYR D 63 -13.28 42.04 -27.28
CA TYR D 63 -13.82 41.63 -28.57
C TYR D 63 -15.17 40.93 -28.46
N LEU D 64 -15.50 40.39 -27.30
CA LEU D 64 -16.74 39.64 -27.11
C LEU D 64 -17.82 40.52 -26.45
N GLN D 65 -18.15 41.64 -27.11
CA GLN D 65 -19.14 42.57 -26.60
C GLN D 65 -20.28 42.74 -27.60
N TRP D 66 -21.50 42.93 -27.09
CA TRP D 66 -22.67 43.18 -27.93
C TRP D 66 -23.73 43.90 -27.10
N ASN D 67 -24.58 44.69 -27.77
CA ASN D 67 -25.72 45.29 -27.10
C ASN D 67 -26.89 44.31 -27.12
N VAL D 68 -27.46 44.05 -25.95
CA VAL D 68 -28.49 43.02 -25.83
C VAL D 68 -29.76 43.40 -26.57
N SER D 69 -29.94 44.68 -26.91
CA SER D 69 -31.11 45.08 -27.67
C SER D 69 -31.14 44.42 -29.05
N GLU D 70 -29.98 44.28 -29.68
CA GLU D 70 -29.91 43.64 -30.98
C GLU D 70 -29.93 42.12 -30.90
N TYR D 71 -29.79 41.57 -29.71
CA TYR D 71 -29.78 40.12 -29.48
C TYR D 71 -30.66 39.84 -28.27
N PRO D 72 -31.97 40.01 -28.41
CA PRO D 72 -32.85 39.93 -27.24
C PRO D 72 -32.78 38.57 -26.55
N GLY D 73 -32.77 38.61 -25.22
CA GLY D 73 -32.72 37.40 -24.42
C GLY D 73 -31.36 36.73 -24.37
N VAL D 74 -30.38 37.19 -25.14
CA VAL D 74 -29.04 36.63 -25.14
C VAL D 74 -28.20 37.60 -24.31
N LYS D 75 -28.13 37.34 -23.01
CA LYS D 75 -27.40 38.19 -22.08
C LYS D 75 -26.03 37.63 -21.71
N THR D 76 -25.78 36.36 -22.00
CA THR D 76 -24.51 35.74 -21.66
C THR D 76 -24.24 34.60 -22.64
N VAL D 77 -22.96 34.40 -22.95
CA VAL D 77 -22.50 33.34 -23.84
C VAL D 77 -21.42 32.57 -23.11
N ARG D 78 -21.12 31.38 -23.63
CA ARG D 78 -20.20 30.45 -22.99
C ARG D 78 -19.30 29.82 -24.03
N PHE D 79 -17.99 29.91 -23.81
CA PHE D 79 -17.01 29.37 -24.75
C PHE D 79 -16.14 28.31 -24.06
N PRO D 80 -15.91 27.14 -24.66
CA PRO D 80 -15.11 26.11 -24.00
C PRO D 80 -13.63 26.33 -24.26
N ASP D 81 -12.82 25.37 -23.78
CA ASP D 81 -11.37 25.46 -23.92
C ASP D 81 -10.94 25.50 -25.38
N GLY D 82 -10.00 26.39 -25.67
CA GLY D 82 -9.41 26.49 -26.99
C GLY D 82 -10.16 27.37 -27.95
N GLN D 83 -11.27 27.99 -27.54
CA GLN D 83 -12.04 28.88 -28.38
C GLN D 83 -11.97 30.34 -27.94
N ILE D 84 -11.52 30.61 -26.73
CA ILE D 84 -11.44 31.96 -26.18
C ILE D 84 -10.08 32.10 -25.51
N TRP D 85 -9.56 33.32 -25.51
CA TRP D 85 -8.32 33.59 -24.78
C TRP D 85 -8.56 33.41 -23.29
N LYS D 86 -7.58 32.83 -22.61
CA LYS D 86 -7.66 32.55 -21.19
C LYS D 86 -6.31 32.83 -20.55
N PRO D 87 -6.28 33.28 -19.29
CA PRO D 87 -4.98 33.46 -18.63
C PRO D 87 -4.42 32.11 -18.20
N ASP D 88 -3.15 31.88 -18.55
CA ASP D 88 -2.50 30.61 -18.21
C ASP D 88 -1.96 30.64 -16.78
N ILE D 89 -2.83 30.94 -15.82
CA ILE D 89 -2.41 31.05 -14.42
C ILE D 89 -2.25 29.63 -13.89
N LEU D 90 -1.01 29.24 -13.63
CA LEU D 90 -0.69 27.92 -13.10
C LEU D 90 -0.27 28.03 -11.64
N LEU D 91 -0.29 26.86 -10.98
CA LEU D 91 0.15 26.72 -9.60
C LEU D 91 1.62 26.32 -9.62
N TYR D 92 2.49 27.25 -9.26
CA TYR D 92 3.94 27.03 -9.34
C TYR D 92 4.37 25.80 -8.55
N ASN D 93 4.16 25.80 -7.24
CA ASN D 93 4.65 24.73 -6.39
C ASN D 93 3.72 23.52 -6.39
N SER D 94 3.32 23.05 -7.56
CA SER D 94 2.46 21.88 -7.66
C SER D 94 3.27 20.60 -7.49
N ALA D 95 2.62 19.59 -6.91
CA ALA D 95 3.20 18.26 -6.78
C ALA D 95 2.47 17.21 -7.61
N ASP D 96 1.50 17.63 -8.42
CA ASP D 96 0.75 16.70 -9.26
C ASP D 96 1.61 16.27 -10.44
N GLU D 97 1.49 14.99 -10.81
CA GLU D 97 2.29 14.44 -11.90
C GLU D 97 2.10 15.22 -13.18
N ARG D 98 0.85 15.57 -13.50
CA ARG D 98 0.57 16.39 -14.69
C ARG D 98 0.82 17.87 -14.46
N PHE D 99 1.12 18.29 -13.23
CA PHE D 99 1.48 19.65 -12.83
C PHE D 99 0.33 20.64 -12.92
N ASP D 100 -0.84 20.25 -13.43
CA ASP D 100 -1.96 21.18 -13.56
C ASP D 100 -3.24 20.35 -13.46
N ALA D 101 -3.84 20.36 -12.29
CA ALA D 101 -5.03 19.56 -12.00
C ALA D 101 -6.33 20.29 -12.33
N THR D 102 -6.25 21.55 -12.75
CA THR D 102 -7.45 22.32 -13.05
C THR D 102 -8.27 21.63 -14.14
N PHE D 103 -9.58 21.53 -13.91
CA PHE D 103 -10.50 20.96 -14.89
C PHE D 103 -11.04 22.11 -15.72
N HIS D 104 -10.81 22.05 -17.03
CA HIS D 104 -11.15 23.16 -17.95
C HIS D 104 -12.65 23.15 -18.22
N THR D 105 -13.37 24.17 -17.78
CA THR D 105 -14.80 24.34 -17.95
C THR D 105 -15.04 25.54 -18.87
N ASN D 106 -16.31 25.84 -19.10
CA ASN D 106 -16.64 26.96 -19.97
C ASN D 106 -16.21 28.28 -19.34
N VAL D 107 -16.01 29.26 -20.20
CA VAL D 107 -15.79 30.65 -19.82
C VAL D 107 -17.08 31.39 -20.11
N LEU D 108 -17.61 32.09 -19.12
CA LEU D 108 -18.89 32.79 -19.23
C LEU D 108 -18.60 34.26 -19.50
N VAL D 109 -19.14 34.78 -20.60
CA VAL D 109 -18.95 36.16 -20.99
C VAL D 109 -20.31 36.83 -21.02
N ASN D 110 -20.44 37.95 -20.31
CA ASN D 110 -21.69 38.69 -20.37
C ASN D 110 -21.61 39.80 -21.43
N SER D 111 -22.70 40.55 -21.56
CA SER D 111 -22.88 41.44 -22.70
C SER D 111 -21.90 42.61 -22.71
N SER D 112 -21.33 42.96 -21.56
CA SER D 112 -20.35 44.03 -21.50
C SER D 112 -18.93 43.55 -21.81
N GLY D 113 -18.76 42.29 -22.20
CA GLY D 113 -17.46 41.74 -22.49
C GLY D 113 -16.75 41.13 -21.31
N HIS D 114 -17.33 41.20 -20.12
CA HIS D 114 -16.68 40.69 -18.93
CA HIS D 114 -16.68 40.69 -18.93
C HIS D 114 -16.73 39.17 -18.93
N CYS D 115 -15.55 38.55 -18.92
CA CYS D 115 -15.39 37.11 -18.90
C CYS D 115 -15.08 36.65 -17.48
N GLN D 116 -15.63 35.50 -17.13
CA GLN D 116 -15.57 34.94 -15.80
C GLN D 116 -15.38 33.45 -15.94
N TYR D 117 -14.37 32.90 -15.26
CA TYR D 117 -13.89 31.56 -15.53
C TYR D 117 -13.54 30.91 -14.20
N LEU D 118 -14.27 29.84 -13.86
CA LEU D 118 -14.21 29.21 -12.54
C LEU D 118 -13.92 27.73 -12.69
N PRO D 119 -12.68 27.35 -12.97
CA PRO D 119 -12.37 25.95 -13.19
C PRO D 119 -12.22 25.22 -11.87
N PRO D 120 -12.99 24.17 -11.61
CA PRO D 120 -12.75 23.39 -10.40
C PRO D 120 -11.54 22.49 -10.55
N GLY D 121 -10.93 22.16 -9.41
CA GLY D 121 -9.76 21.32 -9.47
C GLY D 121 -9.33 20.75 -8.12
N ILE D 122 -8.83 19.52 -8.17
CA ILE D 122 -8.26 18.87 -7.00
C ILE D 122 -6.77 19.18 -7.07
N PHE D 123 -6.40 20.34 -6.54
CA PHE D 123 -5.04 20.82 -6.68
C PHE D 123 -4.13 20.15 -5.66
N LYS D 124 -3.03 19.62 -6.17
CA LYS D 124 -2.01 19.03 -5.33
C LYS D 124 -0.81 19.97 -5.33
N SER D 125 -0.47 20.49 -4.15
CA SER D 125 0.57 21.49 -4.01
C SER D 125 1.68 20.96 -3.13
N SER D 126 2.91 21.30 -3.48
CA SER D 126 4.07 20.87 -2.73
C SER D 126 4.23 21.79 -1.55
N CYS D 127 3.95 21.27 -0.36
CA CYS D 127 3.95 22.03 0.88
C CYS D 127 5.14 21.67 1.75
N TYR D 128 5.53 22.63 2.59
CA TYR D 128 6.55 22.41 3.60
C TYR D 128 5.68 22.24 4.84
N ILE D 129 5.47 20.99 5.21
CA ILE D 129 4.70 20.64 6.39
C ILE D 129 5.66 20.63 7.57
N ASP D 130 5.81 21.79 8.22
CA ASP D 130 6.69 21.85 9.37
C ASP D 130 6.07 20.96 10.43
N VAL D 131 6.89 20.14 11.08
CA VAL D 131 6.35 19.09 11.94
C VAL D 131 7.04 19.02 13.29
N ARG D 132 7.72 20.09 13.69
CA ARG D 132 8.34 20.11 15.01
C ARG D 132 7.30 20.01 16.12
N TRP D 133 6.14 20.63 15.94
CA TRP D 133 5.11 20.67 16.98
C TRP D 133 4.02 19.62 16.82
N PHE D 134 4.23 18.60 15.99
CA PHE D 134 3.20 17.59 15.80
C PHE D 134 2.93 16.87 17.12
N PRO D 135 1.65 16.63 17.50
CA PRO D 135 0.37 16.91 16.82
C PRO D 135 -0.19 18.31 17.02
N PHE D 136 0.34 19.09 17.96
CA PHE D 136 -0.18 20.44 18.23
C PHE D 136 0.46 21.46 17.27
N ASP D 137 0.31 21.17 15.98
CA ASP D 137 1.03 21.86 14.93
C ASP D 137 0.09 22.71 14.06
N VAL D 138 0.59 23.86 13.62
CA VAL D 138 -0.12 24.77 12.74
C VAL D 138 0.69 24.84 11.45
N GLN D 139 0.07 24.47 10.34
CA GLN D 139 0.75 24.34 9.06
C GLN D 139 0.37 25.52 8.17
N HIS D 140 1.38 26.16 7.59
CA HIS D 140 1.21 27.22 6.60
C HIS D 140 1.56 26.63 5.24
N CYS D 141 0.54 26.34 4.44
CA CYS D 141 0.75 25.87 3.08
C CYS D 141 0.48 27.02 2.13
N LYS D 142 1.45 27.29 1.25
CA LYS D 142 1.36 28.37 0.29
C LYS D 142 0.97 27.81 -1.06
N LEU D 143 -0.02 28.42 -1.69
CA LEU D 143 -0.43 28.11 -3.05
C LEU D 143 -0.12 29.35 -3.87
N LYS D 144 0.88 29.25 -4.73
CA LYS D 144 1.34 30.39 -5.53
C LYS D 144 0.77 30.24 -6.92
N PHE D 145 -0.05 31.19 -7.34
CA PHE D 145 -0.68 31.17 -8.64
C PHE D 145 -0.14 32.33 -9.46
N GLY D 146 0.01 32.09 -10.75
CA GLY D 146 0.54 33.13 -11.60
C GLY D 146 0.65 32.74 -13.05
N SER D 147 0.61 33.75 -13.94
CA SER D 147 0.65 33.47 -15.37
C SER D 147 2.00 32.88 -15.73
N TRP D 148 1.97 31.77 -16.48
CA TRP D 148 3.22 31.07 -16.75
C TRP D 148 4.06 31.80 -17.78
N SER D 149 3.44 32.62 -18.64
CA SER D 149 4.15 33.23 -19.76
C SER D 149 4.01 34.74 -19.82
N TYR D 150 3.25 35.35 -18.91
CA TYR D 150 2.95 36.77 -18.97
C TYR D 150 3.45 37.42 -17.69
N GLY D 151 4.09 38.57 -17.85
CA GLY D 151 4.65 39.31 -16.74
C GLY D 151 3.68 40.35 -16.24
N GLY D 152 4.23 41.36 -15.58
CA GLY D 152 3.41 42.45 -15.11
C GLY D 152 3.21 43.50 -16.17
N TRP D 153 3.94 43.38 -17.28
CA TRP D 153 3.82 44.32 -18.40
C TRP D 153 2.59 44.02 -19.24
N SER D 154 2.21 42.75 -19.34
CA SER D 154 1.12 42.31 -20.21
C SER D 154 -0.13 41.88 -19.45
N LEU D 155 0.01 41.27 -18.28
CA LEU D 155 -1.13 40.75 -17.53
C LEU D 155 -1.00 41.25 -16.09
N ASP D 156 -1.74 42.31 -15.77
CA ASP D 156 -1.76 42.87 -14.43
C ASP D 156 -2.59 41.96 -13.54
N LEU D 157 -1.93 41.03 -12.86
CA LEU D 157 -2.63 40.14 -11.95
C LEU D 157 -2.96 40.90 -10.68
N GLN D 158 -4.20 40.77 -10.22
CA GLN D 158 -4.68 41.48 -9.04
C GLN D 158 -5.39 40.48 -8.15
N MET D 159 -5.04 40.50 -6.87
CA MET D 159 -5.63 39.58 -5.91
C MET D 159 -7.04 40.03 -5.54
N GLN D 160 -7.87 39.05 -5.24
CA GLN D 160 -9.16 39.24 -4.59
C GLN D 160 -9.20 38.25 -3.44
N GLU D 161 -9.81 38.67 -2.33
CA GLU D 161 -9.82 37.87 -1.12
C GLU D 161 -10.33 36.47 -1.40
N ALA D 162 -9.84 35.49 -0.64
CA ALA D 162 -10.30 34.13 -0.80
C ALA D 162 -11.58 33.95 -0.01
N ASP D 163 -12.19 32.78 -0.17
CA ASP D 163 -13.47 32.50 0.44
C ASP D 163 -13.42 31.15 1.16
N ILE D 164 -14.24 31.04 2.19
CA ILE D 164 -14.40 29.80 2.92
C ILE D 164 -15.89 29.61 3.13
N SER D 165 -16.70 30.22 2.25
CA SER D 165 -18.15 30.21 2.39
C SER D 165 -18.66 28.78 2.48
N GLY D 166 -18.30 27.97 1.48
CA GLY D 166 -18.76 26.61 1.42
C GLY D 166 -17.65 25.69 1.85
N TYR D 167 -16.81 26.16 2.77
CA TYR D 167 -15.71 25.32 3.22
C TYR D 167 -16.38 24.21 4.01
N ILE D 168 -16.33 22.99 3.49
CA ILE D 168 -16.82 21.83 4.23
C ILE D 168 -15.74 21.43 5.24
N PRO D 169 -15.98 21.55 6.56
CA PRO D 169 -14.96 21.15 7.54
C PRO D 169 -14.39 19.78 7.25
N ASN D 170 -13.14 19.59 7.68
CA ASN D 170 -12.38 18.39 7.36
C ASN D 170 -12.48 17.40 8.51
N GLY D 171 -12.35 17.88 9.74
CA GLY D 171 -12.40 17.05 10.93
C GLY D 171 -11.04 16.89 11.58
N GLU D 172 -9.97 16.95 10.80
CA GLU D 172 -8.62 16.91 11.33
C GLU D 172 -7.95 18.28 11.29
N TRP D 173 -8.48 19.24 10.53
CA TRP D 173 -7.82 20.50 10.30
C TRP D 173 -8.82 21.64 10.47
N ASP D 174 -8.49 22.56 11.36
CA ASP D 174 -9.31 23.73 11.65
C ASP D 174 -8.71 24.87 10.86
N LEU D 175 -9.37 25.26 9.77
CA LEU D 175 -8.85 26.32 8.93
C LEU D 175 -8.80 27.63 9.69
N VAL D 176 -7.59 28.09 10.01
CA VAL D 176 -7.43 29.33 10.75
C VAL D 176 -7.59 30.55 9.84
N GLY D 177 -7.48 30.38 8.54
CA GLY D 177 -7.58 31.49 7.63
C GLY D 177 -6.86 31.18 6.33
N ILE D 178 -7.16 31.98 5.31
CA ILE D 178 -6.53 31.87 4.01
C ILE D 178 -6.10 33.26 3.56
N PRO D 179 -5.22 33.93 4.31
CA PRO D 179 -4.74 35.24 3.85
C PRO D 179 -3.93 35.12 2.58
N GLY D 180 -4.09 36.11 1.69
CA GLY D 180 -3.37 36.16 0.44
C GLY D 180 -2.40 37.35 0.39
N LYS D 181 -1.51 37.29 -0.59
CA LYS D 181 -0.52 38.34 -0.81
C LYS D 181 -0.19 38.37 -2.30
N ARG D 182 -0.09 39.58 -2.85
CA ARG D 182 0.31 39.79 -4.24
C ARG D 182 1.74 40.32 -4.26
N SER D 183 2.65 39.59 -4.87
CA SER D 183 4.04 40.02 -4.98
C SER D 183 4.41 40.21 -6.44
N GLU D 184 5.55 40.87 -6.65
CA GLU D 184 6.12 41.13 -7.97
C GLU D 184 7.61 40.79 -7.93
N ARG D 185 7.95 39.57 -8.34
CA ARG D 185 9.32 39.07 -8.26
C ARG D 185 9.95 38.94 -9.65
N PHE D 186 11.27 39.01 -9.65
CA PHE D 186 12.11 38.79 -10.82
C PHE D 186 12.71 37.39 -10.76
N TYR D 187 12.87 36.77 -11.94
CA TYR D 187 13.41 35.43 -12.07
C TYR D 187 14.68 35.45 -12.93
N GLU D 188 15.55 34.48 -12.68
CA GLU D 188 16.83 34.35 -13.39
C GLU D 188 16.69 33.94 -14.86
N CYS D 189 15.47 33.77 -15.37
CA CYS D 189 15.26 33.41 -16.76
C CYS D 189 15.10 34.62 -17.66
N CYS D 190 14.65 35.73 -17.10
CA CYS D 190 13.95 36.75 -17.86
C CYS D 190 14.17 38.10 -17.19
N LYS D 191 13.88 39.16 -17.94
CA LYS D 191 14.04 40.52 -17.46
C LYS D 191 12.71 41.18 -17.08
N GLU D 192 11.60 40.55 -17.43
CA GLU D 192 10.25 40.98 -17.06
C GLU D 192 9.88 40.43 -15.68
N PRO D 193 9.41 41.24 -14.74
CA PRO D 193 8.95 40.65 -13.47
C PRO D 193 7.62 39.96 -13.66
N TYR D 194 7.46 38.83 -12.98
CA TYR D 194 6.22 38.05 -13.07
C TYR D 194 5.40 38.21 -11.79
N PRO D 195 4.25 38.90 -11.80
CA PRO D 195 3.44 38.96 -10.57
C PRO D 195 2.95 37.59 -10.17
N ASP D 196 2.72 37.41 -8.88
CA ASP D 196 2.07 36.20 -8.40
C ASP D 196 1.16 36.54 -7.23
N VAL D 197 0.15 35.68 -7.04
CA VAL D 197 -0.73 35.73 -5.89
C VAL D 197 -0.51 34.45 -5.08
N THR D 198 -0.06 34.62 -3.85
CA THR D 198 0.22 33.50 -2.95
C THR D 198 -0.83 33.51 -1.85
N PHE D 199 -1.57 32.42 -1.73
CA PHE D 199 -2.53 32.23 -0.65
C PHE D 199 -1.89 31.28 0.36
N THR D 200 -1.76 31.73 1.61
CA THR D 200 -1.13 30.95 2.66
C THR D 200 -2.21 30.42 3.58
N VAL D 201 -2.78 29.27 3.20
CA VAL D 201 -3.76 28.64 4.08
C VAL D 201 -3.06 28.21 5.36
N THR D 202 -3.61 28.64 6.49
CA THR D 202 -3.13 28.25 7.80
C THR D 202 -4.13 27.26 8.36
N MET D 203 -3.65 26.09 8.73
CA MET D 203 -4.48 25.00 9.23
C MET D 203 -3.99 24.58 10.61
N ARG D 204 -4.90 24.52 11.57
CA ARG D 204 -4.60 23.98 12.89
C ARG D 204 -5.12 22.57 12.98
N ARG D 205 -4.30 21.67 13.55
CA ARG D 205 -4.68 20.28 13.67
C ARG D 205 -5.56 20.08 14.90
N ARG D 206 -6.69 19.41 14.71
CA ARG D 206 -7.52 18.99 15.84
C ARG D 206 -6.92 17.75 16.46
N THR D 207 -6.44 17.93 17.65
CA THR D 207 -5.61 16.88 18.24
C THR D 207 -6.36 15.73 18.90
N LEU D 208 -7.70 15.71 18.92
CA LEU D 208 -8.40 14.66 19.64
C LEU D 208 -7.99 13.25 19.17
N TYR D 209 -7.85 13.07 17.85
CA TYR D 209 -7.61 11.74 17.32
C TYR D 209 -6.25 11.23 17.75
N TYR D 210 -5.20 11.93 17.34
CA TYR D 210 -3.86 11.44 17.61
C TYR D 210 -3.53 11.64 19.07
N GLY D 211 -4.35 12.41 19.78
CA GLY D 211 -4.19 12.54 21.21
C GLY D 211 -4.61 11.31 21.98
N LEU D 212 -5.67 10.64 21.51
CA LEU D 212 -6.12 9.44 22.21
C LEU D 212 -5.66 8.17 21.53
N ASN D 213 -5.05 8.27 20.35
CA ASN D 213 -4.47 7.11 19.66
C ASN D 213 -3.01 6.94 19.99
N LEU D 214 -2.26 8.02 20.21
CA LEU D 214 -0.85 7.92 20.50
C LEU D 214 -0.48 8.59 21.83
N LEU D 215 -0.77 9.87 22.01
CA LEU D 215 -0.29 10.58 23.20
C LEU D 215 -0.74 9.85 24.45
N ILE D 216 -2.02 9.50 24.55
CA ILE D 216 -2.61 9.03 25.82
C ILE D 216 -2.29 7.56 26.05
N PRO D 217 -2.56 6.64 25.07
CA PRO D 217 -2.19 5.24 25.26
C PRO D 217 -0.80 5.06 25.81
N CYS D 218 0.17 5.76 25.21
CA CYS D 218 1.54 5.75 25.75
C CYS D 218 1.55 6.01 27.25
N VAL D 219 0.78 7.01 27.70
CA VAL D 219 0.77 7.35 29.12
C VAL D 219 0.26 6.18 29.94
N LEU D 220 -0.74 5.47 29.41
CA LEU D 220 -1.34 4.41 30.21
C LEU D 220 -0.52 3.13 30.18
N ILE D 221 0.06 2.80 29.04
CA ILE D 221 0.95 1.65 28.96
C ILE D 221 2.27 1.94 29.69
N SER D 222 2.71 3.20 29.72
CA SER D 222 3.86 3.53 30.55
C SER D 222 3.51 3.40 32.03
N ALA D 223 2.26 3.68 32.39
CA ALA D 223 1.85 3.38 33.75
C ALA D 223 1.95 1.88 34.02
N LEU D 224 1.55 1.06 33.04
CA LEU D 224 1.74 -0.38 33.18
C LEU D 224 3.20 -0.72 33.40
N ALA D 225 4.11 -0.01 32.73
CA ALA D 225 5.54 -0.21 32.98
C ALA D 225 5.89 0.15 34.42
N LEU D 226 5.34 1.26 34.91
CA LEU D 226 5.60 1.69 36.29
C LEU D 226 5.13 0.65 37.29
N LEU D 227 4.10 -0.13 36.94
CA LEU D 227 3.65 -1.22 37.82
C LEU D 227 4.76 -2.22 38.15
N VAL D 228 5.84 -2.29 37.36
CA VAL D 228 6.93 -3.20 37.66
C VAL D 228 7.49 -2.94 39.04
N PHE D 229 7.60 -1.67 39.42
CA PHE D 229 8.16 -1.32 40.72
C PHE D 229 7.25 -1.69 41.88
N LEU D 230 6.01 -2.10 41.62
CA LEU D 230 5.12 -2.63 42.64
C LEU D 230 5.05 -4.15 42.66
N LEU D 231 5.53 -4.81 41.63
CA LEU D 231 5.51 -6.26 41.61
C LEU D 231 6.40 -6.83 42.71
N PRO D 232 5.98 -7.85 43.43
CA PRO D 232 6.91 -8.48 44.36
C PRO D 232 8.06 -9.09 43.59
N ALA D 233 9.23 -9.08 44.19
CA ALA D 233 10.38 -9.69 43.55
C ALA D 233 10.21 -11.20 43.43
N ASP D 234 9.54 -11.82 44.40
CA ASP D 234 9.43 -13.27 44.43
C ASP D 234 8.66 -13.83 43.24
N SER D 235 7.83 -13.01 42.58
CA SER D 235 7.05 -13.49 41.45
C SER D 235 7.94 -13.87 40.28
N GLY D 236 9.13 -13.27 40.18
CA GLY D 236 10.04 -13.63 39.11
C GLY D 236 9.51 -13.27 37.74
N GLU D 237 8.63 -12.25 37.69
CA GLU D 237 8.03 -11.77 36.44
C GLU D 237 8.30 -10.28 36.11
N LYS D 238 9.10 -9.61 36.90
CA LYS D 238 9.32 -8.17 36.70
C LYS D 238 9.86 -7.87 35.32
N ILE D 239 10.89 -8.61 34.91
CA ILE D 239 11.55 -8.35 33.64
C ILE D 239 10.61 -8.58 32.48
N SER D 240 9.80 -9.64 32.56
CA SER D 240 8.85 -9.92 31.49
C SER D 240 7.91 -8.75 31.25
N LEU D 241 7.25 -8.26 32.30
CA LEU D 241 6.33 -7.14 32.14
C LEU D 241 7.06 -5.89 31.63
N GLY D 242 8.23 -5.59 32.21
CA GLY D 242 8.96 -4.42 31.79
C GLY D 242 9.33 -4.45 30.33
N ILE D 243 9.93 -5.55 29.89
CA ILE D 243 10.38 -5.60 28.50
C ILE D 243 9.18 -5.65 27.58
N THR D 244 8.16 -6.45 27.91
CA THR D 244 7.03 -6.61 27.00
C THR D 244 6.36 -5.25 26.77
N VAL D 245 6.18 -4.48 27.84
CA VAL D 245 5.62 -3.14 27.68
C VAL D 245 6.51 -2.31 26.77
N LEU D 246 7.84 -2.31 26.98
CA LEU D 246 8.76 -1.40 26.24
C LEU D 246 8.90 -1.85 24.80
N LEU D 247 8.49 -3.06 24.46
CA LEU D 247 8.49 -3.50 23.05
C LEU D 247 7.17 -3.08 22.44
N SER D 248 6.09 -3.11 23.23
CA SER D 248 4.74 -2.74 22.76
C SER D 248 4.62 -1.23 22.69
N LEU D 249 5.62 -0.49 23.12
CA LEU D 249 5.62 0.96 22.92
C LEU D 249 6.16 1.36 21.55
N THR D 250 6.77 0.44 20.80
CA THR D 250 7.30 0.76 19.48
C THR D 250 6.27 0.63 18.37
N VAL D 251 5.25 -0.21 18.55
CA VAL D 251 4.15 -0.34 17.59
C VAL D 251 3.51 1.02 17.29
N PHE D 252 3.25 1.82 18.34
CA PHE D 252 2.65 3.13 18.10
C PHE D 252 3.61 4.00 17.35
N MET D 253 4.87 3.95 17.74
CA MET D 253 5.83 4.81 17.10
C MET D 253 6.15 4.36 15.67
N LEU D 254 5.76 3.13 15.30
CA LEU D 254 5.92 2.75 13.92
C LEU D 254 4.80 3.41 13.14
N LEU D 255 3.61 3.49 13.75
CA LEU D 255 2.57 4.23 13.04
C LEU D 255 2.87 5.72 13.05
N VAL D 256 3.69 6.17 14.01
CA VAL D 256 4.05 7.57 14.08
C VAL D 256 5.00 7.91 12.96
N ALA D 257 5.87 6.96 12.59
CA ALA D 257 6.79 7.16 11.48
C ALA D 257 6.16 6.85 10.12
N GLU D 258 5.01 6.17 10.10
CA GLU D 258 4.27 5.94 8.86
C GLU D 258 3.49 7.14 8.33
N ILE D 259 3.31 8.22 9.11
CA ILE D 259 2.54 9.37 8.66
C ILE D 259 3.38 10.62 8.38
N MET D 260 4.49 10.81 9.07
CA MET D 260 5.31 12.02 9.02
C MET D 260 6.54 11.84 8.14
N PRO D 261 6.99 12.88 7.44
CA PRO D 261 8.07 12.71 6.47
C PRO D 261 9.37 12.31 7.14
N ALA D 262 10.28 11.80 6.31
CA ALA D 262 11.61 11.40 6.75
C ALA D 262 12.59 12.56 6.74
N THR D 263 12.10 13.77 6.96
CA THR D 263 12.96 14.94 6.93
C THR D 263 13.84 15.00 8.17
N SER D 264 14.95 15.71 8.05
CA SER D 264 15.95 15.85 9.10
C SER D 264 16.16 17.32 9.45
N ASP D 265 15.11 18.11 9.34
CA ASP D 265 15.17 19.54 9.60
C ASP D 265 14.85 19.83 11.06
N SER D 266 14.05 18.97 11.70
CA SER D 266 13.58 19.19 13.04
C SER D 266 13.09 17.86 13.59
N VAL D 267 12.98 17.78 14.90
CA VAL D 267 12.53 16.57 15.59
C VAL D 267 11.13 16.83 16.12
N PRO D 268 10.12 16.03 15.75
CA PRO D 268 8.75 16.34 16.19
C PRO D 268 8.58 16.23 17.70
N LEU D 269 7.67 17.06 18.22
CA LEU D 269 7.31 17.00 19.64
C LEU D 269 6.90 15.59 20.05
N ILE D 270 6.11 14.92 19.20
CA ILE D 270 5.69 13.57 19.53
C ILE D 270 6.89 12.65 19.62
N ALA D 271 7.87 12.81 18.72
CA ALA D 271 9.07 12.00 18.76
C ALA D 271 9.89 12.27 20.02
N GLN D 272 10.02 13.55 20.41
CA GLN D 272 10.73 13.86 21.66
C GLN D 272 10.06 13.20 22.84
N TYR D 273 8.72 13.30 22.90
CA TYR D 273 7.97 12.71 24.00
C TYR D 273 8.12 11.20 24.03
N PHE D 274 8.03 10.57 22.86
CA PHE D 274 8.16 9.13 22.78
C PHE D 274 9.54 8.68 23.21
N ALA D 275 10.57 9.41 22.78
CA ALA D 275 11.93 9.07 23.20
C ALA D 275 12.06 9.20 24.71
N SER D 276 11.50 10.26 25.29
CA SER D 276 11.65 10.47 26.73
C SER D 276 11.00 9.34 27.52
N THR D 277 9.77 8.97 27.15
CA THR D 277 9.12 7.86 27.85
C THR D 277 9.87 6.55 27.62
N MET D 278 10.36 6.33 26.40
CA MET D 278 11.05 5.09 26.09
C MET D 278 12.35 4.98 26.88
N ILE D 279 13.05 6.10 27.05
CA ILE D 279 14.23 6.14 27.91
C ILE D 279 13.85 5.85 29.35
N ILE D 280 12.74 6.41 29.82
CA ILE D 280 12.33 6.21 31.20
C ILE D 280 11.99 4.74 31.44
N VAL D 281 11.26 4.12 30.52
CA VAL D 281 10.89 2.71 30.70
C VAL D 281 12.11 1.80 30.54
N GLY D 282 13.01 2.12 29.62
CA GLY D 282 14.24 1.35 29.51
C GLY D 282 15.07 1.44 30.78
N LEU D 283 15.10 2.63 31.38
CA LEU D 283 15.72 2.78 32.69
C LEU D 283 15.00 1.98 33.75
N SER D 284 13.67 1.84 33.61
CA SER D 284 12.93 0.96 34.51
C SER D 284 13.41 -0.47 34.38
N VAL D 285 13.64 -0.93 33.15
CA VAL D 285 14.17 -2.28 32.92
C VAL D 285 15.57 -2.42 33.54
N VAL D 286 16.42 -1.42 33.34
CA VAL D 286 17.77 -1.45 33.90
C VAL D 286 17.72 -1.52 35.41
N VAL D 287 16.89 -0.68 36.02
CA VAL D 287 16.72 -0.70 37.46
C VAL D 287 16.10 -2.02 37.91
N THR D 288 15.25 -2.63 37.07
CA THR D 288 14.67 -3.92 37.40
C THR D 288 15.76 -4.96 37.52
N VAL D 289 16.71 -4.95 36.59
CA VAL D 289 17.85 -5.87 36.69
C VAL D 289 18.66 -5.58 37.93
N ILE D 290 18.85 -4.29 38.25
CA ILE D 290 19.66 -3.94 39.42
C ILE D 290 19.00 -4.42 40.70
N VAL D 291 17.69 -4.20 40.82
CA VAL D 291 16.99 -4.64 42.03
C VAL D 291 16.96 -6.17 42.10
N LEU D 292 16.90 -6.85 40.95
CA LEU D 292 16.97 -8.31 41.00
C LEU D 292 18.36 -8.77 41.44
N GLN D 293 19.42 -8.07 41.04
CA GLN D 293 20.74 -8.32 41.60
C GLN D 293 20.70 -8.20 43.12
N TYR D 294 20.01 -7.17 43.60
CA TYR D 294 19.87 -6.99 45.06
C TYR D 294 19.10 -8.15 45.68
N HIS D 295 18.05 -8.62 45.00
CA HIS D 295 17.12 -9.58 45.58
C HIS D 295 17.69 -11.00 45.61
N HIS D 296 18.23 -11.47 44.48
CA HIS D 296 18.84 -12.79 44.42
C HIS D 296 20.33 -12.70 44.71
N HIS D 297 20.69 -12.07 45.82
CA HIS D 297 22.10 -11.83 46.15
C HIS D 297 22.57 -12.96 47.05
N ASP D 298 23.57 -13.69 46.57
CA ASP D 298 24.07 -14.86 47.26
C ASP D 298 24.49 -14.50 48.68
N PRO D 299 23.97 -15.17 49.72
CA PRO D 299 24.37 -14.79 51.10
C PRO D 299 25.85 -14.92 51.34
N ASP D 300 26.54 -15.80 50.62
CA ASP D 300 27.97 -15.95 50.74
C ASP D 300 28.74 -15.00 49.81
N GLY D 301 28.03 -14.13 49.08
CA GLY D 301 28.67 -13.19 48.18
C GLY D 301 29.30 -12.03 48.92
N GLY D 302 29.37 -10.89 48.26
CA GLY D 302 29.96 -9.72 48.87
C GLY D 302 29.11 -9.21 50.04
N LYS D 303 29.78 -8.75 51.07
CA LYS D 303 29.09 -8.22 52.24
C LYS D 303 28.52 -6.85 51.92
N MET D 304 27.44 -6.49 52.62
CA MET D 304 26.77 -5.23 52.34
C MET D 304 27.70 -4.06 52.66
N PRO D 305 27.86 -3.08 51.76
CA PRO D 305 28.61 -1.87 52.15
C PRO D 305 27.85 -1.07 53.18
N LYS D 306 28.59 -0.17 53.85
CA LYS D 306 27.99 0.70 54.84
C LYS D 306 27.39 1.95 54.23
N TRP D 307 27.50 2.11 52.90
CA TRP D 307 26.82 3.20 52.20
C TRP D 307 25.43 2.72 51.80
N THR D 308 25.32 1.57 51.15
CA THR D 308 24.02 1.05 50.76
C THR D 308 23.17 0.70 51.98
N ARG D 309 23.81 0.32 53.09
CA ARG D 309 23.11 -0.04 54.32
C ARG D 309 22.53 1.17 55.04
N VAL D 310 22.98 2.39 54.74
CA VAL D 310 22.43 3.60 55.33
C VAL D 310 21.63 4.43 54.34
N ILE D 311 22.08 4.49 53.07
CA ILE D 311 21.41 5.29 52.07
C ILE D 311 20.07 4.68 51.67
N LEU D 312 19.85 3.40 51.97
CA LEU D 312 18.59 2.73 51.65
C LEU D 312 17.85 2.28 52.90
N LEU D 313 18.52 1.64 53.85
CA LEU D 313 17.82 1.05 54.98
C LEU D 313 17.68 1.98 56.18
N ASN D 314 18.31 3.16 56.16
CA ASN D 314 18.21 4.12 57.26
C ASN D 314 17.53 5.40 56.85
N TRP D 315 18.04 6.11 55.84
CA TRP D 315 17.47 7.39 55.44
C TRP D 315 16.27 7.21 54.52
N CYS D 316 16.51 6.63 53.34
CA CYS D 316 15.41 6.43 52.40
C CYS D 316 14.36 5.47 52.96
N ALA D 317 14.77 4.52 53.80
CA ALA D 317 13.78 3.69 54.48
C ALA D 317 12.91 4.52 55.41
N TRP D 318 13.55 5.40 56.19
CA TRP D 318 12.81 6.22 57.14
C TRP D 318 11.84 7.14 56.40
N PHE D 319 12.28 7.68 55.27
CA PHE D 319 11.42 8.58 54.49
C PHE D 319 10.11 7.91 54.12
N LEU D 320 10.16 6.67 53.62
CA LEU D 320 8.99 6.03 53.05
C LEU D 320 8.14 5.28 54.08
N ARG D 321 8.54 5.30 55.34
CA ARG D 321 7.75 4.67 56.42
C ARG D 321 7.53 3.18 56.14
N MET D 322 8.64 2.45 55.96
CA MET D 322 8.57 1.05 55.59
C MET D 322 8.71 0.12 56.78
N LYS D 323 9.49 0.49 57.79
CA LYS D 323 9.52 -0.23 59.05
C LYS D 323 10.10 -1.64 58.88
N PHE D 495 21.34 -25.11 61.00
CA PHE D 495 20.15 -24.28 60.98
C PHE D 495 20.48 -22.85 61.36
N ARG D 496 21.40 -22.69 62.33
CA ARG D 496 21.80 -21.36 62.75
C ARG D 496 22.55 -20.63 61.64
N CYS D 497 23.43 -21.33 60.93
CA CYS D 497 24.11 -20.71 59.80
C CYS D 497 23.13 -20.31 58.70
N GLN D 498 22.14 -21.17 58.43
CA GLN D 498 21.11 -20.82 57.46
C GLN D 498 20.29 -19.64 57.94
N ASP D 499 20.02 -19.58 59.25
CA ASP D 499 19.27 -18.45 59.79
C ASP D 499 20.04 -17.15 59.62
N GLU D 500 21.35 -17.18 59.91
CA GLU D 500 22.17 -16.00 59.65
C GLU D 500 22.19 -15.69 58.16
N SER D 501 22.33 -16.72 57.33
CA SER D 501 22.34 -16.51 55.88
C SER D 501 21.02 -15.92 55.40
N GLU D 502 19.89 -16.42 55.90
CA GLU D 502 18.62 -15.87 55.46
C GLU D 502 18.41 -14.46 56.00
N ALA D 503 18.88 -14.19 57.22
CA ALA D 503 18.80 -12.83 57.75
C ALA D 503 19.61 -11.86 56.91
N VAL D 504 20.80 -12.29 56.48
CA VAL D 504 21.63 -11.43 55.65
C VAL D 504 20.96 -11.22 54.30
N CYS D 505 20.45 -12.29 53.70
CA CYS D 505 19.73 -12.14 52.45
C CYS D 505 18.49 -11.28 52.63
N SER D 506 17.86 -11.33 53.80
CA SER D 506 16.66 -10.52 54.00
C SER D 506 16.97 -9.04 54.04
N GLU D 507 18.15 -8.67 54.57
CA GLU D 507 18.60 -7.30 54.43
C GLU D 507 18.75 -6.94 52.96
N TRP D 508 19.31 -7.84 52.17
CA TRP D 508 19.41 -7.60 50.74
C TRP D 508 18.03 -7.52 50.10
N LYS D 509 17.09 -8.36 50.58
CA LYS D 509 15.72 -8.30 50.10
C LYS D 509 15.06 -6.98 50.50
N PHE D 510 15.34 -6.53 51.73
CA PHE D 510 14.85 -5.22 52.17
C PHE D 510 15.43 -4.08 51.34
N ALA D 511 16.73 -4.15 51.03
CA ALA D 511 17.33 -3.15 50.15
C ALA D 511 16.65 -3.13 48.81
N ALA D 512 16.33 -4.31 48.27
CA ALA D 512 15.64 -4.39 46.99
C ALA D 512 14.28 -3.70 47.06
N CYS D 513 13.54 -3.90 48.16
CA CYS D 513 12.23 -3.28 48.29
C CYS D 513 12.32 -1.76 48.34
N VAL D 514 13.31 -1.22 49.05
CA VAL D 514 13.44 0.24 49.15
C VAL D 514 13.72 0.84 47.78
N VAL D 515 14.57 0.18 46.99
CA VAL D 515 14.86 0.69 45.66
C VAL D 515 13.62 0.63 44.78
N ASP D 516 12.79 -0.40 44.97
CA ASP D 516 11.54 -0.48 44.21
C ASP D 516 10.63 0.70 44.52
N ARG D 517 10.44 1.00 45.80
CA ARG D 517 9.55 2.10 46.19
C ARG D 517 10.11 3.45 45.73
N LEU D 518 11.40 3.69 45.96
CA LEU D 518 12.03 4.94 45.55
C LEU D 518 11.91 5.15 44.05
N CYS D 519 12.23 4.13 43.27
CA CYS D 519 12.20 4.28 41.83
C CYS D 519 10.78 4.41 41.30
N LEU D 520 9.80 3.81 41.96
CA LEU D 520 8.41 4.09 41.62
C LEU D 520 8.12 5.58 41.72
N MET D 521 8.44 6.18 42.87
CA MET D 521 8.21 7.61 43.04
C MET D 521 9.05 8.42 42.05
N ALA D 522 10.33 8.06 41.90
CA ALA D 522 11.22 8.86 41.06
C ALA D 522 10.81 8.78 39.59
N PHE D 523 10.52 7.57 39.11
CA PHE D 523 10.11 7.43 37.71
C PHE D 523 8.73 8.01 37.48
N SER D 524 7.84 7.93 38.47
CA SER D 524 6.53 8.57 38.36
C SER D 524 6.69 10.09 38.25
N VAL D 525 7.51 10.68 39.11
CA VAL D 525 7.72 12.13 39.05
C VAL D 525 8.37 12.52 37.74
N PHE D 526 9.29 11.70 37.25
CA PHE D 526 10.02 11.98 36.00
C PHE D 526 9.04 11.81 34.85
N THR D 527 8.10 10.89 34.93
CA THR D 527 7.05 10.76 33.93
C THR D 527 6.12 11.98 33.95
N ILE D 528 5.64 12.36 35.13
CA ILE D 528 4.74 13.51 35.25
C ILE D 528 5.42 14.77 34.70
N ILE D 529 6.62 15.09 35.18
CA ILE D 529 7.35 16.26 34.69
C ILE D 529 7.56 16.19 33.18
N CYS D 530 8.29 15.16 32.74
CA CYS D 530 8.61 14.99 31.32
C CYS D 530 7.38 15.08 30.43
N THR D 531 6.34 14.30 30.75
CA THR D 531 5.12 14.31 29.94
C THR D 531 4.52 15.71 29.89
N ILE D 532 4.26 16.31 31.05
CA ILE D 532 3.53 17.57 31.07
C ILE D 532 4.37 18.70 30.50
N GLY D 533 5.63 18.79 30.92
CA GLY D 533 6.50 19.85 30.41
C GLY D 533 6.69 19.81 28.91
N ILE D 534 6.97 18.63 28.36
CA ILE D 534 7.16 18.52 26.91
C ILE D 534 5.89 18.89 26.17
N LEU D 535 4.75 18.38 26.63
CA LEU D 535 3.49 18.64 25.94
C LEU D 535 3.15 20.13 25.93
N MET D 536 3.42 20.83 27.03
CA MET D 536 3.14 22.26 27.08
C MET D 536 4.21 23.10 26.38
N SER D 537 5.29 22.49 25.89
CA SER D 537 6.28 23.24 25.14
C SER D 537 5.78 23.65 23.75
N ALA D 538 4.65 23.12 23.30
CA ALA D 538 4.08 23.55 22.03
C ALA D 538 3.39 24.90 22.21
N PRO D 539 3.62 25.89 21.33
CA PRO D 539 2.88 27.15 21.46
C PRO D 539 1.38 26.99 21.34
N ASN D 540 0.91 25.97 20.61
CA ASN D 540 -0.50 25.77 20.31
C ASN D 540 -1.12 24.71 21.22
N PHE D 541 -0.55 24.49 22.41
CA PHE D 541 -1.07 23.46 23.30
C PHE D 541 -2.29 23.93 24.07
N VAL D 542 -2.20 25.12 24.67
CA VAL D 542 -3.32 25.64 25.46
C VAL D 542 -4.54 25.80 24.58
N GLU D 543 -4.36 26.32 23.38
CA GLU D 543 -5.48 26.50 22.46
C GLU D 543 -6.06 25.15 22.06
N ALA D 544 -5.20 24.17 21.78
CA ALA D 544 -5.67 22.87 21.36
C ALA D 544 -6.50 22.20 22.44
N VAL D 545 -5.97 22.14 23.67
CA VAL D 545 -6.73 21.53 24.75
C VAL D 545 -7.98 22.32 25.06
N SER D 546 -7.95 23.64 24.86
CA SER D 546 -9.11 24.45 25.20
C SER D 546 -10.25 24.26 24.21
N LYS D 547 -9.92 24.01 22.94
CA LYS D 547 -10.96 23.87 21.93
C LYS D 547 -11.42 22.42 21.76
N ASP D 548 -10.52 21.44 21.89
CA ASP D 548 -10.88 20.06 21.58
C ASP D 548 -11.38 19.28 22.79
N PHE D 549 -11.33 19.85 23.99
CA PHE D 549 -11.75 19.14 25.20
C PHE D 549 -12.56 20.07 26.10
N GLU E 1 -5.42 45.15 -32.14
CA GLU E 1 -5.30 45.65 -33.54
C GLU E 1 -4.01 45.15 -34.17
N PHE E 2 -2.88 45.44 -33.51
CA PHE E 2 -1.58 45.01 -34.03
C PHE E 2 -1.23 43.59 -33.62
N GLN E 3 -1.65 43.15 -32.43
CA GLN E 3 -1.38 41.78 -32.02
C GLN E 3 -2.14 40.80 -32.90
N ARG E 4 -3.37 41.15 -33.29
CA ARG E 4 -4.12 40.34 -34.24
C ARG E 4 -3.40 40.26 -35.59
N LYS E 5 -2.93 41.41 -36.07
CA LYS E 5 -2.19 41.44 -37.34
C LYS E 5 -0.95 40.56 -37.27
N LEU E 6 -0.19 40.68 -36.18
CA LEU E 6 1.05 39.92 -36.07
C LEU E 6 0.77 38.43 -35.95
N TYR E 7 -0.24 38.03 -35.18
CA TYR E 7 -0.54 36.61 -35.08
C TYR E 7 -1.04 36.05 -36.41
N LYS E 8 -1.84 36.84 -37.14
CA LYS E 8 -2.28 36.42 -38.46
C LYS E 8 -1.12 36.37 -39.45
N GLU E 9 -0.08 37.16 -39.22
CA GLU E 9 1.02 37.26 -40.16
C GLU E 9 2.14 36.27 -39.89
N LEU E 10 2.30 35.82 -38.65
CA LEU E 10 3.33 34.87 -38.31
C LEU E 10 2.94 33.43 -38.61
N VAL E 11 1.67 33.19 -38.94
CA VAL E 11 1.18 31.85 -39.27
C VAL E 11 1.00 31.67 -40.78
N LYS E 12 1.32 32.69 -41.59
CA LYS E 12 1.25 32.53 -43.03
C LYS E 12 2.36 31.59 -43.49
N ASN E 13 1.96 30.45 -44.06
CA ASN E 13 2.84 29.43 -44.61
C ASN E 13 3.68 28.71 -43.55
N TYR E 14 3.54 29.05 -42.27
CA TYR E 14 4.38 28.43 -41.26
C TYR E 14 4.05 26.95 -41.13
N ASN E 15 5.09 26.15 -40.94
CA ASN E 15 4.98 24.69 -40.84
C ASN E 15 5.67 24.28 -39.54
N PRO E 16 4.95 23.77 -38.53
CA PRO E 16 5.62 23.42 -37.27
C PRO E 16 6.65 22.31 -37.39
N LEU E 17 6.76 21.64 -38.54
CA LEU E 17 7.67 20.52 -38.72
C LEU E 17 9.02 20.94 -39.26
N GLU E 18 9.14 22.18 -39.73
CA GLU E 18 10.40 22.68 -40.27
C GLU E 18 11.33 23.08 -39.13
N ARG E 19 12.61 22.78 -39.29
CA ARG E 19 13.58 23.27 -38.33
C ARG E 19 13.79 24.75 -38.64
N PRO E 20 13.47 25.68 -37.73
CA PRO E 20 13.52 27.08 -38.11
C PRO E 20 14.91 27.65 -38.25
N VAL E 21 15.49 27.52 -39.43
CA VAL E 21 16.83 28.03 -39.72
C VAL E 21 16.77 28.75 -41.06
N ALA E 22 17.72 29.66 -41.26
CA ALA E 22 17.79 30.38 -42.53
C ALA E 22 18.48 29.52 -43.58
N ASN E 23 19.59 28.91 -43.20
CA ASN E 23 20.37 28.03 -44.07
C ASN E 23 20.16 26.60 -43.60
N ASP E 24 19.76 25.72 -44.52
CA ASP E 24 19.39 24.36 -44.16
C ASP E 24 20.59 23.46 -43.87
N SER E 25 21.81 23.97 -44.05
CA SER E 25 23.02 23.17 -43.87
C SER E 25 23.68 23.39 -42.51
N GLN E 26 23.34 24.47 -41.80
CA GLN E 26 23.96 24.80 -40.52
C GLN E 26 23.08 24.33 -39.37
N PRO E 27 23.63 23.69 -38.33
CA PRO E 27 22.75 23.21 -37.25
C PRO E 27 22.17 24.36 -36.44
N LEU E 28 20.97 24.13 -35.92
CA LEU E 28 20.34 25.08 -35.01
C LEU E 28 20.94 24.93 -33.62
N THR E 29 21.23 26.06 -32.99
CA THR E 29 21.81 26.07 -31.64
C THR E 29 20.67 26.18 -30.63
N VAL E 30 20.61 25.21 -29.73
CA VAL E 30 19.59 25.14 -28.69
C VAL E 30 20.31 25.16 -27.35
N TYR E 31 20.04 26.19 -26.55
CA TYR E 31 20.62 26.29 -25.21
C TYR E 31 19.67 25.63 -24.22
N PHE E 32 20.13 24.55 -23.61
CA PHE E 32 19.35 23.76 -22.67
C PHE E 32 19.91 23.91 -21.27
N SER E 33 19.01 23.97 -20.29
CA SER E 33 19.36 24.00 -18.88
C SER E 33 18.15 23.54 -18.09
N LEU E 34 18.25 23.61 -16.77
CA LEU E 34 17.10 23.30 -15.94
C LEU E 34 17.22 24.03 -14.62
N SER E 35 16.07 24.29 -14.01
CA SER E 35 15.96 24.84 -12.66
C SER E 35 15.35 23.77 -11.77
N LEU E 36 16.13 23.29 -10.81
CA LEU E 36 15.70 22.21 -9.92
C LEU E 36 14.95 22.84 -8.77
N LEU E 37 13.62 22.72 -8.78
CA LEU E 37 12.81 23.42 -7.80
C LEU E 37 12.62 22.63 -6.51
N GLN E 38 12.67 21.31 -6.58
CA GLN E 38 12.50 20.46 -5.41
C GLN E 38 12.79 19.04 -5.82
N ILE E 39 13.34 18.27 -4.91
CA ILE E 39 13.54 16.84 -5.08
C ILE E 39 12.42 16.18 -4.28
N MET E 40 11.30 15.90 -4.95
CA MET E 40 10.11 15.51 -4.22
C MET E 40 10.29 14.15 -3.56
N ASP E 41 10.98 13.23 -4.21
CA ASP E 41 11.11 11.91 -3.59
C ASP E 41 12.28 11.18 -4.22
N VAL E 42 12.85 10.27 -3.42
CA VAL E 42 13.90 9.37 -3.86
C VAL E 42 13.37 7.98 -3.51
N ASP E 43 12.86 7.27 -4.52
CA ASP E 43 12.31 5.93 -4.33
C ASP E 43 13.48 4.98 -4.45
N GLU E 44 14.14 4.73 -3.32
CA GLU E 44 15.32 3.86 -3.30
C GLU E 44 14.94 2.44 -3.68
N LYS E 45 13.75 1.99 -3.26
CA LYS E 45 13.33 0.62 -3.56
C LYS E 45 13.17 0.42 -5.06
N ASN E 46 12.61 1.40 -5.76
CA ASN E 46 12.39 1.33 -7.19
C ASN E 46 13.56 1.88 -8.00
N GLN E 47 14.59 2.42 -7.35
CA GLN E 47 15.72 3.05 -8.03
C GLN E 47 15.23 4.17 -8.93
N VAL E 48 14.39 5.05 -8.36
CA VAL E 48 13.80 6.16 -9.10
C VAL E 48 14.01 7.45 -8.30
N LEU E 49 14.13 8.55 -9.03
CA LEU E 49 14.26 9.89 -8.47
C LEU E 49 13.15 10.74 -9.06
N THR E 50 12.22 11.20 -8.23
CA THR E 50 11.15 12.09 -8.66
C THR E 50 11.53 13.50 -8.27
N THR E 51 11.67 14.37 -9.27
CA THR E 51 12.12 15.74 -9.06
C THR E 51 11.18 16.73 -9.73
N ASN E 52 10.95 17.86 -9.06
CA ASN E 52 10.27 18.99 -9.67
C ASN E 52 11.31 19.80 -10.42
N ILE E 53 11.11 19.97 -11.73
CA ILE E 53 12.06 20.66 -12.59
C ILE E 53 11.31 21.65 -13.45
N TRP E 54 11.97 22.76 -13.76
CA TRP E 54 11.57 23.64 -14.86
C TRP E 54 12.70 23.57 -15.87
N LEU E 55 12.55 22.75 -16.90
CA LEU E 55 13.53 22.75 -17.98
C LEU E 55 13.52 24.11 -18.66
N GLN E 56 14.67 24.51 -19.19
CA GLN E 56 14.83 25.80 -19.88
C GLN E 56 15.41 25.52 -21.25
N MET E 57 14.63 25.76 -22.29
CA MET E 57 15.03 25.55 -23.67
C MET E 57 14.91 26.88 -24.39
N SER E 58 16.02 27.39 -24.92
CA SER E 58 16.02 28.66 -25.62
C SER E 58 16.70 28.50 -26.98
N TRP E 59 16.10 29.08 -28.00
CA TRP E 59 16.67 29.01 -29.34
C TRP E 59 16.22 30.22 -30.14
N THR E 60 16.42 30.18 -31.45
CA THR E 60 16.10 31.29 -32.35
C THR E 60 15.32 30.75 -33.53
N ASP E 61 14.12 31.28 -33.74
CA ASP E 61 13.30 30.96 -34.91
C ASP E 61 13.48 32.04 -35.95
N HIS E 62 14.02 31.68 -37.11
CA HIS E 62 14.31 32.66 -38.17
C HIS E 62 13.05 33.32 -38.70
N TYR E 63 11.88 32.69 -38.56
CA TYR E 63 10.68 33.15 -39.25
C TYR E 63 9.78 34.01 -38.38
N LEU E 64 9.95 33.98 -37.06
CA LEU E 64 9.12 34.75 -36.14
C LEU E 64 9.82 36.04 -35.72
N GLN E 65 10.07 36.93 -36.68
CA GLN E 65 10.72 38.20 -36.40
C GLN E 65 9.94 39.34 -37.04
N TRP E 66 9.82 40.44 -36.29
CA TRP E 66 9.13 41.64 -36.75
C TRP E 66 9.85 42.84 -36.15
N ASN E 67 9.39 44.05 -36.53
CA ASN E 67 9.93 45.31 -35.97
C ASN E 67 8.81 45.93 -35.14
N VAL E 68 9.01 46.10 -33.84
CA VAL E 68 8.02 46.61 -32.91
C VAL E 68 7.53 48.02 -33.27
N SER E 69 8.26 48.73 -34.14
CA SER E 69 7.78 50.02 -34.61
C SER E 69 6.53 49.88 -35.47
N GLU E 70 6.48 48.86 -36.33
CA GLU E 70 5.29 48.63 -37.14
C GLU E 70 4.17 47.95 -36.35
N TYR E 71 4.49 47.38 -35.23
CA TYR E 71 3.51 46.77 -34.34
C TYR E 71 3.74 47.33 -32.94
N PRO E 72 3.42 48.61 -32.73
CA PRO E 72 3.76 49.26 -31.45
C PRO E 72 3.05 48.61 -30.29
N GLY E 73 3.81 48.35 -29.22
CA GLY E 73 3.30 47.68 -28.05
C GLY E 73 3.25 46.18 -28.15
N VAL E 74 3.70 45.59 -29.25
CA VAL E 74 3.77 44.14 -29.41
C VAL E 74 5.23 43.74 -29.52
N LYS E 75 5.86 43.45 -28.37
CA LYS E 75 7.26 43.08 -28.30
C LYS E 75 7.46 41.58 -28.12
N THR E 76 6.42 40.83 -27.77
CA THR E 76 6.51 39.39 -27.59
C THR E 76 5.21 38.75 -28.07
N VAL E 77 5.33 37.47 -28.46
CA VAL E 77 4.18 36.65 -28.83
C VAL E 77 4.33 35.30 -28.16
N ARG E 78 3.22 34.58 -28.08
CA ARG E 78 3.17 33.30 -27.39
C ARG E 78 2.46 32.28 -28.27
N PHE E 79 3.07 31.10 -28.43
CA PHE E 79 2.52 30.04 -29.26
C PHE E 79 2.39 28.76 -28.43
N PRO E 80 1.23 28.07 -28.46
CA PRO E 80 1.10 26.84 -27.66
C PRO E 80 1.55 25.60 -28.41
N ASP E 81 1.46 24.44 -27.75
CA ASP E 81 1.89 23.18 -28.34
C ASP E 81 1.15 22.89 -29.63
N GLY E 82 1.88 22.40 -30.62
CA GLY E 82 1.31 21.98 -31.88
C GLY E 82 1.16 23.07 -32.91
N GLN E 83 1.52 24.32 -32.59
CA GLN E 83 1.48 25.43 -33.53
C GLN E 83 2.85 26.00 -33.85
N ILE E 84 3.88 25.64 -33.07
CA ILE E 84 5.23 26.14 -33.26
C ILE E 84 6.21 24.98 -33.13
N TRP E 85 7.28 25.05 -33.91
CA TRP E 85 8.33 24.04 -33.81
C TRP E 85 9.02 24.17 -32.47
N LYS E 86 9.14 23.04 -31.76
CA LYS E 86 9.80 22.98 -30.48
C LYS E 86 10.76 21.79 -30.50
N PRO E 87 11.96 21.91 -29.90
CA PRO E 87 12.88 20.78 -29.97
C PRO E 87 12.33 19.60 -29.20
N ASP E 88 12.61 18.40 -29.69
CA ASP E 88 12.11 17.18 -29.07
C ASP E 88 13.15 16.65 -28.08
N ILE E 89 13.46 17.50 -27.10
CA ILE E 89 14.49 17.21 -26.13
C ILE E 89 13.82 16.45 -24.98
N LEU E 90 14.10 15.16 -24.90
CA LEU E 90 13.53 14.27 -23.90
C LEU E 90 14.62 13.84 -22.92
N LEU E 91 14.17 13.16 -21.86
CA LEU E 91 15.04 12.63 -20.82
C LEU E 91 15.24 11.15 -21.11
N TYR E 92 16.47 10.79 -21.49
CA TYR E 92 16.72 9.44 -22.00
C TYR E 92 16.44 8.39 -20.93
N ASN E 93 16.99 8.56 -19.74
CA ASN E 93 16.81 7.60 -18.65
C ASN E 93 15.58 7.92 -17.80
N SER E 94 14.44 8.09 -18.46
CA SER E 94 13.19 8.36 -17.77
C SER E 94 12.59 7.08 -17.22
N ALA E 95 11.98 7.17 -16.03
CA ALA E 95 11.27 6.06 -15.41
C ALA E 95 9.76 6.28 -15.37
N ASP E 96 9.24 7.36 -15.94
CA ASP E 96 7.82 7.63 -15.92
C ASP E 96 7.09 6.73 -16.89
N GLU E 97 5.88 6.30 -16.51
CA GLU E 97 5.11 5.37 -17.34
C GLU E 97 4.87 5.94 -18.73
N ARG E 98 4.69 7.26 -18.83
CA ARG E 98 4.46 7.94 -20.10
C ARG E 98 5.73 8.56 -20.66
N PHE E 99 6.88 8.37 -20.00
CA PHE E 99 8.20 8.80 -20.45
C PHE E 99 8.43 10.30 -20.50
N ASP E 100 7.50 11.05 -21.08
CA ASP E 100 7.59 12.51 -21.13
C ASP E 100 6.68 13.10 -20.07
N ALA E 101 7.25 13.55 -18.94
CA ALA E 101 6.47 14.15 -17.87
C ALA E 101 6.30 15.66 -18.00
N THR E 102 7.05 16.29 -18.91
CA THR E 102 6.95 17.72 -19.17
C THR E 102 5.51 18.16 -19.44
N PHE E 103 5.09 19.24 -18.80
CA PHE E 103 3.80 19.85 -19.06
C PHE E 103 4.00 20.94 -20.10
N HIS E 104 3.30 20.81 -21.22
CA HIS E 104 3.56 21.64 -22.40
C HIS E 104 2.94 23.02 -22.21
N THR E 105 3.78 24.04 -22.18
CA THR E 105 3.38 25.42 -21.98
C THR E 105 3.67 26.23 -23.25
N ASN E 106 3.46 27.54 -23.15
CA ASN E 106 3.65 28.40 -24.31
C ASN E 106 5.13 28.62 -24.58
N VAL E 107 5.43 28.92 -25.84
CA VAL E 107 6.75 29.36 -26.28
C VAL E 107 6.66 30.86 -26.48
N LEU E 108 7.53 31.60 -25.80
CA LEU E 108 7.54 33.06 -25.84
C LEU E 108 8.64 33.51 -26.78
N VAL E 109 8.26 34.30 -27.79
CA VAL E 109 9.17 34.73 -28.84
C VAL E 109 9.19 36.24 -28.85
N ASN E 110 10.38 36.86 -28.78
CA ASN E 110 10.41 38.32 -28.87
C ASN E 110 10.66 38.76 -30.31
N SER E 111 10.72 40.09 -30.49
CA SER E 111 10.79 40.69 -31.82
C SER E 111 11.99 40.18 -32.62
N SER E 112 13.11 39.97 -31.95
CA SER E 112 14.34 39.51 -32.59
C SER E 112 14.33 38.03 -32.97
N GLY E 113 13.21 37.33 -32.75
CA GLY E 113 13.07 35.93 -33.09
C GLY E 113 13.49 34.94 -32.03
N HIS E 114 14.00 35.40 -30.88
CA HIS E 114 14.47 34.46 -29.87
CA HIS E 114 14.48 34.48 -29.87
C HIS E 114 13.30 33.88 -29.11
N CYS E 115 13.21 32.55 -29.13
CA CYS E 115 12.16 31.77 -28.52
C CYS E 115 12.66 31.19 -27.21
N GLN E 116 11.77 31.14 -26.23
CA GLN E 116 12.06 30.73 -24.88
C GLN E 116 10.93 29.83 -24.41
N TYR E 117 11.28 28.65 -23.90
CA TYR E 117 10.31 27.60 -23.60
C TYR E 117 10.74 26.95 -22.30
N LEU E 118 9.95 27.16 -21.23
CA LEU E 118 10.29 26.71 -19.88
C LEU E 118 9.16 25.85 -19.34
N PRO E 119 9.07 24.60 -19.76
CA PRO E 119 7.97 23.76 -19.33
C PRO E 119 8.22 23.19 -17.95
N PRO E 120 7.27 23.28 -17.03
CA PRO E 120 7.44 22.59 -15.74
C PRO E 120 7.17 21.11 -15.89
N GLY E 121 7.71 20.33 -14.97
CA GLY E 121 7.49 18.91 -15.01
C GLY E 121 7.90 18.21 -13.74
N ILE E 122 7.31 17.03 -13.55
CA ILE E 122 7.63 16.13 -12.45
C ILE E 122 8.38 14.96 -13.07
N PHE E 123 9.70 15.07 -13.13
CA PHE E 123 10.52 14.11 -13.87
C PHE E 123 10.93 12.95 -12.96
N LYS E 124 10.29 11.81 -13.17
CA LYS E 124 10.76 10.57 -12.60
C LYS E 124 11.95 10.12 -13.45
N SER E 125 12.99 9.62 -12.80
CA SER E 125 14.24 9.33 -13.51
C SER E 125 14.95 8.16 -12.87
N SER E 126 15.30 7.18 -13.69
CA SER E 126 15.95 5.98 -13.17
C SER E 126 17.32 6.36 -12.64
N CYS E 127 17.49 6.31 -11.32
CA CYS E 127 18.76 6.59 -10.66
C CYS E 127 19.28 5.33 -10.02
N TYR E 128 20.45 4.87 -10.44
CA TYR E 128 21.20 3.89 -9.69
C TYR E 128 21.50 4.44 -8.30
N ILE E 129 20.93 3.84 -7.26
CA ILE E 129 21.11 4.28 -5.89
C ILE E 129 22.15 3.37 -5.26
N ASP E 130 23.36 3.90 -5.06
CA ASP E 130 24.40 3.17 -4.34
C ASP E 130 24.06 3.15 -2.85
N VAL E 131 23.64 1.99 -2.35
CA VAL E 131 23.17 1.85 -0.98
C VAL E 131 24.25 1.28 -0.06
N ARG E 132 25.50 1.15 -0.54
CA ARG E 132 26.55 0.53 0.27
C ARG E 132 26.82 1.31 1.57
N TRP E 133 26.79 2.64 1.51
CA TRP E 133 27.08 3.46 2.68
C TRP E 133 25.83 4.03 3.35
N PHE E 134 24.64 3.57 2.96
CA PHE E 134 23.41 4.07 3.54
C PHE E 134 23.41 3.81 5.05
N PRO E 135 23.00 4.77 5.89
CA PRO E 135 22.43 6.11 5.63
C PRO E 135 23.45 7.19 5.31
N PHE E 136 24.74 6.94 5.51
CA PHE E 136 25.77 7.94 5.29
C PHE E 136 26.27 7.88 3.84
N ASP E 137 25.35 8.08 2.91
CA ASP E 137 25.60 7.88 1.49
C ASP E 137 25.41 9.18 0.70
N VAL E 138 26.20 9.32 -0.36
CA VAL E 138 26.06 10.42 -1.30
C VAL E 138 25.66 9.81 -2.64
N GLN E 139 24.57 10.31 -3.21
CA GLN E 139 24.02 9.76 -4.44
C GLN E 139 24.36 10.70 -5.58
N HIS E 140 24.65 10.13 -6.75
CA HIS E 140 24.93 10.86 -7.98
C HIS E 140 23.94 10.39 -9.03
N CYS E 141 22.80 11.08 -9.11
CA CYS E 141 21.73 10.70 -10.02
C CYS E 141 21.86 11.50 -11.29
N LYS E 142 21.88 10.80 -12.43
CA LYS E 142 22.09 11.41 -13.72
C LYS E 142 20.76 11.65 -14.42
N LEU E 143 20.55 12.88 -14.87
CA LEU E 143 19.45 13.24 -15.76
C LEU E 143 20.06 13.54 -17.12
N LYS E 144 19.80 12.67 -18.08
CA LYS E 144 20.41 12.73 -19.41
C LYS E 144 19.37 13.23 -20.39
N PHE E 145 19.58 14.44 -20.91
CA PHE E 145 18.63 15.11 -21.79
C PHE E 145 19.22 15.22 -23.18
N GLY E 146 18.38 15.07 -24.19
CA GLY E 146 18.86 15.20 -25.55
C GLY E 146 17.73 15.14 -26.54
N SER E 147 18.03 15.60 -27.76
CA SER E 147 17.05 15.55 -28.83
C SER E 147 16.88 14.12 -29.30
N TRP E 148 15.63 13.65 -29.30
CA TRP E 148 15.37 12.25 -29.58
C TRP E 148 15.71 11.89 -31.02
N SER E 149 15.47 12.81 -31.96
CA SER E 149 15.55 12.50 -33.38
C SER E 149 16.35 13.52 -34.19
N TYR E 150 17.05 14.45 -33.56
CA TYR E 150 17.98 15.35 -34.23
C TYR E 150 19.39 15.07 -33.74
N GLY E 151 20.31 14.83 -34.67
CA GLY E 151 21.69 14.62 -34.34
C GLY E 151 22.46 15.92 -34.24
N GLY E 152 23.76 15.79 -34.03
CA GLY E 152 24.62 16.97 -33.90
C GLY E 152 24.65 17.80 -35.16
N TRP E 153 24.40 17.19 -36.32
CA TRP E 153 24.44 17.91 -37.59
C TRP E 153 23.24 18.83 -37.77
N SER E 154 22.17 18.61 -37.01
CA SER E 154 20.93 19.37 -37.12
C SER E 154 20.68 20.28 -35.93
N LEU E 155 20.77 19.74 -34.70
CA LEU E 155 20.49 20.49 -33.48
C LEU E 155 21.74 20.48 -32.61
N ASP E 156 22.47 21.59 -32.61
CA ASP E 156 23.67 21.77 -31.81
C ASP E 156 23.25 22.11 -30.38
N LEU E 157 23.14 21.08 -29.53
CA LEU E 157 22.75 21.30 -28.14
C LEU E 157 23.91 21.88 -27.36
N GLN E 158 23.60 22.88 -26.53
CA GLN E 158 24.59 23.64 -25.77
C GLN E 158 24.12 23.82 -24.33
N MET E 159 25.07 23.80 -23.41
CA MET E 159 24.77 23.85 -21.98
C MET E 159 24.72 25.26 -21.43
N GLN E 160 23.67 25.52 -20.64
CA GLN E 160 23.56 26.72 -19.82
C GLN E 160 23.64 26.24 -18.38
N GLU E 161 24.40 26.96 -17.54
CA GLU E 161 24.59 26.50 -16.16
C GLU E 161 23.26 26.41 -15.44
N ALA E 162 23.10 25.37 -14.63
CA ALA E 162 21.83 25.12 -13.98
C ALA E 162 21.54 26.18 -12.92
N ASP E 163 20.23 26.27 -12.57
CA ASP E 163 19.75 27.21 -11.58
C ASP E 163 19.32 26.47 -10.33
N ILE E 164 19.79 26.93 -9.17
CA ILE E 164 19.33 26.44 -7.88
C ILE E 164 18.98 27.60 -6.96
N SER E 165 18.90 28.82 -7.51
CA SER E 165 18.53 29.97 -6.70
C SER E 165 17.16 29.79 -6.09
N GLY E 166 16.19 29.38 -6.89
CA GLY E 166 14.84 29.16 -6.43
C GLY E 166 14.61 27.78 -5.86
N TYR E 167 15.66 26.98 -5.73
CA TYR E 167 15.52 25.67 -5.11
C TYR E 167 15.11 25.82 -3.66
N ILE E 168 14.01 25.18 -3.30
CA ILE E 168 13.57 25.06 -1.91
C ILE E 168 14.04 23.70 -1.40
N PRO E 169 14.65 23.61 -0.22
CA PRO E 169 15.21 22.34 0.21
C PRO E 169 14.15 21.25 0.32
N ASN E 170 14.63 20.02 0.49
CA ASN E 170 13.80 18.84 0.56
C ASN E 170 13.55 18.39 1.99
N GLY E 171 14.57 18.44 2.83
CA GLY E 171 14.49 18.04 4.20
C GLY E 171 15.12 16.69 4.48
N GLU E 172 15.24 15.84 3.46
CA GLU E 172 15.90 14.55 3.56
C GLU E 172 17.22 14.51 2.80
N TRP E 173 17.53 15.52 2.01
CA TRP E 173 18.72 15.53 1.18
C TRP E 173 19.25 16.95 1.10
N ASP E 174 20.57 17.07 1.06
CA ASP E 174 21.27 18.34 1.03
C ASP E 174 21.98 18.42 -0.31
N LEU E 175 21.49 19.30 -1.19
CA LEU E 175 22.02 19.39 -2.54
C LEU E 175 23.49 19.79 -2.55
N VAL E 176 24.35 18.86 -2.93
CA VAL E 176 25.77 19.14 -3.03
C VAL E 176 26.09 19.92 -4.30
N GLY E 177 25.23 19.86 -5.29
CA GLY E 177 25.47 20.50 -6.56
C GLY E 177 24.77 19.73 -7.67
N ILE E 178 24.76 20.35 -8.84
CA ILE E 178 24.19 19.73 -10.03
C ILE E 178 25.12 20.00 -11.21
N PRO E 179 26.40 19.64 -11.12
CA PRO E 179 27.30 19.86 -12.24
C PRO E 179 26.86 19.06 -13.46
N GLY E 180 27.05 19.66 -14.64
CA GLY E 180 26.65 19.05 -15.89
C GLY E 180 27.85 18.58 -16.70
N LYS E 181 27.54 17.91 -17.80
CA LYS E 181 28.55 17.47 -18.75
C LYS E 181 27.87 17.28 -20.10
N ARG E 182 28.45 17.86 -21.13
CA ARG E 182 27.95 17.75 -22.51
C ARG E 182 28.81 16.72 -23.23
N SER E 183 28.16 15.71 -23.79
CA SER E 183 28.84 14.64 -24.50
C SER E 183 28.27 14.52 -25.90
N GLU E 184 29.08 13.97 -26.80
CA GLU E 184 28.71 13.71 -28.19
C GLU E 184 28.88 12.21 -28.41
N ARG E 185 27.78 11.46 -28.38
CA ARG E 185 27.81 10.02 -28.28
C ARG E 185 27.25 9.38 -29.53
N PHE E 186 27.79 8.19 -29.83
CA PHE E 186 27.39 7.38 -30.97
C PHE E 186 26.58 6.19 -30.48
N TYR E 187 25.53 5.85 -31.22
CA TYR E 187 24.60 4.78 -30.85
C TYR E 187 24.60 3.69 -31.90
N GLU E 188 24.28 2.48 -31.46
CA GLU E 188 24.28 1.33 -32.35
C GLU E 188 23.19 1.39 -33.42
N CYS E 189 22.20 2.27 -33.27
CA CYS E 189 21.16 2.40 -34.28
C CYS E 189 21.71 2.99 -35.57
N CYS E 190 22.57 3.99 -35.45
CA CYS E 190 22.72 5.01 -36.48
C CYS E 190 24.18 5.45 -36.56
N LYS E 191 24.49 6.18 -37.62
CA LYS E 191 25.82 6.73 -37.85
C LYS E 191 25.93 8.16 -37.32
N GLU E 192 24.92 8.98 -37.58
CA GLU E 192 24.95 10.38 -37.17
C GLU E 192 25.13 10.51 -35.66
N PRO E 193 26.09 11.28 -35.16
CA PRO E 193 26.25 11.41 -33.71
C PRO E 193 25.09 12.15 -33.09
N TYR E 194 24.97 12.00 -31.77
CA TYR E 194 23.90 12.63 -31.01
C TYR E 194 24.53 13.33 -29.80
N PRO E 195 24.39 14.66 -29.65
CA PRO E 195 24.86 15.29 -28.43
C PRO E 195 23.80 15.29 -27.35
N ASP E 196 24.26 15.15 -26.11
CA ASP E 196 23.38 15.13 -24.95
C ASP E 196 24.01 15.93 -23.82
N VAL E 197 23.14 16.39 -22.94
CA VAL E 197 23.50 17.17 -21.76
C VAL E 197 23.06 16.38 -20.54
N THR E 198 24.02 16.02 -19.68
CA THR E 198 23.77 15.18 -18.52
C THR E 198 24.04 15.99 -17.27
N PHE E 199 23.03 16.12 -16.42
CA PHE E 199 23.17 16.80 -15.13
C PHE E 199 23.27 15.76 -14.04
N THR E 200 24.31 15.86 -13.22
CA THR E 200 24.58 14.87 -12.17
C THR E 200 24.18 15.50 -10.85
N VAL E 201 22.90 15.36 -10.51
CA VAL E 201 22.42 15.81 -9.22
C VAL E 201 23.15 15.01 -8.15
N THR E 202 23.94 15.71 -7.34
CA THR E 202 24.66 15.09 -6.24
C THR E 202 23.97 15.46 -4.93
N MET E 203 23.48 14.45 -4.22
CA MET E 203 22.67 14.63 -3.02
C MET E 203 23.35 13.96 -1.84
N ARG E 204 23.46 14.68 -0.74
CA ARG E 204 23.95 14.15 0.52
C ARG E 204 22.76 13.93 1.44
N ARG E 205 22.61 12.71 1.94
CA ARG E 205 21.48 12.42 2.80
C ARG E 205 21.68 13.08 4.16
N ARG E 206 20.61 13.66 4.68
CA ARG E 206 20.60 14.22 6.03
C ARG E 206 20.19 13.12 7.00
N THR E 207 21.06 12.68 7.83
CA THR E 207 20.97 11.41 8.52
C THR E 207 20.34 11.47 9.91
N LEU E 208 19.91 12.64 10.38
CA LEU E 208 19.34 12.71 11.72
C LEU E 208 18.06 11.89 11.81
N TYR E 209 17.26 11.90 10.74
CA TYR E 209 16.02 11.12 10.71
C TYR E 209 16.29 9.64 10.95
N TYR E 210 17.06 9.03 10.04
CA TYR E 210 17.46 7.66 10.23
C TYR E 210 18.44 7.52 11.39
N GLY E 211 19.15 8.59 11.73
CA GLY E 211 20.14 8.50 12.78
C GLY E 211 19.48 8.19 14.10
N LEU E 212 18.31 8.77 14.34
CA LEU E 212 17.59 8.62 15.60
C LEU E 212 16.56 7.51 15.52
N ASN E 213 16.06 7.21 14.32
CA ASN E 213 15.03 6.18 14.18
C ASN E 213 15.57 4.75 14.01
N LEU E 214 16.60 4.54 13.19
CA LEU E 214 17.16 3.21 12.98
C LEU E 214 18.44 2.95 13.77
N LEU E 215 19.39 3.92 13.94
CA LEU E 215 20.73 3.66 14.46
C LEU E 215 20.78 3.67 15.99
N ILE E 216 20.53 4.80 16.62
CA ILE E 216 20.61 4.89 18.09
C ILE E 216 19.64 3.95 18.79
N PRO E 217 18.43 3.71 18.28
CA PRO E 217 17.57 2.71 18.92
C PRO E 217 18.15 1.32 18.92
N CYS E 218 18.98 1.00 17.92
CA CYS E 218 19.61 -0.31 17.88
C CYS E 218 20.67 -0.41 18.97
N VAL E 219 21.59 0.57 19.04
CA VAL E 219 22.58 0.64 20.12
C VAL E 219 21.90 0.52 21.49
N LEU E 220 20.81 1.26 21.68
CA LEU E 220 20.13 1.28 22.98
C LEU E 220 19.57 -0.10 23.31
N ILE E 221 18.72 -0.64 22.42
CA ILE E 221 18.13 -1.96 22.66
C ILE E 221 19.22 -3.01 22.81
N SER E 222 20.39 -2.77 22.22
CA SER E 222 21.47 -3.74 22.35
C SER E 222 22.05 -3.67 23.74
N ALA E 223 22.18 -2.47 24.28
CA ALA E 223 22.60 -2.34 25.67
C ALA E 223 21.59 -3.04 26.58
N LEU E 224 20.30 -2.91 26.25
CA LEU E 224 19.27 -3.65 26.98
C LEU E 224 19.46 -5.16 26.83
N ALA E 225 19.98 -5.60 25.73
CA ALA E 225 20.27 -7.03 25.63
C ALA E 225 21.42 -7.36 26.57
N LEU E 226 22.48 -6.55 26.55
CA LEU E 226 23.64 -6.79 27.40
C LEU E 226 23.29 -6.77 28.88
N LEU E 227 22.22 -6.10 29.27
CA LEU E 227 21.76 -6.22 30.67
C LEU E 227 21.45 -7.66 31.09
N VAL E 228 21.18 -8.56 30.13
CA VAL E 228 20.90 -9.96 30.46
C VAL E 228 21.97 -10.54 31.39
N PHE E 229 23.23 -10.23 31.11
CA PHE E 229 24.34 -10.83 31.85
C PHE E 229 24.32 -10.44 33.34
N LEU E 230 23.76 -9.27 33.66
CA LEU E 230 23.77 -8.80 35.04
C LEU E 230 22.65 -9.37 35.89
N LEU E 231 21.53 -9.79 35.30
CA LEU E 231 20.50 -10.48 36.07
C LEU E 231 21.12 -11.68 36.79
N PRO E 232 20.70 -11.98 38.01
CA PRO E 232 21.07 -13.28 38.59
C PRO E 232 20.42 -14.42 37.82
N ALA E 233 21.08 -15.57 37.86
CA ALA E 233 20.58 -16.73 37.12
C ALA E 233 19.25 -17.21 37.66
N ASP E 234 19.03 -17.10 38.98
CA ASP E 234 17.85 -17.68 39.59
C ASP E 234 16.56 -17.01 39.16
N SER E 235 16.62 -15.81 38.56
CA SER E 235 15.41 -15.12 38.14
C SER E 235 14.58 -15.94 37.17
N GLY E 236 15.24 -16.75 36.33
CA GLY E 236 14.53 -17.56 35.36
C GLY E 236 13.91 -16.77 34.22
N GLU E 237 14.53 -15.66 33.81
CA GLU E 237 14.05 -14.87 32.69
C GLU E 237 15.17 -14.37 31.78
N LYS E 238 16.38 -14.91 31.92
CA LYS E 238 17.49 -14.50 31.04
C LYS E 238 17.19 -14.84 29.59
N ILE E 239 16.81 -16.10 29.34
CA ILE E 239 16.60 -16.56 27.97
C ILE E 239 15.45 -15.81 27.32
N SER E 240 14.36 -15.63 28.07
CA SER E 240 13.21 -14.89 27.55
C SER E 240 13.61 -13.48 27.17
N LEU E 241 14.40 -12.82 28.03
CA LEU E 241 14.90 -11.48 27.71
C LEU E 241 15.69 -11.48 26.42
N GLY E 242 16.64 -12.42 26.28
CA GLY E 242 17.46 -12.42 25.07
C GLY E 242 16.65 -12.61 23.81
N ILE E 243 15.66 -13.50 23.84
CA ILE E 243 14.92 -13.81 22.62
C ILE E 243 13.95 -12.68 22.30
N THR E 244 13.32 -12.16 23.34
CA THR E 244 12.36 -11.04 23.19
C THR E 244 13.13 -9.90 22.54
N VAL E 245 14.34 -9.59 23.02
CA VAL E 245 15.13 -8.49 22.50
C VAL E 245 15.45 -8.75 21.04
N LEU E 246 15.89 -9.98 20.70
CA LEU E 246 16.38 -10.33 19.34
C LEU E 246 15.25 -10.27 18.32
N LEU E 247 14.15 -10.95 18.56
CA LEU E 247 12.96 -10.95 17.67
C LEU E 247 12.37 -9.54 17.52
N SER E 248 12.60 -8.63 18.46
CA SER E 248 12.14 -7.22 18.31
C SER E 248 13.22 -6.40 17.63
N LEU E 249 14.45 -6.87 17.62
CA LEU E 249 15.57 -6.17 16.94
C LEU E 249 15.44 -6.57 15.48
N THR E 250 14.58 -7.56 15.19
CA THR E 250 14.29 -7.92 13.81
C THR E 250 13.29 -6.94 13.25
N VAL E 251 12.67 -6.16 14.13
CA VAL E 251 11.68 -5.19 13.68
C VAL E 251 12.37 -4.19 12.76
N PHE E 252 13.55 -3.72 13.18
CA PHE E 252 14.24 -2.70 12.41
C PHE E 252 14.69 -3.26 11.09
N MET E 253 14.92 -4.58 10.98
CA MET E 253 15.45 -5.12 9.72
C MET E 253 14.30 -5.37 8.76
N LEU E 254 13.09 -5.60 9.27
CA LEU E 254 11.98 -5.65 8.33
C LEU E 254 11.55 -4.25 7.96
N LEU E 255 11.95 -3.26 8.76
CA LEU E 255 11.50 -1.90 8.54
C LEU E 255 12.40 -1.25 7.52
N VAL E 256 13.71 -1.28 7.76
CA VAL E 256 14.64 -0.70 6.79
C VAL E 256 14.50 -1.46 5.46
N ALA E 257 14.24 -2.77 5.53
CA ALA E 257 14.03 -3.54 4.30
C ALA E 257 12.83 -3.02 3.52
N GLU E 258 11.87 -2.38 4.19
CA GLU E 258 10.78 -1.76 3.45
C GLU E 258 11.22 -0.66 2.47
N ILE E 259 12.42 -0.07 2.60
CA ILE E 259 12.83 1.04 1.73
C ILE E 259 13.97 0.74 0.75
N MET E 260 14.80 -0.31 0.95
CA MET E 260 15.99 -0.37 0.07
C MET E 260 15.79 -1.32 -1.09
N PRO E 261 16.34 -1.04 -2.27
CA PRO E 261 16.06 -1.88 -3.43
C PRO E 261 16.68 -3.25 -3.24
N ALA E 262 16.25 -4.17 -4.09
CA ALA E 262 16.74 -5.55 -4.03
C ALA E 262 17.99 -5.73 -4.89
N THR E 263 19.00 -4.94 -4.59
CA THR E 263 20.25 -5.00 -5.34
C THR E 263 21.21 -5.95 -4.64
N SER E 264 22.07 -6.58 -5.45
CA SER E 264 23.12 -7.47 -4.98
C SER E 264 24.50 -7.01 -5.43
N ASP E 265 24.63 -5.76 -5.87
CA ASP E 265 25.96 -5.24 -6.16
C ASP E 265 26.77 -5.07 -4.88
N SER E 266 26.09 -4.84 -3.75
CA SER E 266 26.79 -4.53 -2.51
C SER E 266 25.84 -4.71 -1.34
N VAL E 267 26.38 -4.57 -0.14
CA VAL E 267 25.65 -4.79 1.12
C VAL E 267 25.54 -3.44 1.83
N PRO E 268 24.34 -2.99 2.21
CA PRO E 268 24.24 -1.68 2.89
C PRO E 268 24.99 -1.66 4.21
N LEU E 269 25.55 -0.49 4.52
CA LEU E 269 26.23 -0.31 5.81
C LEU E 269 25.27 -0.55 6.97
N ILE E 270 24.03 -0.07 6.85
CA ILE E 270 23.05 -0.31 7.91
C ILE E 270 22.81 -1.80 8.07
N ALA E 271 22.77 -2.53 6.97
CA ALA E 271 22.60 -3.98 7.04
C ALA E 271 23.80 -4.63 7.72
N GLN E 272 25.02 -4.18 7.41
CA GLN E 272 26.19 -4.73 8.08
C GLN E 272 26.12 -4.47 9.57
N TYR E 273 25.72 -3.26 9.97
CA TYR E 273 25.66 -2.94 11.38
C TYR E 273 24.60 -3.79 12.09
N PHE E 274 23.43 -3.94 11.48
CA PHE E 274 22.39 -4.77 12.09
C PHE E 274 22.82 -6.22 12.16
N ALA E 275 23.49 -6.73 11.12
CA ALA E 275 23.93 -8.12 11.15
C ALA E 275 24.96 -8.34 12.24
N SER E 276 25.90 -7.40 12.40
CA SER E 276 26.87 -7.52 13.49
C SER E 276 26.18 -7.47 14.84
N THR E 277 25.21 -6.57 14.99
CA THR E 277 24.47 -6.48 16.24
C THR E 277 23.75 -7.80 16.54
N MET E 278 23.09 -8.37 15.53
CA MET E 278 22.36 -9.61 15.75
C MET E 278 23.30 -10.76 16.07
N ILE E 279 24.47 -10.80 15.44
CA ILE E 279 25.44 -11.83 15.75
C ILE E 279 25.89 -11.72 17.20
N ILE E 280 26.15 -10.49 17.67
CA ILE E 280 26.57 -10.30 19.06
C ILE E 280 25.45 -10.71 20.01
N VAL E 281 24.21 -10.33 19.72
CA VAL E 281 23.10 -10.67 20.60
C VAL E 281 22.86 -12.18 20.61
N GLY E 282 22.93 -12.83 19.45
CA GLY E 282 22.76 -14.27 19.40
C GLY E 282 23.86 -15.00 20.15
N LEU E 283 25.08 -14.50 20.05
CA LEU E 283 26.16 -15.05 20.85
C LEU E 283 25.92 -14.82 22.34
N SER E 284 25.29 -13.69 22.70
CA SER E 284 24.92 -13.48 24.10
C SER E 284 23.90 -14.52 24.56
N VAL E 285 22.93 -14.83 23.69
CA VAL E 285 21.99 -15.91 24.00
C VAL E 285 22.74 -17.23 24.18
N VAL E 286 23.72 -17.50 23.29
CA VAL E 286 24.47 -18.76 23.38
C VAL E 286 25.20 -18.84 24.72
N VAL E 287 25.92 -17.78 25.07
CA VAL E 287 26.64 -17.78 26.35
C VAL E 287 25.65 -17.83 27.50
N THR E 288 24.44 -17.30 27.33
CA THR E 288 23.42 -17.46 28.37
C THR E 288 23.06 -18.93 28.56
N VAL E 289 22.91 -19.66 27.46
CA VAL E 289 22.68 -21.11 27.56
C VAL E 289 23.85 -21.78 28.29
N ILE E 290 25.07 -21.40 27.95
CA ILE E 290 26.24 -22.01 28.60
C ILE E 290 26.24 -21.66 30.08
N VAL E 291 25.88 -20.42 30.41
CA VAL E 291 25.87 -19.98 31.80
C VAL E 291 24.83 -20.74 32.59
N LEU E 292 23.67 -21.01 31.98
CA LEU E 292 22.66 -21.81 32.66
C LEU E 292 23.12 -23.24 32.83
N GLN E 293 23.81 -23.80 31.81
CA GLN E 293 24.42 -25.11 31.96
C GLN E 293 25.37 -25.14 33.14
N TYR E 294 26.15 -24.08 33.32
CA TYR E 294 27.03 -23.99 34.48
C TYR E 294 26.21 -23.90 35.76
N HIS E 295 25.15 -23.09 35.75
CA HIS E 295 24.42 -22.76 36.96
C HIS E 295 23.50 -23.90 37.40
N HIS E 296 22.69 -24.41 36.47
CA HIS E 296 21.82 -25.56 36.75
C HIS E 296 22.53 -26.88 36.46
N HIS E 297 23.73 -27.02 37.02
CA HIS E 297 24.49 -28.26 36.89
C HIS E 297 24.15 -29.16 38.06
N ASP E 298 23.89 -30.42 37.76
CA ASP E 298 23.69 -31.41 38.82
C ASP E 298 25.00 -31.56 39.59
N PRO E 299 25.01 -31.43 40.92
CA PRO E 299 26.27 -31.65 41.65
C PRO E 299 26.89 -33.00 41.41
N ASP E 300 26.09 -34.05 41.31
CA ASP E 300 26.61 -35.41 41.17
C ASP E 300 27.02 -35.75 39.76
N GLY E 301 27.01 -34.80 38.83
CA GLY E 301 27.47 -35.03 37.48
C GLY E 301 28.98 -35.08 37.41
N GLY E 302 29.52 -34.69 36.26
CA GLY E 302 30.95 -34.72 36.06
C GLY E 302 31.68 -33.80 37.03
N LYS E 303 32.93 -34.15 37.32
CA LYS E 303 33.77 -33.31 38.15
C LYS E 303 34.15 -32.03 37.42
N MET E 304 34.38 -30.98 38.18
CA MET E 304 34.83 -29.71 37.61
C MET E 304 36.16 -29.91 36.88
N PRO E 305 36.26 -29.53 35.60
CA PRO E 305 37.57 -29.65 34.92
C PRO E 305 38.64 -28.79 35.54
N LYS E 306 39.88 -29.28 35.50
CA LYS E 306 41.01 -28.50 35.99
C LYS E 306 41.16 -27.20 35.21
N TRP E 307 41.13 -27.30 33.88
CA TRP E 307 41.25 -26.10 33.06
C TRP E 307 40.12 -25.12 33.37
N THR E 308 38.89 -25.62 33.52
CA THR E 308 37.79 -24.77 33.98
C THR E 308 38.07 -24.19 35.35
N ARG E 309 38.58 -25.02 36.27
CA ARG E 309 38.84 -24.57 37.63
C ARG E 309 39.81 -23.40 37.64
N VAL E 310 40.74 -23.36 36.70
CA VAL E 310 41.76 -22.31 36.70
C VAL E 310 41.35 -21.11 35.83
N ILE E 311 40.90 -21.35 34.59
CA ILE E 311 40.67 -20.24 33.67
C ILE E 311 39.59 -19.29 34.18
N LEU E 312 38.64 -19.81 34.97
CA LEU E 312 37.54 -19.00 35.51
C LEU E 312 37.73 -18.65 36.98
N LEU E 313 37.99 -19.63 37.83
CA LEU E 313 37.98 -19.39 39.27
C LEU E 313 39.31 -18.91 39.83
N ASN E 314 40.38 -18.88 39.02
CA ASN E 314 41.70 -18.45 39.50
C ASN E 314 42.13 -17.18 38.78
N TRP E 315 42.19 -17.18 37.44
CA TRP E 315 42.73 -16.03 36.73
C TRP E 315 41.67 -14.95 36.56
N CYS E 316 40.59 -15.30 35.86
CA CYS E 316 39.50 -14.35 35.66
C CYS E 316 38.87 -13.92 36.98
N ALA E 317 38.78 -14.84 37.94
CA ALA E 317 38.22 -14.48 39.24
C ALA E 317 39.05 -13.41 39.93
N TRP E 318 40.38 -13.40 39.70
CA TRP E 318 41.23 -12.37 40.27
C TRP E 318 41.29 -11.11 39.40
N PHE E 319 41.03 -11.24 38.10
CA PHE E 319 41.08 -10.07 37.24
C PHE E 319 39.91 -9.13 37.54
N LEU E 320 38.82 -9.65 38.09
CA LEU E 320 37.62 -8.88 38.37
C LEU E 320 37.39 -8.69 39.87
N ARG E 321 38.37 -9.06 40.69
CA ARG E 321 38.33 -8.87 42.16
C ARG E 321 37.05 -9.42 42.78
N MET E 322 36.76 -10.68 42.47
CA MET E 322 35.45 -11.27 42.75
C MET E 322 35.44 -12.13 44.02
N LYS E 323 36.43 -13.00 44.16
CA LYS E 323 36.57 -13.93 45.30
C LYS E 323 35.60 -15.11 45.14
N ARG E 496 25.26 -33.77 56.02
CA ARG E 496 26.61 -33.48 55.54
C ARG E 496 26.71 -33.72 54.04
N CYS E 497 26.12 -34.82 53.56
CA CYS E 497 26.13 -35.09 52.13
C CYS E 497 25.39 -34.01 51.36
N GLN E 498 24.26 -33.56 51.90
CA GLN E 498 23.56 -32.43 51.30
C GLN E 498 24.42 -31.17 51.34
N ASP E 499 25.15 -30.96 52.44
CA ASP E 499 25.98 -29.76 52.57
C ASP E 499 27.03 -29.68 51.47
N GLU E 500 27.70 -30.80 51.18
CA GLU E 500 28.69 -30.82 50.11
C GLU E 500 28.09 -30.51 48.75
N SER E 501 26.83 -30.87 48.53
CA SER E 501 26.20 -30.65 47.23
C SER E 501 26.14 -29.17 46.87
N GLU E 502 25.71 -28.30 47.79
CA GLU E 502 25.71 -26.88 47.44
C GLU E 502 27.12 -26.32 47.34
N ALA E 503 28.07 -26.86 48.12
CA ALA E 503 29.45 -26.39 48.02
C ALA E 503 29.99 -26.59 46.61
N VAL E 504 29.79 -27.78 46.04
CA VAL E 504 30.20 -28.03 44.66
C VAL E 504 29.36 -27.18 43.72
N CYS E 505 28.05 -27.14 43.94
CA CYS E 505 27.18 -26.32 43.11
C CYS E 505 27.51 -24.84 43.28
N SER E 506 27.97 -24.43 44.46
CA SER E 506 28.33 -23.03 44.67
C SER E 506 29.55 -22.64 43.84
N GLU E 507 30.51 -23.55 43.71
CA GLU E 507 31.60 -23.33 42.78
C GLU E 507 31.08 -23.16 41.36
N TRP E 508 30.09 -23.99 40.99
CA TRP E 508 29.49 -23.86 39.67
C TRP E 508 28.80 -22.52 39.51
N LYS E 509 28.13 -22.03 40.55
CA LYS E 509 27.45 -20.73 40.42
C LYS E 509 28.44 -19.59 40.29
N PHE E 510 29.54 -19.62 41.06
CA PHE E 510 30.58 -18.60 40.85
C PHE E 510 31.20 -18.74 39.46
N ALA E 511 31.38 -19.97 38.99
CA ALA E 511 31.85 -20.17 37.62
C ALA E 511 30.87 -19.54 36.65
N ALA E 512 29.58 -19.78 36.86
CA ALA E 512 28.57 -19.13 36.03
C ALA E 512 28.62 -17.62 36.18
N CYS E 513 28.84 -17.13 37.41
CA CYS E 513 28.80 -15.69 37.64
C CYS E 513 30.01 -14.98 37.05
N VAL E 514 31.21 -15.56 37.17
CA VAL E 514 32.38 -14.92 36.59
C VAL E 514 32.28 -14.90 35.07
N VAL E 515 31.68 -15.95 34.48
CA VAL E 515 31.47 -15.97 33.04
C VAL E 515 30.52 -14.83 32.64
N ASP E 516 29.45 -14.62 33.40
CA ASP E 516 28.50 -13.55 33.09
C ASP E 516 29.18 -12.19 33.06
N ARG E 517 29.97 -11.89 34.09
CA ARG E 517 30.60 -10.58 34.20
C ARG E 517 31.70 -10.42 33.17
N LEU E 518 32.58 -11.42 33.05
CA LEU E 518 33.58 -11.44 32.00
C LEU E 518 32.98 -11.16 30.63
N CYS E 519 31.92 -11.89 30.27
CA CYS E 519 31.40 -11.75 28.92
C CYS E 519 30.64 -10.46 28.75
N LEU E 520 30.04 -9.94 29.83
CA LEU E 520 29.46 -8.61 29.80
C LEU E 520 30.48 -7.59 29.31
N MET E 521 31.66 -7.58 29.92
CA MET E 521 32.71 -6.67 29.49
C MET E 521 33.17 -7.01 28.07
N ALA E 522 33.32 -8.29 27.76
CA ALA E 522 33.85 -8.68 26.45
C ALA E 522 32.83 -8.39 25.34
N PHE E 523 31.58 -8.77 25.55
CA PHE E 523 30.56 -8.46 24.56
C PHE E 523 30.36 -6.95 24.43
N SER E 524 30.46 -6.23 25.54
CA SER E 524 30.38 -4.77 25.50
C SER E 524 31.48 -4.17 24.63
N VAL E 525 32.71 -4.68 24.79
CA VAL E 525 33.82 -4.19 23.97
C VAL E 525 33.54 -4.44 22.51
N PHE E 526 33.03 -5.63 22.17
CA PHE E 526 32.70 -5.93 20.78
C PHE E 526 31.67 -4.95 20.23
N THR E 527 30.66 -4.61 21.04
CA THR E 527 29.59 -3.73 20.57
C THR E 527 30.12 -2.34 20.20
N ILE E 528 30.86 -1.71 21.12
CA ILE E 528 31.38 -0.37 20.84
C ILE E 528 32.37 -0.41 19.68
N ILE E 529 33.24 -1.42 19.64
CA ILE E 529 34.22 -1.55 18.57
C ILE E 529 33.51 -1.72 17.22
N CYS E 530 32.69 -2.76 17.12
CA CYS E 530 31.96 -3.03 15.88
C CYS E 530 31.15 -1.82 15.43
N THR E 531 30.40 -1.22 16.35
CA THR E 531 29.58 -0.07 15.98
C THR E 531 30.43 1.09 15.48
N ILE E 532 31.48 1.43 16.22
CA ILE E 532 32.32 2.57 15.83
C ILE E 532 33.03 2.28 14.52
N GLY E 533 33.68 1.11 14.41
CA GLY E 533 34.34 0.74 13.17
C GLY E 533 33.41 0.75 11.97
N ILE E 534 32.26 0.09 12.07
CA ILE E 534 31.34 0.01 10.94
C ILE E 534 30.82 1.39 10.58
N LEU E 535 30.39 2.16 11.58
CA LEU E 535 29.87 3.49 11.31
C LEU E 535 30.94 4.39 10.71
N MET E 536 32.17 4.30 11.23
CA MET E 536 33.26 5.13 10.76
C MET E 536 33.83 4.66 9.42
N SER E 537 33.29 3.58 8.84
CA SER E 537 33.71 3.15 7.52
C SER E 537 33.08 3.94 6.40
N ALA E 538 32.05 4.74 6.67
CA ALA E 538 31.49 5.62 5.65
C ALA E 538 32.43 6.80 5.47
N PRO E 539 32.91 7.08 4.24
CA PRO E 539 33.91 8.17 4.11
C PRO E 539 33.44 9.52 4.59
N ASN E 540 32.16 9.86 4.37
CA ASN E 540 31.63 11.16 4.74
C ASN E 540 31.03 11.18 6.14
N PHE E 541 31.32 10.17 6.97
CA PHE E 541 30.73 10.12 8.30
C PHE E 541 31.11 11.34 9.13
N VAL E 542 32.37 11.77 9.03
CA VAL E 542 32.82 12.93 9.81
C VAL E 542 32.00 14.15 9.43
N GLU E 543 31.81 14.36 8.13
CA GLU E 543 30.97 15.46 7.67
C GLU E 543 29.55 15.30 8.18
N ALA E 544 29.06 14.05 8.22
CA ALA E 544 27.68 13.81 8.66
C ALA E 544 27.48 14.24 10.11
N VAL E 545 28.35 13.75 11.01
CA VAL E 545 28.19 14.11 12.41
C VAL E 545 28.51 15.58 12.63
N SER E 546 29.30 16.21 11.76
CA SER E 546 29.61 17.62 11.95
C SER E 546 28.49 18.53 11.46
N LYS E 547 27.69 18.07 10.48
CA LYS E 547 26.62 18.89 9.91
C LYS E 547 25.24 18.61 10.50
N ASP E 548 24.92 17.34 10.81
CA ASP E 548 23.59 16.96 11.23
C ASP E 548 23.44 16.80 12.74
N PHE E 549 24.53 16.90 13.50
CA PHE E 549 24.48 16.84 14.96
C PHE E 549 25.20 18.04 15.56
C1 NAG F . 18.77 5.99 -46.22
C2 NAG F . 20.10 5.94 -46.96
C3 NAG F . 20.51 4.49 -47.24
C4 NAG F . 20.46 3.65 -45.97
C5 NAG F . 19.10 3.82 -45.30
C6 NAG F . 18.99 3.11 -43.97
C7 NAG F . 20.79 7.77 -48.41
C8 NAG F . 20.57 8.46 -49.72
N2 NAG F . 20.03 6.69 -48.20
O3 NAG F . 21.84 4.48 -47.75
O4 NAG F . 20.57 2.28 -46.36
O5 NAG F . 18.87 5.21 -45.04
O6 NAG F . 20.25 2.75 -43.43
O7 NAG F . 21.59 8.17 -47.59
H2 NAG F . 20.87 6.39 -46.32
H3 NAG F . 19.82 4.07 -47.96
H4 NAG F . 21.27 3.94 -45.30
H5 NAG F . 18.39 3.40 -46.00
H61 NAG F . 18.46 3.75 -43.27
H62 NAG F . 18.38 2.21 -44.10
H81 NAG F . 20.79 7.76 -50.53
H82 NAG F . 19.53 8.79 -49.80
H83 NAG F . 21.24 9.32 -49.78
HN2 NAG F . 19.38 6.40 -48.91
HO3 NAG F . 22.11 3.56 -47.93
HO6 NAG F . 20.13 2.30 -42.59
C1 NAG F . 21.72 1.58 -45.83
C2 NAG F . 21.47 0.08 -46.03
C3 NAG F . 22.67 -0.72 -45.52
C4 NAG F . 23.95 -0.24 -46.20
C5 NAG F . 24.10 1.26 -46.02
C6 NAG F . 25.29 1.84 -46.76
C7 NAG F . 19.11 -0.59 -45.98
C8 NAG F . 17.96 -1.02 -45.12
N2 NAG F . 20.25 -0.34 -45.34
O3 NAG F . 22.46 -2.10 -45.76
O4 NAG F . 25.07 -0.91 -45.62
O5 NAG F . 22.94 1.95 -46.51
O6 NAG F . 24.87 2.60 -47.87
O7 NAG F . 19.01 -0.49 -47.20
H2 NAG F . 21.34 -0.11 -47.09
H3 NAG F . 22.77 -0.56 -44.45
H4 NAG F . 23.89 -0.47 -47.26
H5 NAG F . 24.24 1.41 -44.94
H61 NAG F . 25.87 2.46 -46.08
H62 NAG F . 25.93 1.03 -47.08
H81 NAG F . 18.23 -1.93 -44.59
H82 NAG F . 17.75 -0.23 -44.41
H83 NAG F . 17.09 -1.20 -45.75
HN2 NAG F . 20.27 -0.43 -44.33
HO3 NAG F . 23.23 -2.60 -45.44
HO6 NAG F . 25.65 2.96 -48.33
C1 NAG G . -14.78 -10.89 -45.86
C2 NAG G . -14.99 -11.90 -47.02
C3 NAG G . -16.21 -12.75 -46.76
C4 NAG G . -16.16 -13.38 -45.38
C5 NAG G . -15.91 -12.31 -44.32
C6 NAG G . -15.72 -12.91 -42.94
C7 NAG G . -14.58 -11.82 -49.43
C8 NAG G . -14.75 -11.04 -50.70
N2 NAG G . -15.08 -11.27 -48.32
O3 NAG G . -16.30 -13.78 -47.75
O4 NAG G . -17.41 -14.00 -45.11
O5 NAG G . -14.72 -11.58 -44.62
O6 NAG G . -14.91 -14.07 -42.98
O7 NAG G . -14.01 -12.91 -49.42
H2 NAG G . -14.09 -12.53 -47.03
H3 NAG G . -17.10 -12.11 -46.81
H4 NAG G . -15.35 -14.11 -45.35
H5 NAG G . -16.79 -11.67 -44.33
H61 NAG G . -15.27 -12.17 -42.28
H62 NAG G . -16.70 -13.16 -42.52
H81 NAG G . -15.82 -10.89 -50.88
H82 NAG G . -14.26 -10.07 -50.59
H83 NAG G . -14.31 -11.60 -51.52
HN2 NAG G . -15.54 -10.37 -48.40
HO3 NAG G . -17.09 -14.32 -47.59
HO6 NAG G . -14.81 -14.44 -42.09
C1 NAG G . -17.23 -15.40 -44.84
C2 NAG G . -18.52 -15.92 -44.22
C3 NAG G . -18.42 -17.43 -43.98
C4 NAG G . -18.02 -18.15 -45.26
C5 NAG G . -16.75 -17.53 -45.82
C6 NAG G . -16.36 -18.13 -47.16
C7 NAG G . -19.63 -14.15 -42.96
C8 NAG G . -19.85 -13.53 -41.61
N2 NAG G . -18.84 -15.22 -42.99
O3 NAG G . -19.67 -17.92 -43.50
O4 NAG G . -17.79 -19.53 -44.98
O5 NAG G . -16.94 -16.13 -46.05
O6 NAG G . -17.48 -18.23 -48.03
O7 NAG G . -20.15 -13.68 -43.97
H2 NAG G . -19.34 -15.75 -44.93
H3 NAG G . -17.66 -17.61 -43.22
H4 NAG G . -18.84 -18.05 -45.97
H5 NAG G . -15.96 -17.73 -45.10
H61 NAG G . -15.60 -17.51 -47.63
H62 NAG G . -15.92 -19.12 -47.01
H81 NAG G . -20.30 -14.27 -40.95
H82 NAG G . -18.88 -13.22 -41.20
H83 NAG G . -20.49 -12.66 -41.70
HN2 NAG G . -18.44 -15.56 -42.12
HO3 NAG G . -19.61 -18.88 -43.34
HO6 NAG G . -17.20 -18.62 -48.87
C1 NAG H . -39.87 11.27 -29.05
C2 NAG H . -41.31 11.01 -29.43
C3 NAG H . -42.24 11.71 -28.45
C4 NAG H . -41.92 11.33 -27.01
C5 NAG H . -40.42 11.50 -26.73
C6 NAG H . -40.01 10.95 -25.39
C7 NAG H . -42.08 10.58 -31.72
C8 NAG H . -42.31 11.17 -33.07
N2 NAG H . -41.59 11.42 -30.79
O3 NAG H . -43.59 11.37 -28.75
O4 NAG H . -42.65 12.17 -26.13
O5 NAG H . -39.64 10.83 -27.71
O6 NAG H . -39.47 9.64 -25.52
O7 NAG H . -42.31 9.41 -31.47
H2 NAG H . -41.48 9.93 -29.37
H3 NAG H . -42.11 12.79 -28.55
H4 NAG H . -42.18 10.28 -26.87
H5 NAG H . -40.25 12.58 -26.74
H61 NAG H . -39.28 11.60 -24.93
H62 NAG H . -40.88 10.91 -24.72
H81 NAG H . -43.02 11.99 -32.98
H82 NAG H . -41.36 11.55 -33.47
H83 NAG H . -42.70 10.41 -33.73
HN2 NAG H . -41.40 12.38 -31.05
HO3 NAG H . -44.19 11.82 -28.14
HO6 NAG H . -39.21 9.30 -24.65
C1 NAG H . -43.25 11.39 -25.09
C2 NAG H . -43.54 12.33 -23.92
C3 NAG H . -44.23 11.56 -22.79
C4 NAG H . -45.46 10.83 -23.32
C5 NAG H . -45.11 9.99 -24.55
C6 NAG H . -46.34 9.39 -25.21
C7 NAG H . -42.24 14.26 -23.15
C8 NAG H . -40.92 14.74 -22.66
N2 NAG H . -42.32 12.95 -23.43
O3 NAG H . -44.60 12.47 -21.76
O4 NAG H . -45.98 9.97 -22.30
O5 NAG H . -44.47 10.80 -25.54
O6 NAG H . -46.96 10.33 -26.09
O7 NAG H . -43.20 15.02 -23.28
H2 NAG H . -44.21 13.11 -24.26
H3 NAG H . -43.53 10.82 -22.39
H4 NAG H . -46.21 11.57 -23.58
H5 NAG H . -44.48 9.19 -24.19
H61 NAG H . -46.05 8.51 -25.77
H62 NAG H . -47.05 9.08 -24.46
H81 NAG H . -40.66 14.21 -21.74
H82 NAG H . -40.16 14.55 -23.43
H83 NAG H . -40.97 15.81 -22.47
HN2 NAG H . -41.50 12.38 -23.31
HO3 NAG H . -45.04 11.99 -21.05
HO6 NAG H . -47.73 9.92 -26.49
C1 NAG I . -20.87 41.91 -16.63
C2 NAG I . -21.80 43.10 -16.43
C3 NAG I . -21.07 44.20 -15.69
C4 NAG I . -20.49 43.68 -14.38
C5 NAG I . -19.67 42.41 -14.62
C6 NAG I . -19.25 41.73 -13.33
C7 NAG I . -23.60 43.90 -17.88
C8 NAG I . -23.97 44.39 -19.25
N2 NAG I . -22.31 43.59 -17.70
O3 NAG I . -21.98 45.26 -15.42
O4 NAG I . -19.64 44.67 -13.81
O5 NAG I . -20.41 41.44 -15.37
O6 NAG I . -20.23 40.82 -12.89
O7 NAG I . -24.43 43.79 -16.98
H2 NAG I . -22.65 42.76 -15.83
H3 NAG I . -20.24 44.56 -16.30
H4 NAG I . -21.32 43.44 -13.70
H5 NAG I . -18.78 42.75 -15.15
H61 NAG I . -18.30 41.21 -13.48
H62 NAG I . -19.08 42.48 -12.56
H81 NAG I . -23.39 45.29 -19.47
H82 NAG I . -23.73 43.62 -19.98
H83 NAG I . -25.03 44.61 -19.27
HN2 NAG I . -21.67 43.69 -18.48
HO3 NAG I . -21.52 45.97 -14.95
HO6 NAG I . -19.94 40.40 -12.07
C1 NAG I . -19.98 44.91 -12.44
C2 NAG I . -18.96 45.89 -11.88
C3 NAG I . -19.30 46.23 -10.43
C4 NAG I . -20.74 46.73 -10.34
C5 NAG I . -21.69 45.71 -10.96
C6 NAG I . -23.12 46.18 -11.00
C7 NAG I . -16.86 45.47 -13.06
C8 NAG I . -15.49 44.86 -12.99
N2 NAG I . -17.61 45.35 -11.97
O3 NAG I . -18.41 47.22 -9.96
O4 NAG I . -21.10 46.96 -8.98
O5 NAG I . -21.30 45.44 -12.32
O6 NAG I . -23.21 47.59 -10.89
O7 NAG I . -17.25 46.04 -14.07
H2 NAG I . -19.01 46.80 -12.47
H3 NAG I . -19.21 45.33 -9.82
H4 NAG I . -20.81 47.67 -10.88
H5 NAG I . -21.63 44.82 -10.33
H61 NAG I . -23.59 45.87 -11.93
H62 NAG I . -23.69 45.72 -10.19
H81 NAG I . -14.93 45.33 -12.17
H82 NAG I . -15.59 43.79 -12.80
H83 NAG I . -14.97 45.02 -13.93
HN2 NAG I . -17.23 44.85 -11.17
HO3 NAG I . -18.63 47.44 -9.03
HO6 NAG I . -24.14 47.87 -10.92
C1 NAG J . 15.10 38.30 -27.28
C2 NAG J . 15.83 39.64 -27.36
C3 NAG J . 17.33 39.41 -27.50
C4 NAG J . 17.84 38.51 -26.39
C5 NAG J . 17.03 37.23 -26.31
C6 NAG J . 17.37 36.40 -25.11
C7 NAG J . 15.13 41.80 -28.30
C8 NAG J . 14.61 42.51 -29.50
N2 NAG J . 15.34 40.48 -28.44
O3 NAG J . 18.01 40.67 -27.47
O4 NAG J . 19.19 38.16 -26.68
O5 NAG J . 15.62 37.53 -26.20
O6 NAG J . 17.29 37.16 -23.91
O7 NAG J . 15.33 42.37 -27.23
H2 NAG J . 15.65 40.18 -26.43
H3 NAG J . 17.52 38.92 -28.46
H4 NAG J . 17.77 39.05 -25.44
H5 NAG J . 17.25 36.68 -27.23
H61 NAG J . 16.71 35.54 -25.04
H62 NAG J . 18.39 36.00 -25.21
H81 NAG J . 15.34 42.41 -30.31
H82 NAG J . 13.66 42.08 -29.81
H83 NAG J . 14.48 43.57 -29.26
HN2 NAG J . 15.15 40.05 -29.34
HO3 NAG J . 18.96 40.52 -27.56
HO6 NAG J . 17.52 36.60 -23.15
C1 NAG J . 20.08 38.55 -25.61
C2 NAG J . 21.40 37.81 -25.82
C3 NAG J . 22.40 38.21 -24.74
C4 NAG J . 22.54 39.72 -24.66
C5 NAG J . 21.16 40.37 -24.53
C6 NAG J . 21.22 41.89 -24.59
C7 NAG J . 21.31 35.64 -26.94
C8 NAG J . 21.07 34.16 -26.77
N2 NAG J . 21.21 36.38 -25.83
O3 NAG J . 23.67 37.63 -25.02
O4 NAG J . 23.34 40.09 -23.55
O5 NAG J . 20.30 39.95 -25.60
O6 NAG J . 22.14 42.33 -25.58
O7 NAG J . 21.58 36.12 -28.03
H2 NAG J . 21.80 38.10 -26.79
H3 NAG J . 22.04 37.85 -23.78
H4 NAG J . 23.01 40.08 -25.59
H5 NAG J . 20.78 40.07 -23.55
H61 NAG J . 20.23 42.28 -24.81
H62 NAG J . 21.51 42.28 -23.61
H81 NAG J . 21.80 33.76 -26.06
H82 NAG J . 20.06 34.01 -26.39
H83 NAG J . 21.19 33.67 -27.74
HN2 NAG J . 20.97 35.90 -24.96
HO3 NAG J . 24.31 37.87 -24.34
HO6 NAG J . 22.15 43.31 -25.59
C1 NAG K . 17.87 13.91 -58.57
C2 NAG K . 18.27 12.86 -59.60
C3 NAG K . 19.70 13.11 -60.08
C4 NAG K . 19.85 14.53 -60.56
C5 NAG K . 19.44 15.51 -59.47
C6 NAG K . 19.47 16.94 -59.94
C7 NAG K . 19.08 10.63 -58.96
C8 NAG K . 19.06 9.52 -59.97
N2 NAG K . 18.10 11.52 -59.05
O3 NAG K . 20.05 12.20 -61.11
O4 NAG K . 21.21 14.78 -60.90
O5 NAG K . 18.08 15.22 -59.07
O6 NAG K . 18.80 17.81 -59.04
O7 NAG K . 19.94 10.70 -58.10
H2 NAG K . 17.67 12.94 -60.38
H3 NAG K . 20.32 12.98 -59.30
H4 NAG K . 19.28 14.68 -61.37
H5 NAG K . 20.03 15.39 -58.70
H61 NAG K . 20.40 17.22 -60.04
H62 NAG K . 19.04 17.00 -60.82
H81 NAG K . 19.89 9.53 -60.48
H82 NAG K . 18.97 8.66 -59.52
H83 NAG K . 18.31 9.64 -60.57
HN2 NAG K . 17.30 11.29 -58.78
HO3 NAG K . 20.83 12.37 -61.35
HO4 NAG K . 21.69 14.66 -60.23
HO6 NAG K . 19.13 17.71 -58.26
C1 NAG L . 3.14 -7.02 -58.17
C2 NAG L . 3.42 -7.15 -59.67
C3 NAG L . 2.82 -8.44 -60.21
C4 NAG L . 3.27 -9.64 -59.38
C5 NAG L . 2.97 -9.38 -57.91
C6 NAG L . 3.48 -10.47 -56.99
C7 NAG L . 3.57 -4.86 -60.54
C8 NAG L . 2.88 -3.77 -61.30
N2 NAG L . 2.88 -6.00 -60.39
O3 NAG L . 3.21 -8.62 -61.57
O4 NAG L . 2.55 -10.80 -59.78
O5 NAG L . 3.62 -8.17 -57.50
O6 NAG L . 2.53 -10.78 -55.98
O7 NAG L . 4.70 -4.71 -60.08
H2 NAG L . 4.49 -7.18 -59.81
H3 NAG L . 1.73 -8.38 -60.15
H4 NAG L . 4.34 -9.78 -59.53
H5 NAG L . 1.89 -9.33 -57.83
H61 NAG L . 3.68 -11.37 -57.58
H62 NAG L . 4.41 -10.17 -56.54
H81 NAG L . 2.66 -4.13 -62.31
H82 NAG L . 1.96 -3.51 -60.79
H83 NAG L . 3.54 -2.91 -61.35
HN2 NAG L . 1.96 -6.07 -60.81
HO3 NAG L . 2.83 -9.45 -61.91
HO4 NAG L . 2.84 -11.56 -59.25
HO6 NAG L . 2.88 -11.48 -55.40
C1 EPJ M . -6.00 -10.16 -34.57
C2 EPJ M . -5.44 -11.46 -35.22
C3 EPJ M . -4.05 -11.54 -34.60
C4 EPJ M . -4.18 -11.90 -33.12
C5 EPJ M . -4.65 -10.61 -32.49
C6 EPJ M . -4.79 -9.69 -33.72
N1 EPJ M . -3.65 -10.14 -34.54
C7 EPJ M . -6.59 -9.12 -35.47
C8 EPJ M . -7.29 -9.44 -36.63
C9 EPJ M . -8.00 -8.48 -37.32
C10 EPJ M . -7.98 -7.21 -36.82
CL EPJ M . -8.93 -5.97 -37.59
N2 EPJ M . -7.32 -6.83 -35.74
C11 EPJ M . -6.64 -7.79 -35.09
H1 EPJ M . -6.89 -10.37 -33.99
H2C1 EPJ M . -5.39 -11.37 -36.30
H2C2 EPJ M . -6.05 -12.32 -34.99
H3 EPJ M . -3.41 -12.24 -35.13
H4C1 EPJ M . -3.23 -12.24 -32.72
H4C2 EPJ M . -4.89 -12.72 -32.98
H5C1 EPJ M . -5.60 -10.73 -31.96
H5C2 EPJ M . -3.94 -10.22 -31.77
H6 EPJ M . -4.86 -8.64 -33.44
HA EPJ M . -2.86 -9.64 -34.93
H8 EPJ M . -7.28 -10.46 -36.98
H9 EPJ M . -8.56 -8.73 -38.22
H11 EPJ M . -6.10 -7.49 -34.21
C01 I34 N . 2.33 -17.82 10.70
C03 I34 N . 2.86 -19.49 9.07
C04 I34 N . 2.57 -18.63 8.02
C05 I34 N . 2.69 -19.08 6.71
C07 I34 N . 1.55 -17.24 5.71
C08 I34 N . 3.10 -20.38 6.44
C10 I34 N . 3.55 -21.95 4.57
C13 I34 N . 4.11 -23.02 2.38
C14 I34 N . 4.53 -24.29 2.78
C15 I34 N . 4.89 -24.91 1.66
C16 I34 N . 5.43 -26.26 1.34
C19 I34 N . 3.40 -21.23 7.50
C20 I34 N . 3.28 -20.78 8.79
N09 I34 N . 3.22 -20.73 5.08
N12 I34 N . 3.69 -21.96 3.19
N18 I34 N . 4.19 -22.86 1.09
O02 I34 N . 2.78 -19.13 10.39
O06 I34 N . 2.49 -18.30 5.61
O11 I34 N . 3.68 -22.96 5.24
O17 I34 N . 4.68 -24.10 0.60
CL1 I34 N . 3.68 -21.85 10.10
H1 I34 N . 2.32 -17.69 11.78
H2 I34 N . 3.01 -17.10 10.25
H3 I34 N . 1.32 -17.68 10.29
H4 I34 N . 2.23 -17.62 8.22
H5 I34 N . 1.50 -16.72 4.76
H6 I34 N . 0.57 -17.66 5.94
H7 I34 N . 1.86 -16.56 6.49
H8 I34 N . 4.58 -24.69 3.79
H9 I34 N . 5.57 -26.35 0.27
H10 I34 N . 6.39 -26.38 1.85
H11 I34 N . 4.73 -27.01 1.69
H12 I34 N . 3.72 -22.25 7.31
H13 I34 N . 3.05 -19.98 4.41
H14 I34 N . 3.45 -21.11 2.71
CA CA O . -4.66 -14.53 -8.60
C1 NAG P . -15.30 -6.52 -61.31
C2 NAG P . -16.74 -6.96 -61.63
C3 NAG P . -16.76 -7.96 -62.79
C4 NAG P . -16.01 -7.40 -63.99
C5 NAG P . -14.59 -7.04 -63.57
C6 NAG P . -13.78 -6.43 -64.69
C7 NAG P . -18.72 -7.43 -60.25
C8 NAG P . -19.23 -8.07 -59.00
N2 NAG P . -17.40 -7.53 -60.47
O3 NAG P . -18.11 -8.24 -63.15
O4 NAG P . -15.94 -8.38 -65.02
O5 NAG P . -14.65 -6.06 -62.52
O6 NAG P . -14.54 -5.52 -65.46
O7 NAG P . -19.47 -6.85 -61.04
H2 NAG P . -17.29 -6.07 -61.93
H3 NAG P . -16.27 -8.87 -62.47
H4 NAG P . -16.52 -6.53 -64.36
H5 NAG P . -14.11 -7.96 -63.25
H61 NAG P . -12.91 -5.91 -64.27
H62 NAG P . -13.39 -7.21 -65.33
H81 NAG P . -19.00 -9.13 -59.02
H82 NAG P . -18.74 -7.60 -58.15
H83 NAG P . -20.31 -7.93 -58.94
HN2 NAG P . -16.84 -8.02 -59.78
HO3 NAG P . -18.12 -8.87 -63.88
HO4 NAG P . -15.46 -8.03 -65.79
HO6 NAG P . -13.99 -5.15 -66.17
C1 NAG Q . -36.92 -2.13 -46.67
C2 NAG Q . -37.54 -2.30 -48.05
C3 NAG Q . -39.05 -2.14 -47.99
C4 NAG Q . -39.66 -3.07 -46.94
C5 NAG Q . -38.97 -2.87 -45.60
C6 NAG Q . -39.41 -3.85 -44.55
C7 NAG Q . -35.83 -1.61 -49.67
C8 NAG Q . -35.39 -0.52 -50.61
N2 NAG Q . -36.96 -1.36 -49.00
O3 NAG Q . -39.61 -2.43 -49.27
O4 NAG Q . -41.05 -2.80 -46.80
O5 NAG Q . -37.55 -3.04 -45.74
O6 NAG Q . -38.60 -3.77 -43.38
O7 NAG Q . -35.21 -2.65 -49.55
H2 NAG Q . -37.30 -3.31 -48.40
H3 NAG Q . -39.28 -1.12 -47.71
H4 NAG Q . -39.52 -4.10 -47.27
H5 NAG Q . -39.23 -1.86 -45.27
H61 NAG Q . -40.45 -3.65 -44.28
H62 NAG Q . -39.37 -4.87 -44.95
H81 NAG Q . -36.17 -0.34 -51.35
H82 NAG Q . -35.21 0.39 -50.04
H83 NAG Q . -34.47 -0.84 -51.10
HN2 NAG Q . -37.44 -0.48 -49.14
HO3 NAG Q . -40.57 -2.33 -49.23
HO6 NAG Q . -38.91 -4.42 -42.72
C1 EPJ R . -29.02 2.98 -22.09
C2 EPJ R . -30.01 1.87 -22.55
C3 EPJ R . -29.19 0.61 -22.32
C4 EPJ R . -29.02 0.37 -20.83
C5 EPJ R . -27.99 1.42 -20.42
C6 EPJ R . -27.76 2.16 -21.74
N1 EPJ R . -27.83 1.05 -22.71
C7 EPJ R . -28.84 4.16 -23.03
C8 EPJ R . -29.88 4.63 -23.82
C9 EPJ R . -29.72 5.75 -24.61
C10 EPJ R . -28.49 6.36 -24.57
CL EPJ R . -28.22 7.79 -25.53
N2 EPJ R . -27.46 5.97 -23.84
C11 EPJ R . -27.65 4.88 -23.09
H1 EPJ R . -29.39 3.56 -21.25
H2C1 EPJ R . -30.31 2.00 -23.58
H2C2 EPJ R . -30.92 1.88 -21.95
H3 EPJ R . -29.61 -0.25 -22.83
H4C1 EPJ R . -28.68 -0.64 -20.62
H4C2 EPJ R . -29.97 0.50 -20.31
H5C1 EPJ R . -28.37 2.07 -19.64
H5C2 EPJ R . -27.08 0.96 -20.04
H6 EPJ R . -26.86 2.78 -21.72
HA EPJ R . -27.19 0.71 -23.41
H8 EPJ R . -30.82 4.11 -23.82
H9 EPJ R . -30.52 6.13 -25.23
H11 EPJ R . -26.82 4.52 -22.49
C01 I34 S . -6.69 -10.22 15.54
C03 I34 S . -8.60 -11.59 15.10
C04 I34 S . -8.85 -10.93 13.90
C05 I34 S . -9.93 -11.32 13.12
C07 I34 S . -9.85 -9.44 11.65
C08 I34 S . -10.78 -12.33 13.54
C10 I34 S . -12.84 -13.58 12.87
C13 I34 S . -14.71 -14.68 11.64
C14 I34 S . -15.11 -15.67 12.56
C15 I34 S . -16.09 -16.33 11.95
C16 I34 S . -16.95 -17.49 12.32
C19 I34 S . -10.53 -12.98 14.74
C20 I34 S . -9.45 -12.61 15.50
N09 I34 S . -11.84 -12.66 12.65
N12 I34 S . -13.68 -13.76 11.78
N18 I34 S . -15.42 -14.72 10.55
O02 I34 S . -7.56 -11.29 15.93
O06 I34 S . -10.22 -10.80 11.89
O11 I34 S . -13.01 -14.19 13.92
O17 I34 S . -16.33 -15.78 10.74
CL1 I34 S . -9.14 -13.44 16.99
H1 I34 S . -5.91 -10.11 16.30
H2 I34 S . -6.24 -10.47 14.58
H3 I34 S . -7.27 -9.30 15.46
H4 I34 S . -8.21 -10.13 13.57
H5 I34 S . -10.15 -9.18 10.63
H6 I34 S . -10.37 -8.81 12.35
H7 I34 S . -8.78 -9.34 11.76
H8 I34 S . -14.70 -15.87 13.54
H9 I34 S . -17.64 -17.69 11.50
H10 I34 S . -16.32 -18.35 12.49
H11 I34 S . -17.50 -17.25 13.22
H12 I34 S . -11.19 -13.77 15.08
H13 I34 S . -11.86 -12.17 11.77
H14 I34 S . -13.53 -13.13 11.00
CA CA T . -14.78 -0.31 2.65
C1 NAG U . -44.59 15.73 -42.22
C2 NAG U . -44.63 17.21 -41.81
C3 NAG U . -45.96 17.84 -42.22
C4 NAG U . -46.27 17.54 -43.69
C5 NAG U . -46.18 16.05 -43.94
C6 NAG U . -46.41 15.67 -45.39
C7 NAG U . -44.13 18.51 -39.79
C8 NAG U . -43.97 18.48 -38.30
N2 NAG U . -44.42 17.35 -40.38
O3 NAG U . -45.91 19.25 -42.02
O4 NAG U . -47.58 17.99 -44.01
O5 NAG U . -44.86 15.61 -43.60
O6 NAG U . -45.28 16.00 -46.19
O7 NAG U . -44.02 19.55 -40.43
H2 NAG U . -43.81 17.73 -42.32
H3 NAG U . -46.74 17.41 -41.61
H4 NAG U . -45.54 18.06 -44.32
H5 NAG U . -46.96 15.58 -43.34
H61 NAG U . -46.60 14.60 -45.45
H62 NAG U . -47.28 16.18 -45.77
H81 NAG U . -44.90 18.12 -37.85
H82 NAG U . -43.16 17.80 -38.05
H83 NAG U . -43.75 19.48 -37.94
HN2 NAG U . -44.50 16.52 -39.80
HO3 NAG U . -46.75 19.64 -42.29
HO4 NAG U . -47.77 17.81 -44.94
HO6 NAG U . -45.45 15.74 -47.11
C1 NAG V . -40.00 34.57 -25.25
C2 NAG V . -41.10 35.30 -26.03
C3 NAG V . -41.43 36.64 -25.36
C4 NAG V . -41.70 36.45 -23.88
C5 NAG V . -40.53 35.73 -23.24
C6 NAG V . -40.72 35.46 -21.76
C7 NAG V . -41.24 34.81 -28.43
C8 NAG V . -40.72 35.14 -29.80
N2 NAG V . -40.70 35.50 -27.41
O3 NAG V . -42.56 37.22 -26.00
O4 NAG V . -41.88 37.71 -23.25
O5 NAG V . -40.37 34.46 -23.87
O6 NAG V . -40.24 34.17 -21.41
O7 NAG V . -42.09 33.94 -28.25
H2 NAG V . -41.99 34.68 -26.01
H3 NAG V . -40.57 37.31 -25.47
H4 NAG V . -42.61 35.86 -23.76
H5 NAG V . -39.66 36.38 -23.36
H61 NAG V . -40.22 36.22 -21.18
H62 NAG V . -41.78 35.53 -21.52
H81 NAG V . -40.92 36.19 -30.00
H82 NAG V . -39.65 34.96 -29.82
H83 NAG V . -41.23 34.51 -30.52
HN2 NAG V . -40.01 36.20 -27.62
HO3 NAG V . -42.78 38.06 -25.57
HO6 NAG V . -40.39 34.02 -20.46
C1 EPJ W . -20.15 28.48 -10.35
C2 EPJ W . -21.63 28.72 -9.95
C3 EPJ W . -22.06 27.31 -9.53
C4 EPJ W . -21.43 26.97 -8.20
C5 EPJ W . -19.97 26.72 -8.56
C6 EPJ W . -19.98 26.97 -10.08
N1 EPJ W . -21.31 26.46 -10.46
C7 EPJ W . -19.76 28.95 -11.74
C8 EPJ W . -20.27 30.12 -12.28
C9 EPJ W . -19.89 30.55 -13.54
C10 EPJ W . -18.99 29.75 -14.22
CL EPJ W . -18.47 30.23 -15.81
N2 EPJ W . -18.48 28.62 -13.77
C11 EPJ W . -18.87 28.25 -12.54
H1 EPJ W . -19.46 29.09 -9.78
H2C1 EPJ W . -22.22 29.09 -10.78
H2C2 EPJ W . -21.72 29.44 -9.14
H3 EPJ W . -23.15 27.21 -9.50
H4C1 EPJ W . -21.89 26.09 -7.74
H4C2 EPJ W . -21.53 27.78 -7.48
H5C1 EPJ W . -19.29 27.40 -8.05
H5C2 EPJ W . -19.64 25.71 -8.32
H6 EPJ W . -19.10 26.55 -10.57
HA EPJ W . -21.61 25.75 -11.13
H8 EPJ W . -20.97 30.71 -11.71
H9 EPJ W . -20.28 31.46 -13.97
H11 EPJ W . -18.46 27.32 -12.15
C01 I34 X . -1.18 0.22 19.69
C03 I34 X . -3.09 1.33 20.55
C04 I34 X . -3.37 1.93 19.34
C05 I34 X . -4.46 2.77 19.20
C07 I34 X . -3.86 3.65 17.06
C08 I34 X . -5.28 3.05 20.29
C10 I34 X . -7.29 4.35 20.96
C13 I34 X . -9.45 5.60 21.04
C14 I34 X . -9.82 5.44 22.39
C15 I34 X . -10.99 6.06 22.51
C16 I34 X . -11.95 6.27 23.62
C19 I34 X . -5.01 2.45 21.51
C20 I34 X . -3.93 1.60 21.63
N09 I34 X . -6.38 3.89 20.05
N12 I34 X . -8.33 5.09 20.42
N18 I34 X . -10.34 6.29 20.38
O02 I34 X . -2.05 0.49 20.78
O06 I34 X . -4.86 3.35 18.02
O11 I34 X . -7.21 4.15 22.17
O17 I34 X . -11.35 6.60 21.32
CL1 I34 X . -3.62 0.85 23.16
H1 I34 X . -0.39 -0.47 20.02
H2 I34 X . -1.75 -0.23 18.88
H3 I34 X . -0.73 1.16 19.36
H4 I34 X . -2.72 1.74 18.48
H5 I34 X . -4.33 4.10 16.19
H6 I34 X . -3.14 4.35 17.50
H7 I34 X . -3.34 2.73 16.78
H8 I34 X . -9.28 4.93 23.17
H9 I34 X . -12.80 6.86 23.26
H10 I34 X . -12.29 5.31 23.99
H11 I34 X . -11.45 6.81 24.42
H12 I34 X . -5.64 2.65 22.37
H13 I34 X . -6.52 4.19 19.08
H14 I34 X . -8.25 5.30 19.42
CA CA Y . -4.47 12.56 8.54
C1 NAG Z . -27.46 48.92 -29.09
C2 NAG Z . -26.65 50.24 -29.18
C3 NAG Z . -27.48 51.44 -28.71
C4 NAG Z . -28.85 51.48 -29.37
C5 NAG Z . -29.55 50.16 -29.11
C6 NAG Z . -30.93 50.09 -29.75
C7 NAG Z . -24.46 51.06 -28.44
C8 NAG Z . -23.28 50.81 -27.55
N2 NAG Z . -25.42 50.14 -28.40
O3 NAG Z . -26.80 52.65 -29.00
O4 NAG Z . -29.63 52.53 -28.83
O5 NAG Z . -28.77 49.11 -29.69
O6 NAG Z . -30.95 49.13 -30.81
O7 NAG Z . -24.54 52.06 -29.14
H2 NAG Z . -26.39 50.39 -30.23
H3 NAG Z . -27.61 51.33 -27.63
H4 NAG Z . -28.72 51.63 -30.44
H5 NAG Z . -29.67 50.07 -28.04
H61 NAG Z . -31.67 49.82 -29.00
H62 NAG Z . -31.20 51.07 -30.14
H81 NAG Z . -23.62 50.74 -26.52
H82 NAG Z . -22.80 49.87 -27.84
H83 NAG Z . -22.56 51.62 -27.66
HN2 NAG Z . -25.29 49.32 -27.81
HO3 NAG Z . -27.34 53.40 -28.69
HO4 NAG Z . -30.49 52.55 -29.25
HO6 NAG Z . -31.84 49.10 -31.20
C1 NAG AA . -2.12 53.16 -25.58
C2 NAG AA . -2.39 54.47 -26.32
C3 NAG AA . -1.10 55.27 -26.46
C4 NAG AA . -0.42 55.44 -25.12
C5 NAG AA . -0.25 54.09 -24.42
C6 NAG AA . 0.29 54.21 -23.01
C7 NAG AA . -4.08 54.88 -28.06
C8 NAG AA . -4.56 54.49 -29.42
N2 NAG AA . -2.99 54.23 -27.62
O3 NAG AA . -1.39 56.54 -27.04
O4 NAG AA . 0.86 56.05 -25.29
O5 NAG AA . -1.51 53.43 -24.33
O6 NAG AA . 0.08 53.01 -22.28
O7 NAG AA . -4.64 55.72 -27.38
H2 NAG AA . -3.10 55.05 -25.73
H3 NAG AA . -0.42 54.72 -27.12
H4 NAG AA . -1.05 56.09 -24.50
H5 NAG AA . 0.47 53.55 -25.03
H61 NAG AA . 1.34 54.44 -23.05
H62 NAG AA . -0.21 55.04 -22.51
H81 NAG AA . -3.77 54.69 -30.15
H82 NAG AA . -4.81 53.43 -29.44
H83 NAG AA . -5.44 55.09 -29.66
HN2 NAG AA . -2.57 53.53 -28.23
HO3 NAG AA . -0.56 57.04 -27.13
HO6 NAG AA . 0.43 53.12 -21.39
C1 EPJ BA . 8.91 31.46 -16.50
C2 EPJ BA . 8.80 32.86 -15.85
C3 EPJ BA . 7.88 32.59 -14.66
C4 EPJ BA . 8.65 31.83 -13.60
C5 EPJ BA . 8.79 30.44 -14.20
C6 EPJ BA . 8.06 30.60 -15.54
N1 EPJ BA . 6.99 31.56 -15.18
C7 EPJ BA . 8.57 31.39 -17.98
C8 EPJ BA . 8.99 32.37 -18.86
C9 EPJ BA . 8.69 32.27 -20.20
C10 EPJ BA . 7.98 31.18 -20.62
CL EPJ BA . 7.60 30.99 -22.30
N2 EPJ BA . 7.54 30.22 -19.82
C11 EPJ BA . 7.84 30.34 -18.51
H1 EPJ BA . 9.94 31.09 -16.58
H2C1 EPJ BA . 8.38 33.60 -16.53
H2C2 EPJ BA . 9.77 33.25 -15.54
H3 EPJ BA . 7.45 33.51 -14.26
H4C1 EPJ BA . 8.13 31.81 -12.64
H4C2 EPJ BA . 9.63 32.28 -13.41
H5C1 EPJ BA . 9.83 30.15 -14.35
H5C2 EPJ BA . 8.34 29.67 -13.58
H6 EPJ BA . 7.78 29.64 -15.97
HA EPJ BA . 5.97 31.51 -15.27
H8 EPJ BA . 9.54 33.23 -18.49
H9 EPJ BA . 9.01 33.04 -20.91
H11 EPJ BA . 7.50 29.56 -17.85
C01 I34 CA . 11.62 -0.34 16.85
C03 I34 CA . 12.16 1.87 17.55
C04 I34 CA . 11.81 2.41 16.32
C05 I34 CA . 11.93 3.77 16.09
C07 I34 CA . 11.63 3.67 13.73
C08 I34 CA . 12.41 4.62 17.09
C10 I34 CA . 12.94 7.00 17.56
C13 I34 CA . 13.06 9.49 17.62
C14 I34 CA . 13.55 9.73 18.92
C15 I34 CA . 13.62 11.06 19.01
C16 I34 CA . 14.01 11.99 20.10
C19 I34 CA . 12.76 4.08 18.33
C20 I34 CA . 12.63 2.72 18.54
N09 I34 CA . 12.46 5.99 16.77
N12 I34 CA . 12.79 8.26 17.03
N18 I34 CA . 12.85 10.60 16.96
O02 I34 CA . 12.07 0.55 17.86
O06 I34 CA . 11.54 4.40 14.95
O11 I34 CA . 13.51 6.83 18.64
O17 I34 CA . 13.21 11.63 17.87
CL1 I34 CA . 13.05 2.07 20.09
H1 I34 CA . 11.60 -1.35 17.25
H2 I34 CA . 10.61 -0.05 16.54
H3 I34 CA . 12.29 -0.29 16.00
H4 I34 CA . 11.46 1.76 15.53
H5 I34 CA . 11.29 4.31 12.92
H6 I34 CA . 12.66 3.38 13.56
H7 I34 CA . 10.99 2.79 13.80
H8 I34 CA . 13.82 9.00 19.66
H9 I34 CA . 13.91 13.01 19.75
H10 I34 CA . 13.37 11.82 20.96
H11 I34 CA . 15.05 11.80 20.38
H12 I34 CA . 13.14 4.72 19.11
H13 I34 CA . 12.10 6.26 15.87
H14 I34 CA . 12.42 8.30 16.07
C1 NAG DA . 11.06 48.41 -38.89
C2 NAG DA . 12.25 47.96 -39.75
C3 NAG DA . 13.37 48.99 -39.68
C4 NAG DA . 12.85 50.38 -40.01
C5 NAG DA . 11.69 50.71 -39.08
C6 NAG DA . 11.04 52.04 -39.39
C7 NAG DA . 12.73 45.60 -40.20
C8 NAG DA . 11.55 44.68 -40.06
N2 NAG DA . 12.73 46.65 -39.38
O3 NAG DA . 14.41 48.61 -40.57
O4 NAG DA . 13.90 51.33 -39.81
O5 NAG DA . 10.65 49.71 -39.27
O6 NAG DA . 10.19 51.95 -40.52
O7 NAG DA . 13.62 45.40 -41.00
H2 NAG DA . 11.94 47.91 -40.69
H3 NAG DA . 13.72 48.99 -38.75
H4 NAG DA . 12.55 50.41 -40.95
H5 NAG DA . 11.99 50.69 -38.15
H61 NAG DA . 10.52 52.33 -38.61
H62 NAG DA . 11.74 52.71 -39.54
H81 NAG DA . 10.73 45.14 -40.30
H82 NAG DA . 11.67 43.91 -40.65
H83 NAG DA . 11.49 44.37 -39.14
HN2 NAG DA . 13.05 46.55 -38.56
HO3 NAG DA . 14.08 48.56 -41.35
HO4 NAG DA . 14.14 51.31 -39.01
HO6 NAG DA . 10.63 51.70 -41.19
C1 NAG EA . 24.97 27.08 -45.71
C2 NAG EA . 25.44 28.09 -46.73
C3 NAG EA . 26.55 27.49 -47.60
C4 NAG EA . 27.60 26.73 -46.77
C5 NAG EA . 27.00 25.95 -45.59
C6 NAG EA . 28.03 25.55 -44.57
C7 NAG EA . 24.15 29.82 -47.90
C8 NAG EA . 22.96 30.09 -48.77
N2 NAG EA . 24.34 28.54 -47.57
O3 NAG EA . 27.18 28.53 -48.33
O4 NAG EA . 28.33 25.84 -47.60
O5 NAG EA . 26.01 26.73 -44.90
O6 NAG EA . 27.44 25.28 -43.30
O7 NAG EA . 24.88 30.71 -47.49
H2 NAG EA . 25.84 28.95 -46.20
H3 NAG EA . 26.09 26.77 -48.27
H4 NAG EA . 28.25 27.50 -46.34
H5 NAG EA . 26.57 25.06 -46.04
H61 NAG EA . 28.57 24.67 -44.91
H62 NAG EA . 28.77 26.35 -44.46
H81 NAG EA . 23.07 29.55 -49.71
H82 NAG EA . 22.05 29.77 -48.26
H83 NAG EA . 22.90 31.17 -48.96
HN2 NAG EA . 23.69 27.84 -47.93
HO3 NAG EA . 27.89 28.15 -48.88
HO6 NAG EA . 28.13 25.03 -42.67
C1 EPJ FA . 17.56 7.46 -31.22
C2 EPJ FA . 19.06 7.81 -31.46
C3 EPJ FA . 19.41 8.51 -30.14
C4 EPJ FA . 19.42 7.50 -29.01
C5 EPJ FA . 17.93 7.27 -28.74
C6 EPJ FA . 17.28 8.11 -29.85
N1 EPJ FA . 18.19 9.28 -29.88
C7 EPJ FA . 16.60 7.79 -32.35
C8 EPJ FA . 17.01 7.77 -33.67
C9 EPJ FA . 16.10 8.00 -34.69
C10 EPJ FA . 14.80 8.26 -34.32
CL EPJ FA . 13.60 8.52 -35.55
N2 EPJ FA . 14.36 8.31 -33.08
C11 EPJ FA . 15.27 8.08 -32.12
H1 EPJ FA . 17.38 6.38 -31.22
H2C1 EPJ FA . 19.20 8.46 -32.32
H2C2 EPJ FA . 19.67 6.92 -31.63
H3 EPJ FA . 20.36 9.05 -30.21
H4C1 EPJ FA . 19.93 7.88 -28.14
H4C2 EPJ FA . 19.92 6.57 -29.31
H5C1 EPJ FA . 17.66 6.22 -28.82
H5C2 EPJ FA . 17.64 7.60 -27.75
H6 EPJ FA . 16.22 8.27 -29.68
HA EPJ FA . 18.03 10.28 -29.77
H8 EPJ FA . 18.04 7.55 -33.92
H9 EPJ FA . 16.40 7.97 -35.73
H11 EPJ FA . 14.93 8.12 -31.08
C01 I34 GA . 12.90 -10.87 10.34
C03 I34 GA . 15.18 -10.54 9.74
C04 I34 GA . 14.84 -9.90 8.56
C05 I34 GA . 15.83 -9.44 7.71
C07 I34 GA . 14.38 -8.98 5.86
C08 I34 GA . 17.17 -9.62 8.02
C10 I34 GA . 19.47 -9.20 7.15
C13 I34 GA . 21.49 -8.31 6.00
C14 I34 GA . 22.53 -8.78 6.84
C15 I34 GA . 23.65 -8.31 6.29
C16 I34 GA . 25.09 -8.40 6.66
C19 I34 GA . 17.51 -10.27 9.19
C20 I34 GA . 16.52 -10.72 10.05
N09 I34 GA . 18.10 -9.09 7.10
N12 I34 GA . 20.12 -8.49 6.16
N18 I34 GA . 21.96 -7.61 4.99
O02 I34 GA . 14.28 -11.02 10.65
O06 I34 GA . 15.60 -8.72 6.57
O11 I34 GA . 20.08 -9.88 7.96
O17 I34 GA . 23.36 -7.60 5.18
CL1 I34 GA . 16.97 -11.51 11.52
H1 I34 GA . 12.30 -11.30 11.15
H2 I34 GA . 12.67 -9.81 10.24
H3 I34 GA . 12.69 -11.39 9.42
H4 I34 GA . 13.79 -9.76 8.31
H5 I34 GA . 14.35 -8.34 4.98
H6 I34 GA . 14.36 -10.02 5.56
H7 I34 GA . 13.54 -8.76 6.52
H8 I34 GA . 22.43 -9.39 7.72
H9 I34 GA . 25.68 -7.86 5.91
H10 I34 GA . 25.23 -7.96 7.64
H11 I34 GA . 25.38 -9.45 6.67
H12 I34 GA . 18.56 -10.43 9.45
H13 I34 GA . 17.72 -8.58 6.32
H14 I34 GA . 19.53 -8.06 5.45
#